data_9JN0
#
_entry.id   9JN0
#
_cell.length_a   1.00
_cell.length_b   1.00
_cell.length_c   1.00
_cell.angle_alpha   90.00
_cell.angle_beta   90.00
_cell.angle_gamma   90.00
#
_symmetry.space_group_name_H-M   'P 1'
#
loop_
_entity.id
_entity.type
_entity.pdbx_description
1 polymer Hemagglutinin
2 branched 2-acetamido-2-deoxy-beta-D-glucopyranose-(1-4)-2-acetamido-2-deoxy-beta-D-glucopyranose
3 branched 'N-acetyl-alpha-neuraminic acid-(2-6)-beta-D-galactopyranose-(1-4)-2-acetamido-2-deoxy-beta-D-glucopyranose'
4 non-polymer 2-acetamido-2-deoxy-beta-D-glucopyranose
#
_entity_poly.entity_id   1
_entity_poly.type   'polypeptide(L)'
_entity_poly.pdbx_seq_one_letter_code
;DQICIGYHANNSTEQVDTIMEKNVTVTHAQDILEKTHNGKLCDLNGVKPLILKDCSVAGWLLGNPMCDEFIRVPEWSYIV
ERANPANDLCYPGSLNDYEELKHMLSRINHFEKIQIIPKSSWPNHETSLGVSAACPYQGAPSFFRNVVWLIKKNDAYPTI
KISYNNTNREDLLILWGIHHSNNAEEQTNLYKNPITYISVGTSTLNQRLAPKIATRSQVNGQRGRMDFFWTILKPDDAIH
FESNGNFIAPEYAYKIVKKGDSTIMKSGVEYGHCNTKCQTPVGAINSSMPFHNIHPLTIGECPKYVKSNKLVLATGLRNS
PLREKRRKRGLFGAIAGFIEGGWQGMVDGWYGYHHSNEQGSGYAADKESTQKAIDGVTNKVNSIIDKMNTQFEAVGREFN
NLERRIENLNKKMEDGFLDVWTYNAELLVLMENERTLDFHDSNVKNLYDKVRLQLRDNAKELGNGCFEFYHKCDNECMES
VRNGTYDYPQYSEEARLKREEISGVK
;
_entity_poly.pdbx_strand_id   A,B,C
#
# COMPACT_ATOMS: atom_id res chain seq x y z
N ASP A 1 -32.14 -57.58 -4.29
CA ASP A 1 -32.35 -57.80 -5.71
C ASP A 1 -31.74 -56.65 -6.52
N GLN A 2 -31.45 -55.55 -5.84
CA GLN A 2 -30.80 -54.41 -6.48
C GLN A 2 -29.97 -53.67 -5.45
N ILE A 3 -28.97 -52.93 -5.95
CA ILE A 3 -28.09 -52.12 -5.12
C ILE A 3 -27.97 -50.74 -5.75
N CYS A 4 -27.95 -49.71 -4.92
CA CYS A 4 -27.96 -48.33 -5.39
C CYS A 4 -26.92 -47.51 -4.64
N ILE A 5 -26.52 -46.41 -5.26
CA ILE A 5 -25.55 -45.48 -4.68
C ILE A 5 -26.26 -44.15 -4.42
N GLY A 6 -25.78 -43.43 -3.42
CA GLY A 6 -26.37 -42.14 -3.08
C GLY A 6 -25.50 -41.41 -2.09
N TYR A 7 -25.98 -40.24 -1.68
CA TYR A 7 -25.24 -39.40 -0.74
C TYR A 7 -26.19 -38.83 0.30
N HIS A 8 -25.61 -38.30 1.37
CA HIS A 8 -26.37 -37.76 2.47
C HIS A 8 -27.12 -36.50 2.06
N ALA A 9 -28.31 -36.32 2.60
CA ALA A 9 -29.11 -35.13 2.37
C ALA A 9 -29.89 -34.82 3.62
N ASN A 10 -30.27 -33.55 3.78
CA ASN A 10 -30.93 -33.18 5.02
C ASN A 10 -31.86 -32.00 4.79
N ASN A 11 -32.19 -31.34 5.89
CA ASN A 11 -33.18 -30.29 6.07
C ASN A 11 -32.59 -28.90 6.38
N SER A 12 -31.31 -28.70 6.09
CA SER A 12 -30.72 -27.37 6.19
C SER A 12 -31.13 -26.50 4.99
N THR A 13 -31.13 -25.18 5.20
CA THR A 13 -31.47 -24.23 4.17
C THR A 13 -30.37 -23.20 3.92
N GLU A 14 -29.12 -23.54 4.26
CA GLU A 14 -28.01 -22.63 4.02
C GLU A 14 -27.77 -22.46 2.52
N GLN A 15 -27.39 -21.25 2.13
CA GLN A 15 -27.16 -20.93 0.73
C GLN A 15 -25.78 -20.32 0.55
N VAL A 16 -25.09 -20.74 -0.51
CA VAL A 16 -23.77 -20.21 -0.86
C VAL A 16 -23.78 -19.85 -2.34
N ASP A 17 -22.81 -19.04 -2.74
CA ASP A 17 -22.68 -18.58 -4.12
C ASP A 17 -21.34 -19.03 -4.69
N THR A 18 -21.38 -19.52 -5.92
CA THR A 18 -20.19 -19.93 -6.66
C THR A 18 -19.95 -18.96 -7.81
N ILE A 19 -18.93 -19.27 -8.61
CA ILE A 19 -18.61 -18.40 -9.74
C ILE A 19 -19.69 -18.48 -10.80
N MET A 20 -20.15 -19.69 -11.13
CA MET A 20 -21.10 -19.88 -12.22
C MET A 20 -22.55 -19.86 -11.78
N GLU A 21 -22.84 -20.14 -10.51
CA GLU A 21 -24.21 -20.19 -10.02
C GLU A 21 -24.35 -19.33 -8.78
N LYS A 22 -25.60 -18.92 -8.52
CA LYS A 22 -25.94 -18.11 -7.35
C LYS A 22 -27.05 -18.80 -6.58
N ASN A 23 -27.02 -18.63 -5.25
CA ASN A 23 -28.05 -19.15 -4.36
C ASN A 23 -28.18 -20.67 -4.48
N VAL A 24 -27.10 -21.37 -4.12
CA VAL A 24 -27.05 -22.82 -4.14
C VAL A 24 -27.22 -23.33 -2.71
N THR A 25 -28.20 -24.20 -2.50
CA THR A 25 -28.46 -24.75 -1.18
C THR A 25 -27.45 -25.83 -0.84
N VAL A 26 -26.86 -25.74 0.34
CA VAL A 26 -25.83 -26.68 0.78
C VAL A 26 -26.22 -27.24 2.14
N THR A 27 -25.73 -28.45 2.42
CA THR A 27 -26.07 -29.11 3.68
C THR A 27 -25.39 -28.43 4.87
N HIS A 28 -24.09 -28.14 4.74
CA HIS A 28 -23.33 -27.53 5.81
C HIS A 28 -22.50 -26.37 5.25
N ALA A 29 -22.32 -25.35 6.08
CA ALA A 29 -21.56 -24.18 5.69
C ALA A 29 -20.92 -23.56 6.92
N GLN A 30 -19.86 -22.78 6.68
CA GLN A 30 -19.13 -22.11 7.75
C GLN A 30 -18.79 -20.69 7.30
N ASP A 31 -18.90 -19.75 8.22
CA ASP A 31 -18.60 -18.35 7.97
C ASP A 31 -17.21 -18.01 8.48
N ILE A 32 -16.50 -17.18 7.72
CA ILE A 32 -15.14 -16.77 8.06
C ILE A 32 -15.05 -15.26 8.26
N LEU A 33 -16.17 -14.61 8.56
CA LEU A 33 -16.22 -13.17 8.78
C LEU A 33 -16.70 -12.90 10.20
N GLU A 34 -16.01 -12.00 10.89
CA GLU A 34 -16.34 -11.64 12.27
C GLU A 34 -17.18 -10.37 12.26
N LYS A 35 -18.33 -10.40 12.97
CA LYS A 35 -19.25 -9.27 12.97
C LYS A 35 -19.80 -8.95 14.35
N THR A 36 -19.15 -9.41 15.42
CA THR A 36 -19.65 -9.21 16.78
C THR A 36 -18.56 -8.61 17.65
N HIS A 37 -19.00 -7.84 18.64
CA HIS A 37 -18.11 -7.25 19.63
C HIS A 37 -18.86 -7.08 20.94
N ASN A 38 -18.10 -6.98 22.03
CA ASN A 38 -18.71 -6.86 23.35
C ASN A 38 -19.17 -5.45 23.67
N GLY A 39 -18.75 -4.45 22.89
CA GLY A 39 -19.18 -3.08 23.13
C GLY A 39 -18.63 -2.44 24.38
N LYS A 40 -17.45 -2.89 24.83
CA LYS A 40 -16.84 -2.36 26.04
C LYS A 40 -15.35 -2.11 25.80
N LEU A 41 -14.75 -1.31 26.66
CA LEU A 41 -13.32 -1.05 26.65
C LEU A 41 -12.65 -1.97 27.65
N CYS A 42 -11.59 -2.65 27.22
CA CYS A 42 -10.92 -3.67 28.02
C CYS A 42 -9.43 -3.42 28.04
N ASP A 43 -8.76 -4.05 29.01
CA ASP A 43 -7.31 -3.95 29.11
C ASP A 43 -6.64 -4.62 27.93
N LEU A 44 -5.45 -4.13 27.58
CA LEU A 44 -4.67 -4.67 26.48
C LEU A 44 -3.49 -5.43 27.06
N ASN A 45 -3.55 -6.76 26.99
CA ASN A 45 -2.51 -7.65 27.52
C ASN A 45 -2.23 -7.38 29.00
N GLY A 46 -3.30 -7.15 29.77
CA GLY A 46 -3.18 -6.98 31.20
C GLY A 46 -2.75 -5.60 31.66
N VAL A 47 -2.67 -4.63 30.76
CA VAL A 47 -2.29 -3.26 31.10
C VAL A 47 -3.50 -2.38 30.92
N LYS A 48 -3.96 -1.76 32.01
CA LYS A 48 -5.14 -0.91 31.94
C LYS A 48 -4.80 0.38 31.21
N PRO A 49 -5.63 0.82 30.27
CA PRO A 49 -5.36 2.08 29.56
C PRO A 49 -5.60 3.28 30.46
N LEU A 50 -5.23 4.45 29.94
CA LEU A 50 -5.40 5.72 30.63
C LEU A 50 -6.64 6.41 30.10
N ILE A 51 -7.59 6.69 30.99
CA ILE A 51 -8.84 7.35 30.64
C ILE A 51 -8.81 8.75 31.24
N LEU A 52 -8.85 9.77 30.38
CA LEU A 52 -8.72 11.16 30.81
C LEU A 52 -10.05 11.84 31.07
N LYS A 53 -11.18 11.15 30.83
CA LYS A 53 -12.53 11.68 31.05
C LYS A 53 -12.68 12.98 30.25
N ASP A 54 -12.92 14.12 30.88
CA ASP A 54 -13.21 15.37 30.19
C ASP A 54 -12.02 16.30 30.11
N CYS A 55 -10.82 15.82 30.42
CA CYS A 55 -9.61 16.62 30.40
C CYS A 55 -8.73 16.21 29.23
N SER A 56 -8.21 17.20 28.51
CA SER A 56 -7.31 16.91 27.39
C SER A 56 -5.91 16.62 27.91
N VAL A 57 -5.03 16.25 26.98
CA VAL A 57 -3.65 15.91 27.34
C VAL A 57 -2.92 17.12 27.88
N ALA A 58 -3.06 18.27 27.21
CA ALA A 58 -2.37 19.47 27.65
C ALA A 58 -2.85 19.92 29.02
N GLY A 59 -4.16 19.88 29.25
CA GLY A 59 -4.67 20.27 30.56
C GLY A 59 -4.23 19.32 31.66
N TRP A 60 -4.18 18.02 31.36
CA TRP A 60 -3.71 17.05 32.35
C TRP A 60 -2.24 17.26 32.67
N LEU A 61 -1.42 17.54 31.65
CA LEU A 61 0.01 17.73 31.90
C LEU A 61 0.28 19.02 32.66
N LEU A 62 -0.34 20.12 32.23
CA LEU A 62 -0.05 21.41 32.84
C LEU A 62 -0.68 21.57 34.22
N GLY A 63 -1.70 20.78 34.53
CA GLY A 63 -2.33 20.86 35.83
C GLY A 63 -3.50 21.83 35.87
N ASN A 64 -4.46 21.65 34.98
CA ASN A 64 -5.62 22.51 34.95
C ASN A 64 -6.38 22.42 36.27
N PRO A 65 -6.81 23.55 36.84
CA PRO A 65 -7.52 23.48 38.13
C PRO A 65 -8.80 22.66 38.11
N MET A 66 -9.49 22.61 36.97
CA MET A 66 -10.72 21.85 36.84
C MET A 66 -10.47 20.39 36.49
N CYS A 67 -9.26 19.89 36.72
CA CYS A 67 -8.90 18.49 36.48
C CYS A 67 -8.25 17.90 37.74
N ASP A 68 -8.92 18.10 38.88
CA ASP A 68 -8.38 17.73 40.18
C ASP A 68 -8.20 16.22 40.37
N GLU A 69 -8.48 15.41 39.35
CA GLU A 69 -8.34 13.96 39.45
C GLU A 69 -6.86 13.59 39.34
N PHE A 70 -6.13 13.77 40.44
CA PHE A 70 -4.74 13.39 40.52
C PHE A 70 -4.58 11.91 40.89
N ILE A 71 -5.20 11.03 40.10
CA ILE A 71 -4.98 9.60 40.27
C ILE A 71 -3.70 9.22 39.55
N ARG A 72 -2.98 8.25 40.11
CA ARG A 72 -1.66 7.87 39.62
C ARG A 72 -1.75 6.49 38.96
N VAL A 73 -1.38 6.44 37.69
CA VAL A 73 -1.26 5.19 36.94
C VAL A 73 0.18 5.08 36.44
N PRO A 74 1.01 4.28 37.11
CA PRO A 74 2.43 4.21 36.72
C PRO A 74 2.65 3.75 35.28
N GLU A 75 1.80 2.88 34.76
CA GLU A 75 1.98 2.35 33.41
C GLU A 75 0.63 2.20 32.74
N TRP A 76 0.54 2.62 31.48
CA TRP A 76 -0.68 2.53 30.70
C TRP A 76 -0.35 2.03 29.31
N SER A 77 -1.36 1.44 28.66
CA SER A 77 -1.20 0.87 27.32
C SER A 77 -1.60 1.84 26.22
N TYR A 78 -2.70 2.57 26.40
CA TYR A 78 -3.13 3.55 25.42
C TYR A 78 -4.00 4.59 26.12
N ILE A 79 -4.26 5.68 25.43
CA ILE A 79 -4.99 6.82 25.97
C ILE A 79 -6.37 6.88 25.33
N VAL A 80 -7.40 7.06 26.14
CA VAL A 80 -8.77 7.25 25.68
C VAL A 80 -9.15 8.69 25.95
N GLU A 81 -9.54 9.40 24.89
CA GLU A 81 -9.87 10.82 24.99
C GLU A 81 -11.16 11.08 24.22
N ARG A 82 -12.00 11.96 24.76
CA ARG A 82 -13.25 12.29 24.09
C ARG A 82 -12.99 13.12 22.83
N ALA A 83 -14.00 13.16 21.96
CA ALA A 83 -13.85 13.87 20.70
C ALA A 83 -13.62 15.37 20.91
N ASN A 84 -14.37 15.97 21.83
CA ASN A 84 -14.28 17.40 22.11
C ASN A 84 -14.10 17.59 23.61
N PRO A 85 -12.87 17.53 24.11
CA PRO A 85 -12.64 17.77 25.54
C PRO A 85 -13.06 19.17 25.94
N ALA A 86 -13.58 19.28 27.17
CA ALA A 86 -14.07 20.56 27.68
C ALA A 86 -12.95 21.37 28.31
N ASN A 87 -12.26 20.80 29.30
CA ASN A 87 -11.20 21.50 30.03
C ASN A 87 -9.87 21.20 29.33
N ASP A 88 -9.43 22.14 28.48
CA ASP A 88 -8.16 22.00 27.78
C ASP A 88 -7.14 23.05 28.21
N LEU A 89 -7.50 24.33 28.10
CA LEU A 89 -6.60 25.41 28.50
C LEU A 89 -7.46 26.58 28.98
N CYS A 90 -7.48 26.78 30.30
CA CYS A 90 -8.29 27.88 30.85
C CYS A 90 -7.79 29.23 30.35
N TYR A 91 -6.48 29.42 30.33
CA TYR A 91 -5.90 30.64 29.77
C TYR A 91 -5.60 30.44 28.29
N PRO A 92 -6.07 31.33 27.42
CA PRO A 92 -5.85 31.12 25.97
C PRO A 92 -4.37 31.09 25.62
N GLY A 93 -4.04 30.26 24.64
CA GLY A 93 -2.66 30.12 24.22
C GLY A 93 -2.46 28.92 23.33
N SER A 94 -1.25 28.38 23.33
CA SER A 94 -0.91 27.24 22.50
C SER A 94 0.27 26.50 23.11
N LEU A 95 0.45 25.26 22.68
CA LEU A 95 1.57 24.42 23.10
C LEU A 95 2.37 24.00 21.88
N ASN A 96 3.67 24.24 21.92
CA ASN A 96 4.52 23.95 20.77
C ASN A 96 4.71 22.45 20.60
N ASP A 97 4.66 21.99 19.35
CA ASP A 97 4.84 20.59 19.00
C ASP A 97 3.88 19.69 19.77
N TYR A 98 2.60 20.08 19.76
CA TYR A 98 1.59 19.34 20.52
C TYR A 98 1.41 17.92 20.00
N GLU A 99 1.38 17.76 18.67
CA GLU A 99 1.12 16.44 18.09
C GLU A 99 2.25 15.46 18.39
N GLU A 100 3.50 15.92 18.29
CA GLU A 100 4.63 15.03 18.59
C GLU A 100 4.62 14.63 20.06
N LEU A 101 4.30 15.57 20.95
CA LEU A 101 4.22 15.23 22.37
C LEU A 101 3.10 14.22 22.63
N LYS A 102 1.95 14.40 21.97
CA LYS A 102 0.86 13.45 22.13
C LYS A 102 1.25 12.06 21.63
N HIS A 103 1.94 12.00 20.49
CA HIS A 103 2.40 10.71 19.98
C HIS A 103 3.40 10.06 20.92
N MET A 104 4.31 10.86 21.49
CA MET A 104 5.29 10.31 22.43
C MET A 104 4.67 9.92 23.76
N LEU A 105 3.53 10.50 24.12
CA LEU A 105 2.86 10.20 25.38
C LEU A 105 1.94 8.99 25.28
N SER A 106 2.18 8.11 24.32
CA SER A 106 1.48 6.83 24.21
C SER A 106 2.05 5.87 25.23
N ARG A 107 1.84 4.57 25.04
CA ARG A 107 2.25 3.54 25.99
C ARG A 107 3.58 3.87 26.64
N ILE A 108 3.57 3.95 27.97
CA ILE A 108 4.73 4.36 28.75
C ILE A 108 4.96 3.34 29.85
N ASN A 109 6.21 2.91 30.03
CA ASN A 109 6.52 1.88 31.01
C ASN A 109 6.50 2.41 32.43
N HIS A 110 6.94 3.65 32.65
CA HIS A 110 7.03 4.19 34.00
C HIS A 110 6.79 5.69 33.96
N PHE A 111 6.06 6.20 34.96
CA PHE A 111 5.67 7.60 34.99
C PHE A 111 5.49 8.03 36.44
N GLU A 112 6.15 9.13 36.82
CA GLU A 112 6.05 9.63 38.18
C GLU A 112 6.37 11.13 38.18
N LYS A 113 5.67 11.87 39.03
CA LYS A 113 5.84 13.31 39.14
C LYS A 113 6.68 13.64 40.36
N ILE A 114 7.71 14.47 40.18
CA ILE A 114 8.59 14.91 41.25
C ILE A 114 8.73 16.42 41.19
N GLN A 115 9.16 16.98 42.31
CA GLN A 115 9.39 18.42 42.43
C GLN A 115 10.87 18.72 42.22
N ILE A 116 11.15 19.69 41.35
CA ILE A 116 12.52 20.05 41.04
C ILE A 116 12.89 21.45 41.52
N ILE A 117 11.93 22.37 41.60
CA ILE A 117 12.20 23.73 42.05
C ILE A 117 11.14 24.15 43.05
N PRO A 118 11.47 24.18 44.34
CA PRO A 118 10.48 24.64 45.34
C PRO A 118 10.22 26.12 45.23
N LYS A 119 9.06 26.53 45.75
CA LYS A 119 8.67 27.94 45.72
C LYS A 119 9.60 28.82 46.55
N SER A 120 10.33 28.23 47.50
CA SER A 120 11.25 29.00 48.35
C SER A 120 12.46 29.50 47.57
N SER A 121 12.67 29.03 46.34
CA SER A 121 13.83 29.41 45.55
C SER A 121 13.68 30.77 44.88
N TRP A 122 12.64 31.53 45.21
CA TRP A 122 12.40 32.85 44.63
C TRP A 122 12.21 33.86 45.77
N PRO A 123 13.30 34.27 46.41
CA PRO A 123 13.17 35.21 47.54
C PRO A 123 12.91 36.65 47.10
N ASN A 124 13.37 37.00 45.90
CA ASN A 124 13.29 38.36 45.39
C ASN A 124 12.15 38.57 44.40
N HIS A 125 11.23 37.61 44.29
CA HIS A 125 10.10 37.73 43.38
C HIS A 125 8.82 37.31 44.10
N GLU A 126 7.70 37.85 43.64
CA GLU A 126 6.40 37.53 44.21
C GLU A 126 5.82 36.30 43.53
N THR A 127 5.42 35.32 44.34
CA THR A 127 4.91 34.05 43.82
C THR A 127 3.46 33.78 44.23
N SER A 128 2.77 34.76 44.81
CA SER A 128 1.41 34.55 45.28
C SER A 128 0.36 35.34 44.51
N LEU A 129 0.77 36.29 43.67
CA LEU A 129 -0.17 37.12 42.93
C LEU A 129 -0.44 36.60 41.52
N GLY A 130 0.16 35.49 41.14
CA GLY A 130 -0.02 34.96 39.80
C GLY A 130 -1.30 34.18 39.63
N VAL A 131 -2.45 34.87 39.65
CA VAL A 131 -3.75 34.25 39.49
C VAL A 131 -4.53 35.01 38.42
N SER A 132 -5.52 34.34 37.85
CA SER A 132 -6.36 34.92 36.82
C SER A 132 -7.79 34.40 36.97
N ALA A 133 -8.74 35.21 36.52
CA ALA A 133 -10.15 34.82 36.56
C ALA A 133 -10.50 33.81 35.48
N ALA A 134 -9.65 33.65 34.46
CA ALA A 134 -9.91 32.70 33.39
C ALA A 134 -9.72 31.25 33.84
N CYS A 135 -9.14 31.03 35.02
CA CYS A 135 -8.93 29.68 35.56
C CYS A 135 -9.56 29.61 36.95
N PRO A 136 -10.88 29.56 37.02
CA PRO A 136 -11.54 29.58 38.33
C PRO A 136 -11.37 28.27 39.07
N TYR A 137 -11.46 28.37 40.39
CA TYR A 137 -11.39 27.19 41.25
C TYR A 137 -12.20 27.49 42.51
N GLN A 138 -13.35 26.83 42.64
CA GLN A 138 -14.27 27.06 43.76
C GLN A 138 -14.68 28.52 43.86
N GLY A 139 -14.91 29.14 42.72
CA GLY A 139 -15.32 30.54 42.69
C GLY A 139 -14.23 31.53 42.99
N ALA A 140 -12.95 31.14 42.85
CA ALA A 140 -11.83 32.02 43.10
C ALA A 140 -10.83 31.91 41.97
N PRO A 141 -10.12 33.00 41.67
CA PRO A 141 -9.07 32.93 40.63
C PRO A 141 -7.96 31.97 41.04
N SER A 142 -7.40 31.30 40.05
CA SER A 142 -6.33 30.33 40.27
C SER A 142 -5.46 30.29 39.03
N PHE A 143 -4.61 29.27 38.94
CA PHE A 143 -3.69 29.10 37.82
C PHE A 143 -3.31 27.63 37.74
N PHE A 144 -2.44 27.31 36.78
CA PHE A 144 -1.95 25.94 36.65
C PHE A 144 -1.15 25.55 37.88
N ARG A 145 -1.26 24.28 38.26
CA ARG A 145 -0.63 23.78 39.47
C ARG A 145 0.80 23.28 39.26
N ASN A 146 1.28 23.22 38.01
CA ASN A 146 2.60 22.71 37.73
C ASN A 146 3.59 23.81 37.32
N VAL A 147 3.15 25.05 37.21
CA VAL A 147 4.02 26.16 36.85
C VAL A 147 3.75 27.34 37.78
N VAL A 148 4.70 28.26 37.83
CA VAL A 148 4.62 29.44 38.69
C VAL A 148 4.72 30.68 37.82
N TRP A 149 3.80 31.61 38.04
CA TRP A 149 3.77 32.89 37.32
C TRP A 149 4.43 33.94 38.20
N LEU A 150 5.62 34.39 37.81
CA LEU A 150 6.39 35.32 38.61
C LEU A 150 6.01 36.76 38.30
N ILE A 151 5.87 37.57 39.35
CA ILE A 151 5.53 38.97 39.25
C ILE A 151 6.58 39.78 40.00
N LYS A 152 6.70 41.05 39.64
CA LYS A 152 7.68 41.93 40.27
C LYS A 152 7.37 42.10 41.75
N LYS A 153 8.43 42.32 42.53
CA LYS A 153 8.32 42.51 43.97
C LYS A 153 9.04 43.79 44.37
N ASN A 154 8.39 44.60 45.20
CA ASN A 154 8.94 45.88 45.66
C ASN A 154 9.32 46.77 44.48
N ASP A 155 8.48 46.75 43.43
CA ASP A 155 8.69 47.55 42.23
C ASP A 155 10.06 47.29 41.60
N ALA A 156 10.48 46.02 41.61
CA ALA A 156 11.77 45.64 41.04
C ALA A 156 11.70 44.21 40.54
N TYR A 157 12.39 43.95 39.45
CA TYR A 157 12.45 42.62 38.84
C TYR A 157 13.91 42.27 38.58
N PRO A 158 14.62 41.74 39.58
CA PRO A 158 16.02 41.36 39.37
C PRO A 158 16.14 40.24 38.36
N THR A 159 17.29 40.22 37.67
CA THR A 159 17.54 39.18 36.67
C THR A 159 17.60 37.81 37.33
N ILE A 160 17.07 36.80 36.63
CA ILE A 160 16.96 35.45 37.15
C ILE A 160 17.98 34.57 36.46
N LYS A 161 18.78 33.86 37.26
CA LYS A 161 19.74 32.89 36.75
C LYS A 161 19.66 31.63 37.61
N ILE A 162 19.41 30.49 37.00
CA ILE A 162 19.26 29.23 37.74
C ILE A 162 19.62 28.08 36.81
N SER A 163 20.12 27.00 37.39
CA SER A 163 20.46 25.80 36.66
C SER A 163 20.03 24.58 37.47
N TYR A 164 19.91 23.44 36.79
CA TYR A 164 19.41 22.23 37.44
C TYR A 164 20.09 21.00 36.85
N ASN A 165 20.99 20.42 37.62
CA ASN A 165 21.49 19.08 37.32
C ASN A 165 20.41 18.01 37.52
N ASN A 166 20.36 17.05 36.60
CA ASN A 166 19.45 15.90 36.70
C ASN A 166 20.20 14.76 37.39
N THR A 167 20.00 14.63 38.70
CA THR A 167 20.66 13.57 39.47
C THR A 167 19.93 12.24 39.42
N ASN A 168 18.73 12.20 38.84
CA ASN A 168 18.00 10.95 38.73
C ASN A 168 18.64 10.06 37.66
N ARG A 169 18.18 8.81 37.60
CA ARG A 169 18.70 7.82 36.67
C ARG A 169 17.76 7.59 35.49
N GLU A 170 16.84 8.51 35.24
CA GLU A 170 15.86 8.36 34.17
C GLU A 170 15.65 9.72 33.50
N ASP A 171 15.06 9.66 32.31
CA ASP A 171 14.79 10.88 31.55
C ASP A 171 13.77 11.75 32.28
N LEU A 172 13.86 13.05 32.06
CA LEU A 172 13.01 14.03 32.73
C LEU A 172 12.29 14.87 31.69
N LEU A 173 11.02 15.18 31.97
CA LEU A 173 10.19 16.02 31.10
C LEU A 173 9.93 17.33 31.82
N ILE A 174 10.28 18.45 31.17
CA ILE A 174 10.18 19.77 31.76
C ILE A 174 9.41 20.68 30.82
N LEU A 175 8.56 21.53 31.38
CA LEU A 175 7.76 22.47 30.61
C LEU A 175 7.90 23.87 31.18
N TRP A 176 7.88 24.86 30.29
CA TRP A 176 7.96 26.26 30.68
C TRP A 176 7.22 27.09 29.65
N GLY A 177 6.95 28.35 29.99
CA GLY A 177 6.16 29.19 29.12
C GLY A 177 6.57 30.65 29.20
N ILE A 178 5.99 31.44 28.29
CA ILE A 178 6.21 32.87 28.21
C ILE A 178 4.87 33.56 28.03
N HIS A 179 4.70 34.72 28.66
CA HIS A 179 3.44 35.46 28.65
C HIS A 179 3.58 36.69 27.75
N HIS A 180 2.57 36.92 26.92
CA HIS A 180 2.51 38.08 26.05
C HIS A 180 1.58 39.11 26.66
N SER A 181 2.07 40.34 26.82
CA SER A 181 1.26 41.41 27.38
C SER A 181 0.38 42.04 26.31
N ASN A 182 -0.35 43.09 26.69
CA ASN A 182 -1.27 43.78 25.80
C ASN A 182 -0.80 45.17 25.40
N ASN A 183 -0.19 45.91 26.31
CA ASN A 183 0.28 47.27 26.02
C ASN A 183 1.45 47.60 26.92
N ALA A 184 2.04 48.77 26.69
CA ALA A 184 3.21 49.19 27.47
C ALA A 184 2.87 49.39 28.94
N GLU A 185 1.70 49.96 29.22
CA GLU A 185 1.32 50.22 30.61
C GLU A 185 1.19 48.93 31.39
N GLU A 186 0.56 47.90 30.81
CA GLU A 186 0.43 46.62 31.48
C GLU A 186 1.79 45.99 31.71
N GLN A 187 2.68 46.07 30.72
CA GLN A 187 4.02 45.50 30.87
C GLN A 187 4.78 46.20 32.00
N THR A 188 4.67 47.53 32.09
CA THR A 188 5.33 48.25 33.17
C THR A 188 4.73 47.88 34.52
N ASN A 189 3.40 47.74 34.58
CA ASN A 189 2.76 47.40 35.85
C ASN A 189 3.09 45.98 36.29
N LEU A 190 3.38 45.08 35.36
CA LEU A 190 3.62 43.69 35.73
C LEU A 190 5.10 43.37 35.95
N TYR A 191 6.00 43.95 35.16
CA TYR A 191 7.41 43.57 35.21
C TYR A 191 8.38 44.72 35.35
N LYS A 192 7.96 45.96 35.12
CA LYS A 192 8.78 47.16 35.33
C LYS A 192 9.90 47.28 34.31
N ASN A 193 10.05 46.28 33.45
CA ASN A 193 11.09 46.29 32.43
C ASN A 193 10.47 46.46 31.05
N PRO A 194 10.71 47.57 30.36
CA PRO A 194 10.10 47.74 29.03
C PRO A 194 10.49 46.67 28.02
N ILE A 195 11.72 46.18 28.07
CA ILE A 195 12.22 45.18 27.14
C ILE A 195 12.70 43.98 27.94
N THR A 196 12.23 42.79 27.57
CA THR A 196 12.57 41.57 28.29
C THR A 196 12.92 40.47 27.29
N TYR A 197 13.52 39.40 27.81
CA TYR A 197 13.93 38.28 26.98
C TYR A 197 13.98 37.02 27.85
N ILE A 198 13.97 35.87 27.19
CA ILE A 198 14.08 34.57 27.84
C ILE A 198 15.11 33.74 27.11
N SER A 199 16.04 33.15 27.86
CA SER A 199 17.09 32.31 27.31
C SER A 199 17.08 30.96 28.00
N VAL A 200 17.00 29.89 27.20
CA VAL A 200 17.03 28.52 27.71
C VAL A 200 18.09 27.76 26.93
N GLY A 201 18.97 27.06 27.65
CA GLY A 201 20.06 26.35 27.01
C GLY A 201 20.45 25.05 27.66
N THR A 202 20.50 23.98 26.86
CA THR A 202 20.98 22.69 27.32
C THR A 202 22.09 22.21 26.40
N SER A 203 22.50 20.94 26.54
CA SER A 203 23.55 20.40 25.67
C SER A 203 23.10 20.36 24.22
N THR A 204 21.79 20.25 23.97
CA THR A 204 21.27 20.19 22.61
C THR A 204 20.22 21.25 22.32
N LEU A 205 19.85 22.08 23.30
CA LEU A 205 18.83 23.10 23.13
C LEU A 205 19.45 24.49 23.24
N ASN A 206 19.05 25.37 22.32
CA ASN A 206 19.53 26.75 22.32
C ASN A 206 18.39 27.63 21.82
N GLN A 207 17.65 28.22 22.76
CA GLN A 207 16.44 28.96 22.44
C GLN A 207 16.47 30.34 23.08
N ARG A 208 16.02 31.34 22.33
CA ARG A 208 15.86 32.70 22.83
C ARG A 208 14.51 33.23 22.38
N LEU A 209 13.78 33.86 23.30
CA LEU A 209 12.43 34.33 23.02
C LEU A 209 12.27 35.76 23.52
N ALA A 210 11.36 36.49 22.88
CA ALA A 210 11.03 37.85 23.26
C ALA A 210 9.52 38.04 23.20
N PRO A 211 8.94 38.78 24.14
CA PRO A 211 7.49 39.00 24.12
C PRO A 211 7.05 39.81 22.91
N LYS A 212 5.83 39.53 22.46
CA LYS A 212 5.20 40.25 21.35
C LYS A 212 4.00 41.01 21.90
N ILE A 213 4.09 42.33 21.92
CA ILE A 213 3.06 43.19 22.47
C ILE A 213 2.22 43.74 21.32
N ALA A 214 0.95 43.39 21.31
CA ALA A 214 0.04 43.84 20.25
C ALA A 214 -1.40 43.72 20.76
N THR A 215 -2.34 44.14 19.93
CA THR A 215 -3.76 44.07 20.25
C THR A 215 -4.36 42.84 19.57
N ARG A 216 -5.07 42.02 20.35
CA ARG A 216 -5.66 40.79 19.87
C ARG A 216 -7.13 40.72 20.27
N SER A 217 -7.82 39.72 19.74
CA SER A 217 -9.23 39.52 20.06
C SER A 217 -9.39 39.00 21.49
N GLN A 218 -10.61 39.13 22.00
CA GLN A 218 -10.92 38.72 23.37
C GLN A 218 -11.41 37.28 23.37
N VAL A 219 -10.67 36.41 24.05
CA VAL A 219 -11.03 35.00 24.21
C VAL A 219 -11.09 34.70 25.70
N ASN A 220 -12.24 34.18 26.15
CA ASN A 220 -12.48 33.90 27.56
C ASN A 220 -12.26 35.12 28.44
N GLY A 221 -12.52 36.31 27.90
CA GLY A 221 -12.35 37.53 28.64
C GLY A 221 -10.93 38.00 28.81
N GLN A 222 -9.96 37.36 28.16
CA GLN A 222 -8.55 37.71 28.27
C GLN A 222 -7.99 38.02 26.89
N ARG A 223 -7.28 39.13 26.77
CA ARG A 223 -6.62 39.50 25.53
C ARG A 223 -5.16 39.06 25.47
N GLY A 224 -4.62 38.50 26.55
CA GLY A 224 -3.26 38.01 26.54
C GLY A 224 -3.14 36.62 25.97
N ARG A 225 -1.90 36.17 25.83
CA ARG A 225 -1.60 34.85 25.29
C ARG A 225 -0.47 34.22 26.08
N MET A 226 -0.41 32.89 26.04
CA MET A 226 0.60 32.14 26.76
C MET A 226 1.07 30.98 25.89
N ASP A 227 2.35 30.91 25.61
CA ASP A 227 2.94 29.85 24.80
C ASP A 227 3.86 29.00 25.66
N PHE A 228 3.69 27.69 25.58
CA PHE A 228 4.45 26.74 26.39
C PHE A 228 5.34 25.89 25.52
N PHE A 229 6.44 25.42 26.10
CA PHE A 229 7.42 24.59 25.42
C PHE A 229 7.78 23.41 26.31
N TRP A 230 8.41 22.40 25.70
CA TRP A 230 8.78 21.19 26.43
C TRP A 230 10.08 20.65 25.89
N THR A 231 10.76 19.84 26.70
CA THR A 231 12.02 19.23 26.31
C THR A 231 12.24 17.98 27.15
N ILE A 232 13.20 17.17 26.72
CA ILE A 232 13.58 15.94 27.40
C ILE A 232 15.01 16.11 27.90
N LEU A 233 15.22 15.85 29.18
CA LEU A 233 16.53 16.01 29.82
C LEU A 233 17.18 14.66 30.02
N LYS A 234 18.44 14.55 29.62
CA LYS A 234 19.17 13.30 29.73
C LYS A 234 19.54 13.01 31.18
N PRO A 235 19.86 11.75 31.50
CA PRO A 235 20.12 11.40 32.91
C PRO A 235 21.30 12.13 33.54
N ASP A 236 22.22 12.69 32.75
CA ASP A 236 23.38 13.37 33.31
C ASP A 236 23.58 14.75 32.68
N ASP A 237 22.50 15.39 32.25
CA ASP A 237 22.56 16.72 31.66
C ASP A 237 21.97 17.74 32.62
N ALA A 238 22.12 19.02 32.24
CA ALA A 238 21.57 20.12 33.02
C ALA A 238 20.96 21.15 32.09
N ILE A 239 20.05 21.95 32.63
CA ILE A 239 19.34 22.97 31.90
C ILE A 239 19.50 24.30 32.62
N HIS A 240 19.80 25.36 31.85
CA HIS A 240 20.04 26.68 32.40
C HIS A 240 18.95 27.64 31.96
N PHE A 241 18.45 28.44 32.90
CA PHE A 241 17.42 29.43 32.64
C PHE A 241 17.96 30.82 32.90
N GLU A 242 17.48 31.78 32.11
CA GLU A 242 17.87 33.19 32.29
C GLU A 242 16.82 34.07 31.65
N SER A 243 16.26 34.98 32.42
CA SER A 243 15.24 35.90 31.92
C SER A 243 15.16 37.11 32.86
N ASN A 244 14.50 38.16 32.38
CA ASN A 244 14.29 39.38 33.15
C ASN A 244 12.85 39.85 33.06
N GLY A 245 11.93 38.93 32.83
CA GLY A 245 10.51 39.25 32.77
C GLY A 245 9.77 38.31 31.86
N ASN A 246 8.45 38.26 32.04
CA ASN A 246 7.55 37.44 31.23
C ASN A 246 7.96 35.96 31.27
N PHE A 247 8.41 35.50 32.43
CA PHE A 247 8.90 34.14 32.59
C PHE A 247 7.96 33.34 33.47
N ILE A 248 7.69 32.09 33.07
CA ILE A 248 6.84 31.17 33.81
C ILE A 248 7.71 29.97 34.16
N ALA A 249 8.30 29.98 35.35
CA ALA A 249 9.24 28.95 35.74
C ALA A 249 8.52 27.64 36.04
N PRO A 250 9.12 26.51 35.71
CA PRO A 250 8.53 25.22 36.07
C PRO A 250 8.65 24.95 37.56
N GLU A 251 7.73 24.13 38.06
CA GLU A 251 7.75 23.68 39.45
C GLU A 251 7.87 22.18 39.57
N TYR A 252 7.09 21.41 38.81
CA TYR A 252 7.13 19.96 38.85
C TYR A 252 7.58 19.42 37.50
N ALA A 253 8.23 18.26 37.54
CA ALA A 253 8.73 17.59 36.35
C ALA A 253 8.32 16.13 36.39
N TYR A 254 8.22 15.53 35.20
CA TYR A 254 7.79 14.15 35.05
C TYR A 254 8.98 13.28 34.69
N LYS A 255 9.12 12.16 35.39
CA LYS A 255 10.23 11.22 35.21
C LYS A 255 9.70 10.02 34.46
N ILE A 256 10.18 9.82 33.24
CA ILE A 256 9.51 9.00 32.23
C ILE A 256 10.46 7.94 31.68
N VAL A 257 9.94 6.75 31.43
CA VAL A 257 10.64 5.69 30.73
C VAL A 257 9.76 5.21 29.58
N LYS A 258 10.32 5.16 28.38
CA LYS A 258 9.58 4.77 27.18
C LYS A 258 10.23 3.57 26.52
N LYS A 259 9.42 2.56 26.21
CA LYS A 259 9.89 1.37 25.51
C LYS A 259 9.17 1.13 24.19
N GLY A 260 7.84 1.19 24.18
CA GLY A 260 7.05 0.84 23.01
C GLY A 260 6.47 2.05 22.31
N ASP A 261 5.39 1.80 21.56
CA ASP A 261 4.71 2.85 20.81
C ASP A 261 3.26 2.47 20.63
N SER A 262 2.39 3.47 20.71
CA SER A 262 0.95 3.27 20.54
C SER A 262 0.35 4.57 19.98
N THR A 263 -0.97 4.70 20.04
CA THR A 263 -1.66 5.88 19.55
C THR A 263 -2.81 6.21 20.50
N ILE A 264 -3.60 7.21 20.13
CA ILE A 264 -4.68 7.72 20.96
C ILE A 264 -6.02 7.32 20.36
N MET A 265 -6.93 6.83 21.20
CA MET A 265 -8.27 6.43 20.78
C MET A 265 -9.28 7.49 21.17
N LYS A 266 -10.14 7.85 20.21
CA LYS A 266 -11.22 8.81 20.44
C LYS A 266 -12.53 8.03 20.53
N SER A 267 -13.05 7.87 21.75
CA SER A 267 -14.26 7.09 21.96
C SER A 267 -14.89 7.52 23.27
N GLY A 268 -16.16 7.14 23.44
CA GLY A 268 -16.92 7.49 24.63
C GLY A 268 -17.47 6.29 25.38
N VAL A 269 -17.02 5.09 25.02
CA VAL A 269 -17.51 3.88 25.68
C VAL A 269 -16.86 3.75 27.05
N GLU A 270 -17.54 3.04 27.95
CA GLU A 270 -17.12 2.91 29.33
C GLU A 270 -16.13 1.75 29.50
N TYR A 271 -15.54 1.68 30.68
CA TYR A 271 -14.60 0.62 31.03
C TYR A 271 -15.35 -0.68 31.27
N GLY A 272 -14.66 -1.81 31.03
CA GLY A 272 -15.32 -3.09 31.06
C GLY A 272 -14.71 -4.14 31.96
N HIS A 273 -13.52 -3.88 32.49
CA HIS A 273 -12.80 -4.82 33.36
C HIS A 273 -12.59 -6.16 32.66
N CYS A 274 -12.07 -6.11 31.44
CA CYS A 274 -11.79 -7.29 30.64
C CYS A 274 -10.36 -7.22 30.13
N ASN A 275 -9.87 -8.36 29.64
CA ASN A 275 -8.52 -8.49 29.10
C ASN A 275 -8.61 -9.05 27.69
N THR A 276 -8.68 -8.16 26.71
CA THR A 276 -8.77 -8.55 25.31
C THR A 276 -7.39 -8.45 24.65
N LYS A 277 -7.37 -8.69 23.34
CA LYS A 277 -6.15 -8.60 22.55
C LYS A 277 -6.25 -7.58 21.41
N CYS A 278 -7.43 -7.37 20.87
CA CYS A 278 -7.66 -6.36 19.84
C CYS A 278 -8.70 -5.37 20.34
N GLN A 279 -8.50 -4.08 20.03
CA GLN A 279 -9.34 -3.01 20.53
C GLN A 279 -9.92 -2.21 19.39
N THR A 280 -11.12 -1.66 19.62
CA THR A 280 -11.89 -0.93 18.63
C THR A 280 -12.68 0.14 19.36
N PRO A 281 -12.84 1.34 18.78
CA PRO A 281 -13.57 2.40 19.50
C PRO A 281 -15.00 2.04 19.88
N VAL A 282 -15.60 1.00 19.29
CA VAL A 282 -16.96 0.61 19.63
C VAL A 282 -17.02 -0.66 20.46
N GLY A 283 -15.88 -1.31 20.71
CA GLY A 283 -15.87 -2.51 21.52
C GLY A 283 -14.57 -3.26 21.34
N ALA A 284 -14.57 -4.49 21.85
CA ALA A 284 -13.41 -5.37 21.77
C ALA A 284 -13.76 -6.58 20.91
N ILE A 285 -12.77 -7.06 20.15
CA ILE A 285 -12.93 -8.20 19.25
C ILE A 285 -12.18 -9.39 19.84
N ASN A 286 -12.90 -10.51 20.00
CA ASN A 286 -12.33 -11.79 20.41
C ASN A 286 -12.76 -12.81 19.36
N SER A 287 -11.87 -13.08 18.40
CA SER A 287 -12.11 -14.08 17.37
C SER A 287 -10.79 -14.45 16.75
N SER A 288 -10.80 -15.58 16.02
CA SER A 288 -9.65 -16.01 15.25
C SER A 288 -9.89 -15.93 13.75
N MET A 289 -11.03 -15.38 13.33
CA MET A 289 -11.32 -15.25 11.92
C MET A 289 -10.37 -14.24 11.27
N PRO A 290 -10.04 -14.43 9.98
CA PRO A 290 -9.07 -13.53 9.33
C PRO A 290 -9.65 -12.21 8.86
N PHE A 291 -10.97 -12.04 8.83
CA PHE A 291 -11.59 -10.84 8.31
C PHE A 291 -12.66 -10.33 9.26
N HIS A 292 -12.89 -9.02 9.21
CA HIS A 292 -13.92 -8.38 10.03
C HIS A 292 -14.35 -7.09 9.34
N ASN A 293 -15.51 -6.58 9.75
CA ASN A 293 -16.06 -5.34 9.20
C ASN A 293 -16.63 -4.47 10.31
N ILE A 294 -15.91 -4.35 11.42
CA ILE A 294 -16.41 -3.62 12.58
C ILE A 294 -16.12 -2.13 12.45
N HIS A 295 -14.82 -1.78 12.41
CA HIS A 295 -14.44 -0.37 12.37
C HIS A 295 -13.06 -0.24 11.77
N PRO A 296 -12.81 0.75 10.91
CA PRO A 296 -11.48 0.88 10.30
C PRO A 296 -10.36 1.11 11.29
N LEU A 297 -10.61 1.83 12.39
CA LEU A 297 -9.57 2.18 13.34
C LEU A 297 -9.47 1.09 14.41
N THR A 298 -8.30 0.48 14.51
CA THR A 298 -8.06 -0.59 15.49
C THR A 298 -6.65 -0.45 16.06
N ILE A 299 -6.48 -0.97 17.27
CA ILE A 299 -5.17 -1.04 17.92
C ILE A 299 -4.93 -2.48 18.34
N GLY A 300 -3.75 -2.99 18.01
CA GLY A 300 -3.37 -4.34 18.38
C GLY A 300 -3.43 -5.31 17.22
N GLU A 301 -3.27 -6.58 17.54
CA GLU A 301 -3.34 -7.66 16.55
C GLU A 301 -4.81 -7.92 16.23
N CYS A 302 -5.25 -7.44 15.08
CA CYS A 302 -6.65 -7.52 14.68
C CYS A 302 -6.76 -8.11 13.28
N PRO A 303 -7.89 -8.73 12.95
CA PRO A 303 -8.10 -9.23 11.59
C PRO A 303 -8.18 -8.08 10.59
N LYS A 304 -8.19 -8.44 9.31
CA LYS A 304 -8.22 -7.46 8.25
C LYS A 304 -9.63 -6.88 8.09
N TYR A 305 -9.69 -5.66 7.59
CA TYR A 305 -10.95 -4.93 7.44
C TYR A 305 -11.40 -4.96 5.99
N VAL A 306 -12.64 -5.39 5.77
CA VAL A 306 -13.24 -5.47 4.44
C VAL A 306 -14.62 -4.86 4.48
N LYS A 307 -15.13 -4.51 3.29
CA LYS A 307 -16.44 -3.90 3.15
C LYS A 307 -17.54 -4.92 2.89
N SER A 308 -17.22 -6.21 2.86
CA SER A 308 -18.22 -7.22 2.59
C SER A 308 -19.16 -7.38 3.78
N ASN A 309 -20.36 -7.90 3.50
CA ASN A 309 -21.35 -8.18 4.53
C ASN A 309 -21.54 -9.65 4.82
N LYS A 310 -21.04 -10.53 3.95
CA LYS A 310 -21.22 -11.97 4.13
C LYS A 310 -20.11 -12.71 3.41
N LEU A 311 -19.47 -13.65 4.12
CA LEU A 311 -18.41 -14.48 3.55
C LEU A 311 -18.63 -15.90 4.07
N VAL A 312 -19.31 -16.73 3.29
CA VAL A 312 -19.69 -18.07 3.69
C VAL A 312 -18.93 -19.06 2.81
N LEU A 313 -18.27 -20.02 3.45
CA LEU A 313 -17.49 -21.05 2.75
C LEU A 313 -18.25 -22.37 2.78
N ALA A 314 -18.45 -22.96 1.61
CA ALA A 314 -19.20 -24.20 1.50
C ALA A 314 -18.35 -25.37 1.96
N THR A 315 -18.89 -26.18 2.89
CA THR A 315 -18.18 -27.35 3.39
C THR A 315 -19.06 -28.59 3.42
N GLY A 316 -20.25 -28.55 2.84
CA GLY A 316 -21.16 -29.68 2.92
C GLY A 316 -21.47 -30.34 1.58
N LEU A 317 -22.74 -30.60 1.33
CA LEU A 317 -23.20 -31.30 0.15
C LEU A 317 -24.34 -30.53 -0.51
N ARG A 318 -24.53 -30.76 -1.80
CA ARG A 318 -25.58 -30.09 -2.54
C ARG A 318 -26.94 -30.61 -2.05
N ASN A 319 -27.61 -29.80 -1.24
CA ASN A 319 -28.90 -30.19 -0.71
C ASN A 319 -29.98 -30.09 -1.78
N SER A 320 -31.03 -30.88 -1.60
CA SER A 320 -32.15 -30.89 -2.54
C SER A 320 -33.28 -30.00 -2.06
N ALA A 334 -36.10 -45.64 -3.97
CA ALA A 334 -34.82 -45.38 -3.33
C ALA A 334 -33.67 -45.43 -4.34
N ILE A 335 -33.74 -44.57 -5.34
CA ILE A 335 -32.75 -44.51 -6.42
C ILE A 335 -32.05 -43.16 -6.35
N ALA A 336 -30.72 -43.18 -6.45
CA ALA A 336 -29.93 -41.97 -6.45
C ALA A 336 -28.64 -42.23 -7.23
N GLY A 337 -27.67 -41.32 -7.10
CA GLY A 337 -26.41 -41.45 -7.78
C GLY A 337 -26.38 -40.86 -9.18
N PHE A 338 -27.54 -40.84 -9.84
CA PHE A 338 -27.69 -40.17 -11.12
C PHE A 338 -28.91 -39.25 -11.13
N ILE A 339 -29.90 -39.49 -10.27
CA ILE A 339 -31.06 -38.64 -10.09
C ILE A 339 -30.97 -38.08 -8.68
N GLU A 340 -31.96 -37.27 -8.28
CA GLU A 340 -31.97 -36.57 -7.00
C GLU A 340 -31.47 -37.48 -5.88
N GLY A 341 -30.40 -37.05 -5.23
CA GLY A 341 -29.76 -37.86 -4.21
C GLY A 341 -30.22 -37.51 -2.80
N GLY A 342 -31.48 -37.10 -2.68
CA GLY A 342 -32.03 -36.74 -1.38
C GLY A 342 -32.32 -37.91 -0.49
N TRP A 343 -31.29 -38.74 -0.22
CA TRP A 343 -31.45 -39.91 0.62
C TRP A 343 -31.47 -39.47 2.08
N GLN A 344 -32.68 -39.07 2.52
CA GLN A 344 -32.86 -38.66 3.91
C GLN A 344 -32.69 -39.82 4.89
N GLY A 345 -32.75 -41.06 4.39
CA GLY A 345 -32.59 -42.20 5.28
C GLY A 345 -31.20 -42.30 5.88
N MET A 346 -30.17 -42.04 5.09
CA MET A 346 -28.79 -42.14 5.57
C MET A 346 -28.49 -40.97 6.50
N VAL A 347 -28.26 -41.28 7.78
CA VAL A 347 -27.94 -40.25 8.76
C VAL A 347 -26.66 -40.64 9.50
N ASP A 348 -25.80 -41.41 8.84
CA ASP A 348 -24.58 -41.91 9.49
C ASP A 348 -23.35 -41.76 8.61
N GLY A 349 -23.40 -40.96 7.55
CA GLY A 349 -22.25 -40.78 6.69
C GLY A 349 -22.60 -39.86 5.54
N TRP A 350 -21.60 -39.65 4.69
CA TRP A 350 -21.77 -38.78 3.51
C TRP A 350 -22.03 -39.58 2.24
N TYR A 351 -21.32 -40.69 2.03
CA TYR A 351 -21.54 -41.56 0.89
C TYR A 351 -21.86 -42.97 1.40
N GLY A 352 -22.73 -43.66 0.69
CA GLY A 352 -23.10 -44.99 1.10
C GLY A 352 -23.99 -45.67 0.07
N TYR A 353 -24.49 -46.84 0.45
CA TYR A 353 -25.35 -47.65 -0.41
C TYR A 353 -26.68 -47.89 0.28
N HIS A 354 -27.72 -48.05 -0.53
CA HIS A 354 -29.01 -48.54 -0.05
C HIS A 354 -29.24 -49.90 -0.69
N HIS A 355 -29.47 -50.91 0.15
CA HIS A 355 -29.61 -52.29 -0.30
C HIS A 355 -31.04 -52.75 -0.14
N SER A 356 -31.38 -53.82 -0.86
CA SER A 356 -32.73 -54.36 -0.83
C SER A 356 -32.72 -55.77 -1.38
N ASN A 357 -33.25 -56.72 -0.61
CA ASN A 357 -33.40 -58.11 -1.05
C ASN A 357 -34.60 -58.68 -0.32
N GLU A 358 -34.72 -60.02 -0.34
CA GLU A 358 -35.84 -60.67 0.34
C GLU A 358 -35.75 -60.50 1.85
N GLN A 359 -34.55 -60.41 2.40
CA GLN A 359 -34.40 -60.34 3.85
C GLN A 359 -34.80 -58.97 4.39
N GLY A 360 -34.41 -57.90 3.70
CA GLY A 360 -34.75 -56.56 4.17
C GLY A 360 -34.00 -55.50 3.39
N SER A 361 -33.94 -54.30 3.99
CA SER A 361 -33.32 -53.15 3.37
C SER A 361 -32.60 -52.33 4.43
N GLY A 362 -31.67 -51.49 3.97
CA GLY A 362 -30.91 -50.65 4.87
C GLY A 362 -30.02 -49.64 4.17
N TYR A 363 -29.76 -48.51 4.82
CA TYR A 363 -28.94 -47.45 4.25
C TYR A 363 -27.53 -47.56 4.83
N ALA A 364 -26.71 -48.42 4.20
CA ALA A 364 -25.34 -48.57 4.62
C ALA A 364 -24.51 -47.36 4.20
N ALA A 365 -23.32 -47.24 4.81
CA ALA A 365 -22.43 -46.11 4.53
C ALA A 365 -21.01 -46.62 4.37
N ASP A 366 -20.21 -45.85 3.64
CA ASP A 366 -18.80 -46.15 3.41
C ASP A 366 -17.95 -45.22 4.27
N LYS A 367 -17.15 -45.79 5.15
CA LYS A 367 -16.39 -44.98 6.11
C LYS A 367 -15.17 -44.32 5.47
N GLU A 368 -14.50 -45.03 4.54
CA GLU A 368 -13.23 -44.53 4.01
C GLU A 368 -13.42 -43.24 3.21
N SER A 369 -14.39 -43.24 2.29
CA SER A 369 -14.62 -42.05 1.47
C SER A 369 -15.09 -40.88 2.32
N THR A 370 -15.96 -41.14 3.29
CA THR A 370 -16.42 -40.07 4.18
C THR A 370 -15.26 -39.48 4.97
N GLN A 371 -14.39 -40.34 5.51
CA GLN A 371 -13.23 -39.85 6.25
C GLN A 371 -12.33 -39.01 5.36
N LYS A 372 -12.06 -39.49 4.14
CA LYS A 372 -11.21 -38.73 3.23
C LYS A 372 -11.81 -37.37 2.91
N ALA A 373 -13.12 -37.33 2.64
CA ALA A 373 -13.76 -36.07 2.28
C ALA A 373 -13.73 -35.09 3.46
N ILE A 374 -14.08 -35.56 4.66
CA ILE A 374 -14.11 -34.65 5.80
C ILE A 374 -12.72 -34.15 6.13
N ASP A 375 -11.71 -35.03 6.04
CA ASP A 375 -10.34 -34.60 6.28
C ASP A 375 -9.91 -33.55 5.27
N GLY A 376 -10.23 -33.75 3.99
CA GLY A 376 -9.84 -32.78 2.98
C GLY A 376 -10.50 -31.43 3.20
N VAL A 377 -11.81 -31.43 3.46
CA VAL A 377 -12.52 -30.17 3.67
C VAL A 377 -11.99 -29.45 4.91
N THR A 378 -11.78 -30.19 6.00
CA THR A 378 -11.25 -29.59 7.21
C THR A 378 -9.86 -29.01 6.97
N ASN A 379 -9.02 -29.73 6.23
CA ASN A 379 -7.68 -29.23 5.93
C ASN A 379 -7.75 -27.95 5.11
N LYS A 380 -8.65 -27.90 4.11
CA LYS A 380 -8.78 -26.68 3.32
C LYS A 380 -9.20 -25.50 4.18
N VAL A 381 -10.23 -25.68 5.01
CA VAL A 381 -10.73 -24.59 5.84
C VAL A 381 -9.66 -24.13 6.82
N ASN A 382 -8.99 -25.08 7.47
CA ASN A 382 -7.96 -24.73 8.44
C ASN A 382 -6.77 -24.03 7.78
N SER A 383 -6.38 -24.46 6.58
CA SER A 383 -5.29 -23.80 5.88
C SER A 383 -5.66 -22.36 5.55
N ILE A 384 -6.86 -22.14 5.00
CA ILE A 384 -7.28 -20.80 4.65
C ILE A 384 -7.33 -19.91 5.89
N ILE A 385 -7.82 -20.44 7.00
CA ILE A 385 -7.90 -19.64 8.23
C ILE A 385 -6.50 -19.37 8.78
N ASP A 386 -5.63 -20.37 8.78
CA ASP A 386 -4.37 -20.29 9.50
C ASP A 386 -3.29 -19.51 8.76
N LYS A 387 -3.35 -19.45 7.42
CA LYS A 387 -2.27 -18.80 6.70
C LYS A 387 -2.41 -17.28 6.70
N MET A 388 -2.57 -16.70 7.89
CA MET A 388 -2.64 -15.25 8.07
C MET A 388 -1.47 -14.78 8.91
N ASN A 389 -0.81 -13.71 8.45
CA ASN A 389 0.24 -13.06 9.21
C ASN A 389 -0.33 -11.82 9.86
N THR A 390 -0.28 -11.77 11.20
CA THR A 390 -0.86 -10.69 11.98
C THR A 390 0.22 -10.06 12.84
N GLN A 391 0.33 -8.74 12.78
CA GLN A 391 1.32 -7.99 13.55
C GLN A 391 0.65 -6.83 14.26
N PHE A 392 1.29 -6.36 15.32
CA PHE A 392 0.78 -5.23 16.09
C PHE A 392 0.83 -3.97 15.22
N GLU A 393 -0.33 -3.33 15.05
CA GLU A 393 -0.43 -2.09 14.29
C GLU A 393 -1.37 -1.14 15.01
N ALA A 394 -0.91 0.07 15.28
CA ALA A 394 -1.72 1.11 15.90
C ALA A 394 -2.14 2.10 14.83
N VAL A 395 -3.45 2.24 14.64
CA VAL A 395 -4.01 3.08 13.58
C VAL A 395 -4.75 4.24 14.22
N GLY A 396 -4.41 5.46 13.80
CA GLY A 396 -5.05 6.64 14.33
C GLY A 396 -5.06 7.79 13.32
N ARG A 397 -5.46 8.98 13.77
CA ARG A 397 -5.51 10.16 12.91
C ARG A 397 -4.97 11.34 13.73
N GLU A 398 -3.66 11.59 13.60
CA GLU A 398 -2.98 12.64 14.36
C GLU A 398 -2.28 13.58 13.38
N PHE A 399 -3.01 14.58 12.89
CA PHE A 399 -2.48 15.57 11.98
C PHE A 399 -3.27 16.86 12.15
N ASN A 400 -2.54 17.98 12.22
CA ASN A 400 -3.16 19.27 12.53
C ASN A 400 -3.81 19.85 11.28
N ASN A 401 -4.20 21.13 11.36
CA ASN A 401 -4.94 21.76 10.28
C ASN A 401 -4.04 22.08 9.08
N LEU A 402 -2.75 22.31 9.32
CA LEU A 402 -1.82 22.70 8.26
C LEU A 402 -1.01 21.52 7.72
N GLU A 403 -1.56 20.30 7.81
CA GLU A 403 -0.88 19.11 7.33
C GLU A 403 -1.86 18.19 6.60
N ARG A 404 -2.71 18.79 5.74
CA ARG A 404 -3.75 18.01 5.09
C ARG A 404 -3.20 17.06 4.03
N ARG A 405 -2.05 17.40 3.44
CA ARG A 405 -1.50 16.56 2.37
C ARG A 405 -1.11 15.18 2.88
N ILE A 406 -0.45 15.12 4.04
CA ILE A 406 -0.05 13.82 4.61
C ILE A 406 -1.29 13.03 5.03
N GLU A 407 -2.31 13.73 5.54
CA GLU A 407 -3.55 13.05 5.89
C GLU A 407 -4.21 12.45 4.66
N ASN A 408 -4.20 13.18 3.54
CA ASN A 408 -4.74 12.64 2.29
C ASN A 408 -3.94 11.44 1.82
N LEU A 409 -2.61 11.49 1.97
CA LEU A 409 -1.79 10.34 1.61
C LEU A 409 -2.15 9.12 2.45
N ASN A 410 -2.32 9.31 3.75
CA ASN A 410 -2.69 8.21 4.63
C ASN A 410 -4.05 7.64 4.26
N LYS A 411 -5.01 8.52 3.95
CA LYS A 411 -6.34 8.06 3.55
C LYS A 411 -6.28 7.25 2.26
N LYS A 412 -5.47 7.71 1.29
CA LYS A 412 -5.32 6.96 0.06
C LYS A 412 -4.72 5.58 0.31
N MET A 413 -3.71 5.51 1.18
CA MET A 413 -3.12 4.22 1.53
C MET A 413 -4.16 3.27 2.11
N GLU A 414 -4.94 3.77 3.08
CA GLU A 414 -5.95 2.93 3.73
C GLU A 414 -6.99 2.45 2.75
N ASP A 415 -7.46 3.35 1.88
CA ASP A 415 -8.48 2.97 0.90
C ASP A 415 -7.96 1.92 -0.07
N GLY A 416 -6.71 2.09 -0.54
CA GLY A 416 -6.14 1.10 -1.44
C GLY A 416 -6.04 -0.27 -0.80
N PHE A 417 -5.54 -0.31 0.44
CA PHE A 417 -5.43 -1.60 1.12
C PHE A 417 -6.80 -2.24 1.33
N LEU A 418 -7.80 -1.44 1.70
CA LEU A 418 -9.14 -1.98 1.91
C LEU A 418 -9.69 -2.57 0.62
N ASP A 419 -9.55 -1.86 -0.51
CA ASP A 419 -10.06 -2.37 -1.77
C ASP A 419 -9.36 -3.66 -2.17
N VAL A 420 -8.03 -3.71 -2.03
CA VAL A 420 -7.29 -4.91 -2.38
C VAL A 420 -7.78 -6.10 -1.58
N TRP A 421 -7.87 -5.93 -0.26
CA TRP A 421 -8.27 -7.04 0.60
C TRP A 421 -9.69 -7.51 0.29
N THR A 422 -10.61 -6.56 0.10
CA THR A 422 -12.00 -6.94 -0.19
C THR A 422 -12.10 -7.75 -1.48
N TYR A 423 -11.49 -7.23 -2.55
CA TYR A 423 -11.58 -7.91 -3.84
C TYR A 423 -10.96 -9.31 -3.76
N ASN A 424 -9.77 -9.41 -3.15
CA ASN A 424 -9.12 -10.71 -3.06
C ASN A 424 -9.94 -11.70 -2.25
N ALA A 425 -10.50 -11.26 -1.12
CA ALA A 425 -11.28 -12.16 -0.28
C ALA A 425 -12.50 -12.67 -1.02
N GLU A 426 -13.23 -11.78 -1.69
CA GLU A 426 -14.45 -12.21 -2.38
C GLU A 426 -14.12 -13.18 -3.50
N LEU A 427 -13.11 -12.87 -4.31
CA LEU A 427 -12.75 -13.77 -5.41
C LEU A 427 -12.29 -15.12 -4.89
N LEU A 428 -11.48 -15.13 -3.82
CA LEU A 428 -11.02 -16.39 -3.25
C LEU A 428 -12.19 -17.23 -2.74
N VAL A 429 -13.15 -16.59 -2.07
CA VAL A 429 -14.29 -17.34 -1.54
C VAL A 429 -15.08 -17.97 -2.68
N LEU A 430 -15.35 -17.20 -3.74
CA LEU A 430 -16.10 -17.76 -4.85
C LEU A 430 -15.36 -18.92 -5.50
N MET A 431 -14.06 -18.74 -5.75
CA MET A 431 -13.29 -19.78 -6.40
C MET A 431 -13.22 -21.06 -5.56
N GLU A 432 -13.04 -20.90 -4.25
CA GLU A 432 -12.94 -22.06 -3.38
C GLU A 432 -14.28 -22.79 -3.26
N ASN A 433 -15.38 -22.04 -3.23
CA ASN A 433 -16.69 -22.70 -3.24
C ASN A 433 -16.89 -23.51 -4.52
N GLU A 434 -16.50 -22.93 -5.67
CA GLU A 434 -16.61 -23.66 -6.93
C GLU A 434 -15.78 -24.93 -6.88
N ARG A 435 -14.53 -24.82 -6.41
CA ARG A 435 -13.65 -25.98 -6.34
C ARG A 435 -14.22 -27.05 -5.41
N THR A 436 -14.77 -26.64 -4.27
CA THR A 436 -15.29 -27.61 -3.31
C THR A 436 -16.54 -28.32 -3.83
N LEU A 437 -17.36 -27.63 -4.62
CA LEU A 437 -18.62 -28.24 -5.05
C LEU A 437 -18.46 -29.25 -6.18
N ASP A 438 -17.25 -29.74 -6.46
CA ASP A 438 -17.04 -30.79 -7.45
C ASP A 438 -16.29 -32.00 -6.91
N PHE A 439 -15.57 -31.86 -5.80
CA PHE A 439 -14.83 -32.98 -5.21
C PHE A 439 -15.78 -34.09 -4.79
N HIS A 440 -16.94 -33.73 -4.23
CA HIS A 440 -17.92 -34.72 -3.83
C HIS A 440 -18.49 -35.46 -5.04
N ASP A 441 -18.75 -34.74 -6.13
CA ASP A 441 -19.26 -35.37 -7.34
C ASP A 441 -18.22 -36.35 -7.88
N SER A 442 -16.95 -35.95 -7.90
CA SER A 442 -15.90 -36.85 -8.35
C SER A 442 -15.82 -38.09 -7.47
N ASN A 443 -15.93 -37.92 -6.15
CA ASN A 443 -15.90 -39.07 -5.25
C ASN A 443 -17.07 -40.02 -5.51
N VAL A 444 -18.27 -39.46 -5.73
CA VAL A 444 -19.43 -40.30 -5.99
C VAL A 444 -19.26 -41.07 -7.28
N LYS A 445 -18.74 -40.41 -8.32
CA LYS A 445 -18.50 -41.10 -9.59
C LYS A 445 -17.46 -42.20 -9.42
N ASN A 446 -16.40 -41.95 -8.65
CA ASN A 446 -15.39 -42.97 -8.41
C ASN A 446 -15.97 -44.15 -7.67
N LEU A 447 -16.84 -43.89 -6.68
CA LEU A 447 -17.48 -44.99 -5.95
C LEU A 447 -18.38 -45.80 -6.87
N TYR A 448 -19.13 -45.12 -7.75
CA TYR A 448 -19.98 -45.84 -8.69
C TYR A 448 -19.14 -46.70 -9.64
N ASP A 449 -18.01 -46.18 -10.11
CA ASP A 449 -17.13 -46.99 -10.95
C ASP A 449 -16.57 -48.18 -10.19
N LYS A 450 -16.19 -47.98 -8.93
CA LYS A 450 -15.67 -49.08 -8.12
C LYS A 450 -16.72 -50.15 -7.91
N VAL A 451 -17.99 -49.76 -7.73
CA VAL A 451 -19.06 -50.74 -7.61
C VAL A 451 -19.17 -51.56 -8.89
N ARG A 452 -18.94 -50.94 -10.04
CA ARG A 452 -18.94 -51.63 -11.32
C ARG A 452 -17.66 -52.47 -11.41
N LEU A 453 -17.41 -53.03 -12.60
CA LEU A 453 -16.26 -53.88 -12.91
C LEU A 453 -15.98 -54.92 -11.82
N GLN A 454 -17.03 -55.27 -11.07
CA GLN A 454 -16.94 -56.31 -10.06
C GLN A 454 -18.09 -57.30 -10.24
N LEU A 455 -19.23 -56.79 -10.71
CA LEU A 455 -20.36 -57.63 -11.07
C LEU A 455 -20.36 -57.99 -12.55
N ARG A 456 -19.69 -57.18 -13.37
CA ARG A 456 -19.54 -57.43 -14.80
C ARG A 456 -20.88 -57.62 -15.49
N ASP A 457 -21.28 -58.86 -15.77
CA ASP A 457 -22.51 -59.11 -16.51
C ASP A 457 -23.57 -59.86 -15.70
N ASN A 458 -23.34 -60.09 -14.41
CA ASN A 458 -24.37 -60.72 -13.59
C ASN A 458 -25.50 -59.77 -13.23
N ALA A 459 -25.35 -58.48 -13.50
CA ALA A 459 -26.37 -57.50 -13.18
C ALA A 459 -26.60 -56.57 -14.36
N LYS A 460 -27.81 -56.02 -14.43
CA LYS A 460 -28.18 -55.07 -15.47
C LYS A 460 -28.06 -53.66 -14.90
N GLU A 461 -27.27 -52.82 -15.57
CA GLU A 461 -27.16 -51.42 -15.18
C GLU A 461 -28.41 -50.69 -15.66
N LEU A 462 -29.33 -50.39 -14.74
CA LEU A 462 -30.56 -49.73 -15.09
C LEU A 462 -30.32 -48.32 -15.61
N GLY A 463 -29.14 -47.76 -15.38
CA GLY A 463 -28.84 -46.41 -15.78
C GLY A 463 -29.28 -45.36 -14.76
N ASN A 464 -30.28 -45.67 -13.95
CA ASN A 464 -30.77 -44.73 -12.95
C ASN A 464 -29.82 -44.57 -11.77
N GLY A 465 -28.78 -45.41 -11.68
CA GLY A 465 -27.84 -45.34 -10.59
C GLY A 465 -27.86 -46.60 -9.74
N CYS A 466 -28.38 -47.68 -10.31
CA CYS A 466 -28.55 -48.94 -9.60
C CYS A 466 -28.21 -50.09 -10.53
N PHE A 467 -27.95 -51.25 -9.92
CA PHE A 467 -27.69 -52.49 -10.64
C PHE A 467 -28.65 -53.55 -10.14
N GLU A 468 -29.22 -54.32 -11.08
CA GLU A 468 -30.19 -55.37 -10.76
C GLU A 468 -29.55 -56.72 -11.09
N PHE A 469 -29.24 -57.49 -10.05
CA PHE A 469 -28.58 -58.77 -10.24
C PHE A 469 -29.52 -59.76 -10.92
N TYR A 470 -29.00 -60.47 -11.93
CA TYR A 470 -29.74 -61.59 -12.50
C TYR A 470 -29.87 -62.74 -11.51
N HIS A 471 -28.78 -63.05 -10.81
CA HIS A 471 -28.76 -64.16 -9.86
C HIS A 471 -29.34 -63.72 -8.52
N LYS A 472 -29.27 -64.61 -7.54
CA LYS A 472 -29.81 -64.37 -6.21
C LYS A 472 -28.65 -64.07 -5.26
N CYS A 473 -28.56 -62.81 -4.82
CA CYS A 473 -27.55 -62.36 -3.88
C CYS A 473 -28.22 -61.96 -2.58
N ASP A 474 -27.75 -62.52 -1.47
CA ASP A 474 -28.33 -62.29 -0.15
C ASP A 474 -27.42 -61.41 0.68
N ASN A 475 -27.83 -61.18 1.94
CA ASN A 475 -27.18 -60.17 2.78
C ASN A 475 -25.69 -60.43 2.91
N GLU A 476 -25.27 -61.69 3.01
CA GLU A 476 -23.85 -61.99 3.10
C GLU A 476 -23.12 -61.62 1.80
N CYS A 477 -23.73 -61.94 0.66
CA CYS A 477 -23.13 -61.57 -0.63
C CYS A 477 -23.12 -60.05 -0.80
N MET A 478 -24.16 -59.38 -0.33
CA MET A 478 -24.21 -57.92 -0.44
C MET A 478 -23.13 -57.28 0.42
N GLU A 479 -22.95 -57.78 1.65
CA GLU A 479 -21.85 -57.30 2.49
C GLU A 479 -20.51 -57.59 1.86
N SER A 480 -20.38 -58.74 1.19
CA SER A 480 -19.13 -59.07 0.50
C SER A 480 -18.84 -58.08 -0.62
N VAL A 481 -19.84 -57.77 -1.44
CA VAL A 481 -19.61 -56.86 -2.56
C VAL A 481 -19.36 -55.44 -2.06
N ARG A 482 -19.95 -55.06 -0.92
CA ARG A 482 -19.55 -53.81 -0.29
C ARG A 482 -18.10 -53.88 0.18
N ASN A 483 -17.67 -55.03 0.71
CA ASN A 483 -16.31 -55.19 1.20
C ASN A 483 -15.28 -55.21 0.07
N GLY A 484 -15.72 -55.39 -1.18
CA GLY A 484 -14.81 -55.45 -2.30
C GLY A 484 -14.38 -56.83 -2.72
N THR A 485 -15.00 -57.88 -2.18
CA THR A 485 -14.67 -59.26 -2.52
C THR A 485 -15.92 -59.93 -3.06
N TYR A 486 -15.92 -60.25 -4.34
CA TYR A 486 -17.07 -60.86 -5.00
C TYR A 486 -16.60 -62.06 -5.83
N ASP A 487 -17.34 -63.16 -5.73
CA ASP A 487 -17.00 -64.40 -6.44
C ASP A 487 -17.85 -64.45 -7.72
N TYR A 488 -17.26 -63.97 -8.81
CA TYR A 488 -17.96 -64.00 -10.10
C TYR A 488 -18.29 -65.41 -10.58
N PRO A 489 -17.35 -66.37 -10.59
CA PRO A 489 -17.70 -67.72 -11.09
C PRO A 489 -18.77 -68.42 -10.26
N GLN A 490 -18.96 -68.02 -9.00
CA GLN A 490 -19.96 -68.67 -8.17
C GLN A 490 -21.36 -68.47 -8.74
N TYR A 491 -21.67 -67.26 -9.21
CA TYR A 491 -22.97 -66.94 -9.77
C TYR A 491 -22.92 -66.73 -11.28
N SER A 492 -21.81 -67.06 -11.94
CA SER A 492 -21.73 -66.90 -13.38
C SER A 492 -22.75 -67.76 -14.09
N GLU A 493 -22.84 -69.04 -13.73
CA GLU A 493 -23.80 -69.92 -14.37
C GLU A 493 -25.24 -69.54 -14.04
N GLU A 494 -25.49 -69.04 -12.83
CA GLU A 494 -26.83 -68.59 -12.48
C GLU A 494 -27.24 -67.37 -13.30
N ALA A 495 -26.32 -66.41 -13.45
CA ALA A 495 -26.60 -65.27 -14.32
C ALA A 495 -26.79 -65.70 -15.76
N ARG A 496 -26.06 -66.74 -16.20
CA ARG A 496 -26.25 -67.26 -17.55
C ARG A 496 -27.66 -67.82 -17.72
N LEU A 497 -28.09 -68.67 -16.78
CA LEU A 497 -29.41 -69.30 -16.94
C LEU A 497 -30.54 -68.28 -16.74
N LYS A 498 -30.29 -67.22 -15.98
CA LYS A 498 -31.31 -66.18 -15.84
C LYS A 498 -31.45 -65.34 -17.10
N ARG A 499 -30.38 -65.24 -17.90
CA ARG A 499 -30.40 -64.42 -19.12
C ARG A 499 -31.17 -65.18 -20.20
N GLU A 500 -32.49 -65.11 -20.11
CA GLU A 500 -33.39 -65.74 -21.07
C GLU A 500 -33.12 -67.23 -21.24
N ASP B 1 -26.57 -45.88 -40.62
CA ASP B 1 -27.26 -45.28 -39.47
C ASP B 1 -26.28 -45.08 -38.32
N GLN B 2 -25.96 -43.81 -38.02
CA GLN B 2 -25.02 -43.50 -36.96
C GLN B 2 -25.30 -42.10 -36.42
N ILE B 3 -25.05 -41.93 -35.12
CA ILE B 3 -25.20 -40.66 -34.44
C ILE B 3 -23.84 -40.27 -33.85
N CYS B 4 -23.42 -39.05 -34.10
CA CYS B 4 -22.13 -38.56 -33.65
C CYS B 4 -22.30 -37.27 -32.87
N ILE B 5 -21.38 -37.03 -31.95
CA ILE B 5 -21.42 -35.88 -31.05
C ILE B 5 -20.30 -34.92 -31.43
N GLY B 6 -20.63 -33.63 -31.48
CA GLY B 6 -19.66 -32.61 -31.85
C GLY B 6 -19.97 -31.27 -31.23
N TYR B 7 -19.28 -30.22 -31.66
CA TYR B 7 -19.46 -28.89 -31.12
C TYR B 7 -19.34 -27.86 -32.23
N HIS B 8 -19.61 -26.60 -31.86
CA HIS B 8 -19.68 -25.51 -32.82
C HIS B 8 -18.30 -25.11 -33.32
N ALA B 9 -18.27 -24.53 -34.52
CA ALA B 9 -17.05 -24.00 -35.11
C ALA B 9 -17.41 -22.86 -36.04
N ASN B 10 -16.51 -21.90 -36.17
CA ASN B 10 -16.74 -20.73 -37.01
C ASN B 10 -15.42 -20.28 -37.61
N ASN B 11 -15.42 -19.08 -38.19
CA ASN B 11 -14.26 -18.52 -38.87
C ASN B 11 -13.50 -17.52 -38.01
N SER B 12 -13.65 -17.60 -36.69
CA SER B 12 -13.00 -16.65 -35.80
C SER B 12 -11.50 -16.88 -35.77
N THR B 13 -10.77 -15.85 -35.33
CA THR B 13 -9.32 -15.92 -35.26
C THR B 13 -8.74 -15.33 -33.97
N GLU B 14 -9.56 -15.06 -32.97
CA GLU B 14 -9.06 -14.53 -31.71
C GLU B 14 -8.24 -15.57 -30.98
N GLN B 15 -7.27 -15.10 -30.19
CA GLN B 15 -6.34 -15.95 -29.47
C GLN B 15 -6.28 -15.57 -28.02
N VAL B 16 -6.25 -16.58 -27.14
CA VAL B 16 -6.15 -16.37 -25.70
C VAL B 16 -5.07 -17.28 -25.14
N ASP B 17 -4.50 -16.86 -24.01
CA ASP B 17 -3.40 -17.59 -23.38
C ASP B 17 -3.87 -18.22 -22.08
N THR B 18 -3.39 -19.43 -21.82
CA THR B 18 -3.69 -20.18 -20.62
C THR B 18 -2.42 -20.37 -19.80
N ILE B 19 -2.56 -20.99 -18.63
CA ILE B 19 -1.41 -21.23 -17.77
C ILE B 19 -0.51 -22.34 -18.32
N MET B 20 -1.00 -23.13 -19.27
CA MET B 20 -0.21 -24.23 -19.83
C MET B 20 0.17 -24.04 -21.29
N GLU B 21 -0.58 -23.24 -22.05
CA GLU B 21 -0.30 -23.11 -23.48
C GLU B 21 -0.58 -21.66 -23.87
N LYS B 22 0.09 -21.19 -24.93
CA LYS B 22 -0.01 -19.80 -25.36
C LYS B 22 -0.75 -19.69 -26.70
N ASN B 23 -1.66 -18.70 -26.76
CA ASN B 23 -2.59 -18.44 -27.85
C ASN B 23 -3.12 -19.67 -28.59
N VAL B 24 -3.83 -20.51 -27.85
CA VAL B 24 -4.82 -21.40 -28.45
C VAL B 24 -5.93 -20.56 -29.07
N THR B 25 -6.49 -21.04 -30.17
CA THR B 25 -7.54 -20.32 -30.89
C THR B 25 -8.91 -20.66 -30.32
N VAL B 26 -9.73 -19.63 -30.10
CA VAL B 26 -11.06 -19.78 -29.54
C VAL B 26 -12.07 -19.09 -30.45
N THR B 27 -13.33 -19.52 -30.34
CA THR B 27 -14.39 -18.96 -31.18
C THR B 27 -14.81 -17.57 -30.74
N HIS B 28 -14.94 -17.33 -29.43
CA HIS B 28 -15.37 -16.05 -28.91
C HIS B 28 -14.51 -15.66 -27.72
N ALA B 29 -14.36 -14.36 -27.52
CA ALA B 29 -13.57 -13.83 -26.41
C ALA B 29 -14.06 -12.44 -26.08
N GLN B 30 -13.73 -12.00 -24.87
CA GLN B 30 -14.12 -10.68 -24.38
C GLN B 30 -12.93 -10.01 -23.71
N ASP B 31 -12.77 -8.71 -23.96
CA ASP B 31 -11.68 -7.92 -23.38
C ASP B 31 -12.19 -7.16 -22.17
N ILE B 32 -11.34 -7.08 -21.14
CA ILE B 32 -11.71 -6.40 -19.90
C ILE B 32 -10.71 -5.31 -19.58
N LEU B 33 -10.07 -4.76 -20.63
CA LEU B 33 -9.11 -3.67 -20.46
C LEU B 33 -9.55 -2.50 -21.34
N GLU B 34 -9.57 -1.30 -20.77
CA GLU B 34 -9.98 -0.09 -21.47
C GLU B 34 -8.75 0.64 -21.98
N LYS B 35 -8.76 1.00 -23.27
CA LYS B 35 -7.61 1.63 -23.91
C LYS B 35 -7.99 2.82 -24.77
N THR B 36 -9.16 3.40 -24.56
CA THR B 36 -9.63 4.50 -25.40
C THR B 36 -10.07 5.68 -24.53
N HIS B 37 -9.92 6.88 -25.08
CA HIS B 37 -10.35 8.10 -24.43
C HIS B 37 -10.71 9.13 -25.50
N ASN B 38 -11.52 10.11 -25.10
CA ASN B 38 -11.98 11.14 -26.02
C ASN B 38 -10.95 12.24 -26.24
N GLY B 39 -9.93 12.33 -25.40
CA GLY B 39 -8.89 13.33 -25.56
C GLY B 39 -9.36 14.76 -25.36
N LYS B 40 -10.22 15.00 -24.37
CA LYS B 40 -10.71 16.33 -24.08
C LYS B 40 -11.05 16.43 -22.61
N LEU B 41 -11.10 17.66 -22.10
CA LEU B 41 -11.48 17.92 -20.72
C LEU B 41 -12.99 18.09 -20.64
N CYS B 42 -13.60 17.45 -19.65
CA CYS B 42 -15.04 17.45 -19.49
C CYS B 42 -15.40 17.75 -18.04
N ASP B 43 -16.67 18.12 -17.84
CA ASP B 43 -17.16 18.41 -16.50
C ASP B 43 -17.17 17.16 -15.64
N LEU B 44 -17.00 17.35 -14.34
CA LEU B 44 -17.02 16.26 -13.37
C LEU B 44 -18.33 16.33 -12.62
N ASN B 45 -19.24 15.39 -12.91
CA ASN B 45 -20.56 15.32 -12.29
C ASN B 45 -21.34 16.63 -12.48
N GLY B 46 -21.23 17.19 -13.68
CA GLY B 46 -21.99 18.39 -14.01
C GLY B 46 -21.43 19.69 -13.48
N VAL B 47 -20.20 19.69 -12.98
CA VAL B 47 -19.58 20.90 -12.45
C VAL B 47 -18.39 21.24 -13.32
N LYS B 48 -18.39 22.44 -13.89
CA LYS B 48 -17.31 22.86 -14.76
C LYS B 48 -16.03 23.12 -13.94
N PRO B 49 -14.88 22.71 -14.43
CA PRO B 49 -13.62 22.98 -13.72
C PRO B 49 -13.19 24.43 -13.93
N LEU B 50 -12.12 24.81 -13.25
CA LEU B 50 -11.55 26.15 -13.35
C LEU B 50 -10.31 26.10 -14.22
N ILE B 51 -10.31 26.88 -15.31
CA ILE B 51 -9.20 26.93 -16.25
C ILE B 51 -8.56 28.30 -16.15
N LEU B 52 -7.29 28.34 -15.76
CA LEU B 52 -6.57 29.58 -15.52
C LEU B 52 -5.77 30.06 -16.72
N LYS B 53 -5.77 29.30 -17.83
CA LYS B 53 -5.05 29.65 -19.05
C LYS B 53 -3.58 29.83 -18.72
N ASP B 54 -3.00 31.03 -18.90
CA ASP B 54 -1.57 31.25 -18.74
C ASP B 54 -1.22 31.90 -17.41
N CYS B 55 -2.07 31.77 -16.40
CA CYS B 55 -1.85 32.36 -15.10
C CYS B 55 -1.50 31.29 -14.07
N SER B 56 -1.35 31.73 -12.83
CA SER B 56 -1.09 30.86 -11.69
C SER B 56 -2.06 31.22 -10.58
N VAL B 57 -2.10 30.36 -9.55
CA VAL B 57 -3.03 30.58 -8.44
C VAL B 57 -2.69 31.87 -7.72
N ALA B 58 -1.41 32.09 -7.42
CA ALA B 58 -0.99 33.30 -6.73
C ALA B 58 -1.29 34.54 -7.55
N GLY B 59 -1.00 34.50 -8.85
CA GLY B 59 -1.28 35.64 -9.70
C GLY B 59 -2.76 35.92 -9.83
N TRP B 60 -3.57 34.86 -9.94
CA TRP B 60 -5.02 35.04 -10.02
C TRP B 60 -5.57 35.64 -8.73
N LEU B 61 -5.10 35.15 -7.57
CA LEU B 61 -5.61 35.66 -6.30
C LEU B 61 -5.18 37.10 -6.06
N LEU B 62 -3.89 37.41 -6.29
CA LEU B 62 -3.39 38.75 -5.99
C LEU B 62 -3.87 39.78 -7.00
N GLY B 63 -4.17 39.36 -8.24
CA GLY B 63 -4.65 40.29 -9.24
C GLY B 63 -3.54 40.87 -10.10
N ASN B 64 -2.75 40.02 -10.72
CA ASN B 64 -1.70 40.48 -11.62
C ASN B 64 -2.32 41.27 -12.77
N PRO B 65 -1.80 42.46 -13.08
CA PRO B 65 -2.48 43.32 -14.06
C PRO B 65 -2.67 42.69 -15.43
N MET B 66 -1.69 41.91 -15.91
CA MET B 66 -1.76 41.30 -17.22
C MET B 66 -2.25 39.86 -17.17
N CYS B 67 -2.91 39.48 -16.09
CA CYS B 67 -3.35 38.10 -15.88
C CYS B 67 -4.86 37.95 -15.79
N ASP B 68 -5.52 38.69 -14.90
CA ASP B 68 -6.89 38.41 -14.52
C ASP B 68 -7.82 39.53 -14.98
N GLU B 69 -9.04 39.14 -15.37
CA GLU B 69 -10.08 40.08 -15.74
C GLU B 69 -11.06 40.28 -14.58
N PHE B 70 -11.70 39.20 -14.13
CA PHE B 70 -12.63 39.22 -13.01
C PHE B 70 -12.82 37.75 -12.60
N ILE B 71 -13.62 37.49 -11.58
CA ILE B 71 -13.60 36.20 -10.92
C ILE B 71 -14.40 35.15 -11.69
N ARG B 72 -15.71 35.35 -11.80
CA ARG B 72 -16.60 34.39 -12.46
C ARG B 72 -16.58 33.03 -11.77
N VAL B 73 -17.48 32.14 -12.18
CA VAL B 73 -17.43 30.73 -11.78
C VAL B 73 -17.50 30.59 -10.27
N PRO B 74 -18.68 30.82 -9.65
CA PRO B 74 -18.76 30.78 -8.19
C PRO B 74 -18.42 29.41 -7.59
N GLU B 75 -18.48 28.33 -8.37
CA GLU B 75 -18.14 27.01 -7.88
C GLU B 75 -17.41 26.23 -8.96
N TRP B 76 -16.56 25.30 -8.53
CA TRP B 76 -15.80 24.47 -9.45
C TRP B 76 -15.43 23.17 -8.75
N SER B 77 -14.99 22.20 -9.54
CA SER B 77 -14.61 20.88 -9.04
C SER B 77 -13.11 20.66 -8.98
N TYR B 78 -12.35 21.14 -9.97
CA TYR B 78 -10.90 20.99 -9.97
C TYR B 78 -10.30 22.11 -10.81
N ILE B 79 -9.00 22.32 -10.62
CA ILE B 79 -8.28 23.41 -11.25
C ILE B 79 -7.36 22.85 -12.33
N VAL B 80 -7.39 23.45 -13.51
CA VAL B 80 -6.51 23.08 -14.62
C VAL B 80 -5.49 24.20 -14.78
N GLU B 81 -4.22 23.86 -14.67
CA GLU B 81 -3.13 24.81 -14.75
C GLU B 81 -2.06 24.31 -15.70
N ARG B 82 -1.46 25.23 -16.46
CA ARG B 82 -0.40 24.84 -17.38
C ARG B 82 0.88 24.50 -16.61
N ALA B 83 1.78 23.80 -17.31
CA ALA B 83 3.01 23.34 -16.67
C ALA B 83 3.89 24.51 -16.23
N ASN B 84 4.02 25.52 -17.09
CA ASN B 84 4.86 26.69 -16.79
C ASN B 84 4.05 27.96 -17.03
N PRO B 85 3.33 28.44 -16.02
CA PRO B 85 2.59 29.69 -16.17
C PRO B 85 3.51 30.85 -16.49
N ALA B 86 3.04 31.76 -17.33
CA ALA B 86 3.83 32.92 -17.74
C ALA B 86 3.69 34.07 -16.76
N ASN B 87 2.46 34.53 -16.52
CA ASN B 87 2.21 35.67 -15.64
C ASN B 87 2.01 35.15 -14.22
N ASP B 88 2.99 35.39 -13.35
CA ASP B 88 2.92 34.96 -11.96
C ASP B 88 3.91 35.76 -11.15
N LEU B 89 3.40 36.57 -10.21
CA LEU B 89 4.23 37.35 -9.30
C LEU B 89 5.18 38.27 -10.08
N CYS B 90 4.58 39.24 -10.76
CA CYS B 90 5.35 40.19 -11.56
C CYS B 90 6.43 40.85 -10.73
N TYR B 91 6.08 41.32 -9.54
CA TYR B 91 7.09 41.83 -8.61
C TYR B 91 7.72 40.65 -7.89
N PRO B 92 9.06 40.56 -7.86
CA PRO B 92 9.70 39.39 -7.25
C PRO B 92 9.35 39.24 -5.78
N GLY B 93 9.22 38.00 -5.34
CA GLY B 93 8.84 37.73 -3.97
C GLY B 93 8.42 36.28 -3.81
N SER B 94 7.61 36.03 -2.78
CA SER B 94 7.12 34.68 -2.50
C SER B 94 5.83 34.77 -1.71
N LEU B 95 5.10 33.66 -1.69
CA LEU B 95 3.86 33.53 -0.94
C LEU B 95 4.02 32.43 0.10
N ASN B 96 3.71 32.75 1.35
CA ASN B 96 3.89 31.79 2.43
C ASN B 96 2.81 30.70 2.37
N ASP B 97 3.23 29.46 2.62
CA ASP B 97 2.34 28.30 2.64
C ASP B 97 1.58 28.19 1.32
N TYR B 98 2.31 28.28 0.22
CA TYR B 98 1.68 28.24 -1.11
C TYR B 98 1.00 26.90 -1.36
N GLU B 99 1.67 25.80 -0.99
CA GLU B 99 1.12 24.48 -1.30
C GLU B 99 -0.15 24.21 -0.51
N GLU B 100 -0.20 24.60 0.76
CA GLU B 100 -1.40 24.39 1.57
C GLU B 100 -2.57 25.18 1.00
N LEU B 101 -2.34 26.44 0.60
CA LEU B 101 -3.40 27.22 -0.02
C LEU B 101 -3.86 26.59 -1.32
N LYS B 102 -2.92 26.11 -2.13
CA LYS B 102 -3.27 25.45 -3.39
C LYS B 102 -4.15 24.23 -3.13
N HIS B 103 -3.80 23.42 -2.14
CA HIS B 103 -4.58 22.23 -1.85
C HIS B 103 -5.96 22.60 -1.29
N MET B 104 -6.03 23.64 -0.46
CA MET B 104 -7.30 24.02 0.15
C MET B 104 -8.22 24.68 -0.86
N LEU B 105 -7.68 25.29 -1.91
CA LEU B 105 -8.49 25.92 -2.94
C LEU B 105 -8.83 24.98 -4.10
N SER B 106 -8.86 23.68 -3.85
CA SER B 106 -9.12 22.73 -4.94
C SER B 106 -10.60 22.71 -5.32
N ARG B 107 -11.47 22.36 -4.38
CA ARG B 107 -12.91 22.32 -4.60
C ARG B 107 -13.57 23.33 -3.67
N ILE B 108 -14.29 24.29 -4.25
CA ILE B 108 -14.87 25.40 -3.51
C ILE B 108 -16.28 25.67 -4.02
N ASN B 109 -17.21 25.92 -3.10
CA ASN B 109 -18.56 26.33 -3.43
C ASN B 109 -18.79 27.76 -2.95
N HIS B 110 -19.47 28.55 -3.78
CA HIS B 110 -19.84 29.93 -3.45
C HIS B 110 -18.61 30.77 -3.14
N PHE B 111 -17.79 30.95 -4.18
CA PHE B 111 -16.59 31.77 -4.10
C PHE B 111 -16.90 33.15 -4.68
N GLU B 112 -16.93 34.16 -3.81
CA GLU B 112 -17.31 35.51 -4.19
C GLU B 112 -16.34 36.52 -3.60
N LYS B 113 -16.01 37.54 -4.37
CA LYS B 113 -15.09 38.60 -3.96
C LYS B 113 -15.87 39.81 -3.46
N ILE B 114 -15.45 40.35 -2.31
CA ILE B 114 -16.07 41.52 -1.72
C ILE B 114 -14.98 42.51 -1.32
N GLN B 115 -15.39 43.76 -1.12
CA GLN B 115 -14.50 44.82 -0.69
C GLN B 115 -14.69 45.08 0.80
N ILE B 116 -13.59 45.13 1.54
CA ILE B 116 -13.62 45.28 2.99
C ILE B 116 -13.12 46.66 3.41
N ILE B 117 -12.02 47.13 2.84
CA ILE B 117 -11.43 48.41 3.23
C ILE B 117 -11.36 49.33 2.01
N PRO B 118 -12.23 50.32 1.91
CA PRO B 118 -12.14 51.27 0.78
C PRO B 118 -10.88 52.12 0.88
N LYS B 119 -10.46 52.63 -0.28
CA LYS B 119 -9.28 53.48 -0.34
C LYS B 119 -9.47 54.80 0.40
N SER B 120 -10.71 55.18 0.69
CA SER B 120 -10.97 56.40 1.44
C SER B 120 -10.57 56.29 2.91
N SER B 121 -10.23 55.10 3.38
CA SER B 121 -9.86 54.88 4.77
C SER B 121 -8.42 55.26 5.08
N TRP B 122 -7.71 55.88 4.14
CA TRP B 122 -6.32 56.30 4.33
C TRP B 122 -6.20 57.77 3.99
N PRO B 123 -6.64 58.66 4.88
CA PRO B 123 -6.56 60.10 4.60
C PRO B 123 -5.19 60.70 4.88
N ASN B 124 -4.35 60.04 5.69
CA ASN B 124 -3.05 60.57 6.07
C ASN B 124 -1.90 59.87 5.37
N HIS B 125 -2.17 59.04 4.36
CA HIS B 125 -1.14 58.33 3.64
C HIS B 125 -1.40 58.43 2.14
N GLU B 126 -0.33 58.32 1.36
CA GLU B 126 -0.44 58.40 -0.09
C GLU B 126 -0.80 57.03 -0.65
N THR B 127 -1.79 56.99 -1.54
CA THR B 127 -2.27 55.75 -2.12
C THR B 127 -2.18 55.70 -3.63
N SER B 128 -1.76 56.77 -4.29
CA SER B 128 -1.71 56.83 -5.74
C SER B 128 -0.29 56.80 -6.29
N LEU B 129 0.69 56.44 -5.47
CA LEU B 129 2.08 56.40 -5.90
C LEU B 129 2.71 55.02 -5.85
N GLY B 130 2.01 54.01 -5.34
CA GLY B 130 2.56 52.68 -5.23
C GLY B 130 2.52 51.90 -6.53
N VAL B 131 3.35 52.31 -7.50
CA VAL B 131 3.42 51.65 -8.79
C VAL B 131 4.88 51.33 -9.10
N SER B 132 5.07 50.35 -9.97
CA SER B 132 6.40 49.93 -10.36
C SER B 132 6.39 49.49 -11.82
N ALA B 133 7.55 49.60 -12.47
CA ALA B 133 7.69 49.19 -13.85
C ALA B 133 7.75 47.67 -14.02
N ALA B 134 7.94 46.93 -12.94
CA ALA B 134 8.00 45.47 -13.01
C ALA B 134 6.65 44.84 -13.29
N CYS B 135 5.56 45.59 -13.16
CA CYS B 135 4.21 45.09 -13.43
C CYS B 135 3.52 46.06 -14.38
N PRO B 136 3.92 46.08 -15.65
CA PRO B 136 3.35 47.05 -16.59
C PRO B 136 1.91 46.72 -16.94
N TYR B 137 1.17 47.75 -17.33
CA TYR B 137 -0.21 47.61 -17.78
C TYR B 137 -0.44 48.62 -18.88
N GLN B 138 -0.58 48.13 -20.13
CA GLN B 138 -0.77 48.99 -21.30
C GLN B 138 0.36 50.01 -21.43
N GLY B 139 1.58 49.57 -21.14
CA GLY B 139 2.73 50.44 -21.26
C GLY B 139 2.92 51.43 -20.13
N ALA B 140 2.24 51.23 -19.00
CA ALA B 140 2.37 52.13 -17.87
C ALA B 140 2.62 51.33 -16.60
N PRO B 141 3.34 51.90 -15.64
CA PRO B 141 3.56 51.21 -14.36
C PRO B 141 2.24 50.98 -13.63
N SER B 142 2.16 49.85 -12.95
CA SER B 142 0.96 49.47 -12.20
C SER B 142 1.37 48.61 -11.02
N PHE B 143 0.38 47.95 -10.41
CA PHE B 143 0.61 47.10 -9.25
C PHE B 143 -0.56 46.12 -9.15
N PHE B 144 -0.50 45.26 -8.14
CA PHE B 144 -1.59 44.33 -7.91
C PHE B 144 -2.88 45.08 -7.60
N ARG B 145 -4.00 44.54 -8.07
CA ARG B 145 -5.27 45.23 -7.95
C ARG B 145 -5.99 44.95 -6.64
N ASN B 146 -5.64 43.88 -5.94
CA ASN B 146 -6.32 43.50 -4.70
C ASN B 146 -5.61 44.01 -3.44
N VAL B 147 -4.47 44.67 -3.58
CA VAL B 147 -3.74 45.21 -2.45
C VAL B 147 -3.33 46.64 -2.74
N VAL B 148 -2.99 47.37 -1.68
CA VAL B 148 -2.62 48.78 -1.77
C VAL B 148 -1.22 48.95 -1.17
N TRP B 149 -0.36 49.66 -1.90
CA TRP B 149 0.97 50.00 -1.43
C TRP B 149 0.96 51.43 -0.91
N LEU B 150 1.29 51.61 0.37
CA LEU B 150 1.18 52.89 1.03
C LEU B 150 2.54 53.58 1.09
N ILE B 151 2.55 54.89 0.80
CA ILE B 151 3.76 55.70 0.80
C ILE B 151 3.53 56.89 1.74
N LYS B 152 4.64 57.47 2.19
CA LYS B 152 4.57 58.60 3.09
C LYS B 152 3.93 59.80 2.41
N LYS B 153 3.27 60.65 3.20
CA LYS B 153 2.60 61.84 2.70
C LYS B 153 3.05 63.04 3.51
N ASN B 154 3.37 64.14 2.81
CA ASN B 154 3.83 65.37 3.45
C ASN B 154 5.04 65.13 4.34
N ASP B 155 5.95 64.26 3.88
CA ASP B 155 7.17 63.92 4.61
C ASP B 155 6.84 63.40 6.02
N ALA B 156 5.80 62.57 6.12
CA ALA B 156 5.40 62.01 7.40
C ALA B 156 4.75 60.65 7.17
N TYR B 157 4.73 59.85 8.22
CA TYR B 157 4.13 58.51 8.16
C TYR B 157 3.59 58.16 9.54
N PRO B 158 2.37 58.60 9.85
CA PRO B 158 1.79 58.30 11.15
C PRO B 158 1.48 56.81 11.29
N THR B 159 1.46 56.36 12.54
CA THR B 159 1.19 54.96 12.83
C THR B 159 -0.24 54.59 12.42
N ILE B 160 -0.40 53.34 11.99
CA ILE B 160 -1.67 52.84 11.46
C ILE B 160 -2.28 51.89 12.47
N LYS B 161 -3.55 52.11 12.82
CA LYS B 161 -4.29 51.22 13.70
C LYS B 161 -5.68 51.03 13.10
N ILE B 162 -5.99 49.82 12.68
CA ILE B 162 -7.27 49.51 12.04
C ILE B 162 -7.70 48.10 12.43
N SER B 163 -9.01 47.93 12.58
CA SER B 163 -9.62 46.66 12.94
C SER B 163 -10.82 46.41 12.05
N TYR B 164 -11.22 45.14 11.94
CA TYR B 164 -12.30 44.76 11.04
C TYR B 164 -13.15 43.66 11.66
N ASN B 165 -14.42 43.97 11.90
CA ASN B 165 -15.43 42.96 12.17
C ASN B 165 -15.79 42.19 10.89
N ASN B 166 -15.98 40.88 11.05
CA ASN B 166 -16.51 40.04 9.99
C ASN B 166 -18.00 39.85 10.24
N THR B 167 -18.82 40.67 9.59
CA THR B 167 -20.26 40.59 9.76
C THR B 167 -20.91 39.60 8.79
N ASN B 168 -20.16 39.07 7.84
CA ASN B 168 -20.71 38.08 6.93
C ASN B 168 -20.90 36.74 7.63
N ARG B 169 -21.70 35.88 7.00
CA ARG B 169 -22.06 34.59 7.59
C ARG B 169 -21.19 33.45 7.09
N GLU B 170 -20.16 33.75 6.30
CA GLU B 170 -19.27 32.74 5.76
C GLU B 170 -17.82 33.08 6.11
N ASP B 171 -16.95 32.09 5.91
CA ASP B 171 -15.53 32.30 6.16
C ASP B 171 -14.95 33.29 5.16
N LEU B 172 -13.95 34.04 5.60
CA LEU B 172 -13.34 35.10 4.81
C LEU B 172 -11.85 34.84 4.66
N LEU B 173 -11.33 35.09 3.46
CA LEU B 173 -9.92 34.91 3.14
C LEU B 173 -9.30 36.28 2.91
N ILE B 174 -8.23 36.58 3.65
CA ILE B 174 -7.57 37.88 3.61
C ILE B 174 -6.09 37.67 3.33
N LEU B 175 -5.50 38.56 2.54
CA LEU B 175 -4.08 38.51 2.21
C LEU B 175 -3.45 39.87 2.43
N TRP B 176 -2.23 39.87 2.94
CA TRP B 176 -1.46 41.09 3.14
C TRP B 176 0.01 40.77 2.88
N GLY B 177 0.86 41.80 2.95
CA GLY B 177 2.26 41.59 2.63
C GLY B 177 3.15 42.64 3.25
N ILE B 178 4.45 42.41 3.11
CA ILE B 178 5.49 43.31 3.61
C ILE B 178 6.54 43.48 2.53
N HIS B 179 7.10 44.68 2.44
CA HIS B 179 8.07 45.03 1.42
C HIS B 179 9.45 45.23 2.05
N HIS B 180 10.47 44.68 1.41
CA HIS B 180 11.85 44.82 1.84
C HIS B 180 12.56 45.84 0.97
N SER B 181 13.18 46.83 1.60
CA SER B 181 13.90 47.87 0.87
C SER B 181 15.30 47.39 0.50
N ASN B 182 16.06 48.26 -0.15
CA ASN B 182 17.41 47.94 -0.62
C ASN B 182 18.51 48.57 0.24
N ASN B 183 18.31 49.80 0.71
CA ASN B 183 19.32 50.48 1.52
C ASN B 183 18.64 51.51 2.40
N ALA B 184 19.43 52.13 3.27
CA ALA B 184 18.88 53.10 4.23
C ALA B 184 18.32 54.32 3.51
N GLU B 185 19.01 54.80 2.47
CA GLU B 185 18.54 55.99 1.76
C GLU B 185 17.20 55.73 1.09
N GLU B 186 17.05 54.57 0.45
CA GLU B 186 15.78 54.23 -0.17
C GLU B 186 14.68 54.09 0.87
N GLN B 187 15.00 53.48 2.02
CA GLN B 187 14.03 53.35 3.09
C GLN B 187 13.55 54.71 3.58
N THR B 188 14.49 55.65 3.76
CA THR B 188 14.11 57.00 4.18
C THR B 188 13.28 57.69 3.11
N ASN B 189 13.62 57.49 1.84
CA ASN B 189 12.86 58.11 0.75
C ASN B 189 11.43 57.60 0.72
N LEU B 190 11.24 56.30 0.95
CA LEU B 190 9.89 55.74 0.89
C LEU B 190 9.12 56.00 2.18
N TYR B 191 9.76 55.81 3.34
CA TYR B 191 9.11 55.99 4.62
C TYR B 191 10.02 56.82 5.53
N LYS B 192 9.42 57.74 6.28
CA LYS B 192 10.21 58.63 7.12
C LYS B 192 10.91 57.86 8.24
N ASN B 193 10.22 56.90 8.85
CA ASN B 193 10.79 56.16 9.97
C ASN B 193 11.92 55.26 9.49
N PRO B 194 13.04 55.20 10.21
CA PRO B 194 14.14 54.33 9.80
C PRO B 194 13.97 52.89 10.26
N ILE B 195 13.21 52.69 11.34
CA ILE B 195 12.94 51.37 11.89
C ILE B 195 11.43 51.17 11.93
N THR B 196 10.96 50.07 11.33
CA THR B 196 9.54 49.80 11.19
C THR B 196 9.22 48.39 11.65
N TYR B 197 7.92 48.12 11.82
CA TYR B 197 7.45 46.82 12.25
C TYR B 197 6.01 46.66 11.81
N ILE B 198 5.56 45.40 11.77
CA ILE B 198 4.19 45.05 11.40
C ILE B 198 3.64 44.08 12.44
N SER B 199 2.45 44.36 12.95
CA SER B 199 1.80 43.51 13.94
C SER B 199 0.41 43.13 13.43
N VAL B 200 0.13 41.83 13.38
CA VAL B 200 -1.17 41.31 12.96
C VAL B 200 -1.66 40.35 14.03
N GLY B 201 -2.91 40.52 14.45
CA GLY B 201 -3.45 39.69 15.50
C GLY B 201 -4.92 39.35 15.37
N THR B 202 -5.26 38.07 15.48
CA THR B 202 -6.65 37.62 15.50
C THR B 202 -6.88 36.77 16.74
N SER B 203 -8.04 36.11 16.82
CA SER B 203 -8.31 35.22 17.94
C SER B 203 -7.36 34.04 18.00
N THR B 204 -6.76 33.65 16.87
CA THR B 204 -5.83 32.54 16.83
C THR B 204 -4.49 32.88 16.16
N LEU B 205 -4.33 34.09 15.64
CA LEU B 205 -3.11 34.49 14.95
C LEU B 205 -2.38 35.55 15.75
N ASN B 206 -1.07 35.38 15.88
CA ASN B 206 -0.21 36.32 16.60
C ASN B 206 1.11 36.41 15.85
N GLN B 207 1.27 37.45 15.04
CA GLN B 207 2.42 37.57 14.15
C GLN B 207 3.04 38.96 14.30
N ARG B 208 4.37 39.00 14.24
CA ARG B 208 5.12 40.26 14.25
C ARG B 208 6.31 40.12 13.32
N LEU B 209 6.42 41.04 12.37
CA LEU B 209 7.45 40.98 11.34
C LEU B 209 8.21 42.29 11.27
N ALA B 210 9.45 42.20 10.79
CA ALA B 210 10.31 43.36 10.58
C ALA B 210 10.97 43.25 9.22
N PRO B 211 11.22 44.37 8.56
CA PRO B 211 11.87 44.31 7.24
C PRO B 211 13.33 43.92 7.35
N LYS B 212 13.85 43.35 6.27
CA LYS B 212 15.25 42.95 6.17
C LYS B 212 15.90 43.71 5.04
N ILE B 213 16.87 44.56 5.37
CA ILE B 213 17.54 45.41 4.40
C ILE B 213 18.91 44.80 4.09
N ALA B 214 19.12 44.42 2.84
CA ALA B 214 20.37 43.81 2.41
C ALA B 214 20.49 43.96 0.90
N THR B 215 21.59 43.47 0.36
CA THR B 215 21.86 43.51 -1.07
C THR B 215 21.50 42.17 -1.69
N ARG B 216 20.72 42.21 -2.78
CA ARG B 216 20.27 41.00 -3.45
C ARG B 216 20.42 41.17 -4.95
N SER B 217 20.48 40.04 -5.65
CA SER B 217 20.51 40.07 -7.11
C SER B 217 19.19 40.58 -7.67
N GLN B 218 19.28 41.26 -8.81
CA GLN B 218 18.12 41.89 -9.42
C GLN B 218 17.35 40.88 -10.28
N VAL B 219 16.04 40.84 -10.10
CA VAL B 219 15.14 40.03 -10.91
C VAL B 219 14.10 40.96 -11.53
N ASN B 220 13.96 40.89 -12.84
CA ASN B 220 13.09 41.79 -13.60
C ASN B 220 13.46 43.25 -13.38
N GLY B 221 14.75 43.51 -13.13
CA GLY B 221 15.21 44.86 -12.90
C GLY B 221 14.97 45.41 -11.52
N GLN B 222 14.45 44.60 -10.60
CA GLN B 222 14.14 45.04 -9.24
C GLN B 222 14.94 44.22 -8.25
N ARG B 223 15.58 44.90 -7.29
CA ARG B 223 16.32 44.23 -6.24
C ARG B 223 15.51 44.04 -4.96
N GLY B 224 14.30 44.58 -4.90
CA GLY B 224 13.46 44.42 -3.73
C GLY B 224 12.70 43.10 -3.73
N ARG B 225 12.05 42.82 -2.60
CA ARG B 225 11.27 41.62 -2.43
C ARG B 225 9.99 41.95 -1.69
N MET B 226 8.96 41.12 -1.91
CA MET B 226 7.68 41.26 -1.24
C MET B 226 7.17 39.89 -0.82
N ASP B 227 6.93 39.72 0.46
CA ASP B 227 6.44 38.46 1.02
C ASP B 227 4.99 38.64 1.45
N PHE B 228 4.13 37.71 1.04
CA PHE B 228 2.71 37.78 1.30
C PHE B 228 2.27 36.65 2.23
N PHE B 229 1.21 36.91 2.98
CA PHE B 229 0.65 35.96 3.94
C PHE B 229 -0.85 35.89 3.77
N TRP B 230 -1.46 34.88 4.37
CA TRP B 230 -2.90 34.68 4.27
C TRP B 230 -3.43 34.00 5.52
N THR B 231 -4.73 34.15 5.75
CA THR B 231 -5.38 33.54 6.90
C THR B 231 -6.87 33.42 6.60
N ILE B 232 -7.54 32.61 7.41
CA ILE B 232 -8.99 32.41 7.31
C ILE B 232 -9.65 33.04 8.52
N LEU B 233 -10.63 33.89 8.28
CA LEU B 233 -11.32 34.63 9.33
C LEU B 233 -12.65 33.96 9.65
N LYS B 234 -12.91 33.77 10.94
CA LYS B 234 -14.13 33.11 11.37
C LYS B 234 -15.35 33.99 11.13
N PRO B 235 -16.55 33.40 11.09
CA PRO B 235 -17.75 34.19 10.78
C PRO B 235 -18.03 35.32 11.77
N ASP B 236 -17.51 35.25 12.99
CA ASP B 236 -17.76 36.30 13.98
C ASP B 236 -16.48 36.75 14.67
N ASP B 237 -15.34 36.63 13.98
CA ASP B 237 -14.06 37.04 14.52
C ASP B 237 -13.67 38.41 13.98
N ALA B 238 -12.58 38.96 14.53
CA ALA B 238 -12.06 40.25 14.12
C ALA B 238 -10.55 40.16 13.96
N ILE B 239 -10.00 41.03 13.12
CA ILE B 239 -8.57 41.08 12.83
C ILE B 239 -8.08 42.51 13.03
N HIS B 240 -6.93 42.65 13.67
CA HIS B 240 -6.35 43.94 13.99
C HIS B 240 -5.01 44.10 13.31
N PHE B 241 -4.79 45.25 12.68
CA PHE B 241 -3.55 45.57 12.00
C PHE B 241 -2.87 46.74 12.69
N GLU B 242 -1.54 46.71 12.74
CA GLU B 242 -0.77 47.81 13.31
C GLU B 242 0.62 47.81 12.69
N SER B 243 1.01 48.93 12.09
CA SER B 243 2.32 49.04 11.46
C SER B 243 2.68 50.52 11.35
N ASN B 244 3.96 50.77 11.07
CA ASN B 244 4.44 52.13 10.87
C ASN B 244 5.36 52.23 9.66
N GLY B 245 5.21 51.34 8.70
CA GLY B 245 5.99 51.38 7.48
C GLY B 245 6.14 49.99 6.89
N ASN B 246 6.47 49.97 5.59
CA ASN B 246 6.69 48.74 4.84
C ASN B 246 5.47 47.81 4.91
N PHE B 247 4.28 48.40 4.89
CA PHE B 247 3.04 47.66 5.05
C PHE B 247 2.23 47.72 3.76
N ILE B 248 1.80 46.55 3.29
CA ILE B 248 0.92 46.44 2.13
C ILE B 248 -0.45 46.04 2.65
N ALA B 249 -1.43 46.93 2.50
CA ALA B 249 -2.74 46.70 3.11
C ALA B 249 -3.68 45.99 2.14
N PRO B 250 -4.56 45.14 2.66
CA PRO B 250 -5.56 44.49 1.81
C PRO B 250 -6.69 45.43 1.43
N GLU B 251 -7.32 45.11 0.31
CA GLU B 251 -8.48 45.87 -0.16
C GLU B 251 -9.68 44.98 -0.45
N TYR B 252 -9.46 43.77 -0.94
CA TYR B 252 -10.54 42.87 -1.31
C TYR B 252 -10.35 41.54 -0.59
N ALA B 253 -11.47 40.89 -0.28
CA ALA B 253 -11.47 39.59 0.38
C ALA B 253 -12.49 38.69 -0.29
N TYR B 254 -12.32 37.38 -0.11
CA TYR B 254 -13.14 36.38 -0.75
C TYR B 254 -13.98 35.63 0.28
N LYS B 255 -15.27 35.49 0.01
CA LYS B 255 -16.16 34.68 0.83
C LYS B 255 -16.10 33.25 0.33
N ILE B 256 -15.77 32.31 1.23
CA ILE B 256 -15.44 30.94 0.85
C ILE B 256 -16.24 29.97 1.70
N VAL B 257 -16.84 28.97 1.05
CA VAL B 257 -17.50 27.85 1.71
C VAL B 257 -16.95 26.57 1.11
N LYS B 258 -16.46 25.67 1.96
CA LYS B 258 -15.77 24.47 1.51
C LYS B 258 -16.42 23.23 2.08
N LYS B 259 -16.61 22.22 1.21
CA LYS B 259 -17.03 20.89 1.65
C LYS B 259 -16.57 19.89 0.59
N GLY B 260 -15.47 19.20 0.88
CA GLY B 260 -14.86 18.26 -0.03
C GLY B 260 -13.40 18.57 -0.27
N ASP B 261 -12.80 17.82 -1.18
CA ASP B 261 -11.40 18.01 -1.52
C ASP B 261 -11.11 17.42 -2.89
N SER B 262 -10.14 18.02 -3.58
CA SER B 262 -9.72 17.56 -4.90
C SER B 262 -8.23 17.90 -5.06
N THR B 263 -7.74 17.86 -6.29
CA THR B 263 -6.34 18.17 -6.58
C THR B 263 -6.27 19.08 -7.79
N ILE B 264 -5.04 19.51 -8.11
CA ILE B 264 -4.77 20.39 -9.22
C ILE B 264 -4.16 19.58 -10.36
N MET B 265 -4.66 19.78 -11.57
CA MET B 265 -4.21 19.04 -12.75
C MET B 265 -3.33 19.93 -13.62
N LYS B 266 -2.19 19.38 -14.02
CA LYS B 266 -1.27 20.04 -14.95
C LYS B 266 -1.51 19.43 -16.33
N SER B 267 -2.11 20.22 -17.22
CA SER B 267 -2.47 19.72 -18.55
C SER B 267 -2.61 20.90 -19.50
N GLY B 268 -2.61 20.59 -20.80
CA GLY B 268 -2.75 21.59 -21.82
C GLY B 268 -3.89 21.33 -22.79
N VAL B 269 -4.69 20.30 -22.51
CA VAL B 269 -5.83 19.99 -23.37
C VAL B 269 -6.93 21.02 -23.15
N GLU B 270 -7.79 21.16 -24.16
CA GLU B 270 -8.83 22.17 -24.17
C GLU B 270 -10.15 21.62 -23.63
N TYR B 271 -11.09 22.53 -23.42
CA TYR B 271 -12.42 22.18 -22.92
C TYR B 271 -13.26 21.60 -24.04
N GLY B 272 -14.19 20.71 -23.68
CA GLY B 272 -14.93 19.97 -24.68
C GLY B 272 -16.44 19.92 -24.51
N HIS B 273 -16.96 20.54 -23.44
CA HIS B 273 -18.39 20.58 -23.16
C HIS B 273 -18.98 19.17 -23.08
N CYS B 274 -18.51 18.42 -22.08
CA CYS B 274 -18.97 17.06 -21.86
C CYS B 274 -19.10 16.82 -20.35
N ASN B 275 -19.85 15.78 -20.01
CA ASN B 275 -20.04 15.37 -18.63
C ASN B 275 -19.55 13.93 -18.47
N THR B 276 -18.44 13.76 -17.78
CA THR B 276 -17.83 12.46 -17.55
C THR B 276 -17.79 12.17 -16.05
N LYS B 277 -17.23 11.01 -15.71
CA LYS B 277 -17.06 10.59 -14.33
C LYS B 277 -15.61 10.39 -13.93
N CYS B 278 -14.75 9.97 -14.86
CA CYS B 278 -13.33 9.82 -14.62
C CYS B 278 -12.57 10.73 -15.58
N GLN B 279 -11.58 11.45 -15.06
CA GLN B 279 -10.83 12.42 -15.84
C GLN B 279 -9.33 12.15 -15.72
N THR B 280 -8.63 12.28 -16.83
CA THR B 280 -7.19 12.11 -16.92
C THR B 280 -6.60 13.32 -17.62
N PRO B 281 -5.31 13.60 -17.40
CA PRO B 281 -4.69 14.77 -18.05
C PRO B 281 -4.69 14.70 -19.56
N VAL B 282 -4.80 13.51 -20.15
CA VAL B 282 -4.81 13.36 -21.60
C VAL B 282 -6.22 13.22 -22.17
N GLY B 283 -7.24 13.06 -21.33
CA GLY B 283 -8.59 12.93 -21.82
C GLY B 283 -9.51 12.40 -20.74
N ALA B 284 -10.75 12.16 -21.13
CA ALA B 284 -11.76 11.63 -20.23
C ALA B 284 -12.12 10.20 -20.62
N ILE B 285 -12.35 9.37 -19.62
CA ILE B 285 -12.61 7.94 -19.83
C ILE B 285 -13.94 7.59 -19.17
N ASN B 286 -14.76 6.81 -19.88
CA ASN B 286 -15.94 6.18 -19.32
C ASN B 286 -15.98 4.72 -19.75
N SER B 287 -16.29 3.84 -18.79
CA SER B 287 -16.27 2.40 -19.04
C SER B 287 -16.74 1.67 -17.79
N SER B 288 -16.99 0.38 -17.96
CA SER B 288 -17.29 -0.52 -16.85
C SER B 288 -16.18 -1.53 -16.59
N MET B 289 -15.12 -1.52 -17.41
CA MET B 289 -14.03 -2.46 -17.22
C MET B 289 -13.27 -2.15 -15.93
N PRO B 290 -12.76 -3.18 -15.25
CA PRO B 290 -12.07 -2.95 -13.98
C PRO B 290 -10.65 -2.42 -14.10
N PHE B 291 -10.05 -2.44 -15.28
CA PHE B 291 -8.65 -2.08 -15.44
C PHE B 291 -8.48 -1.13 -16.62
N HIS B 292 -7.42 -0.33 -16.55
CA HIS B 292 -7.08 0.62 -17.61
C HIS B 292 -5.58 0.88 -17.57
N ASN B 293 -5.07 1.42 -18.68
CA ASN B 293 -3.64 1.70 -18.80
C ASN B 293 -3.38 3.05 -19.47
N ILE B 294 -4.26 4.02 -19.24
CA ILE B 294 -4.16 5.30 -19.96
C ILE B 294 -3.12 6.20 -19.31
N HIS B 295 -3.33 6.58 -18.04
CA HIS B 295 -2.45 7.52 -17.39
C HIS B 295 -2.41 7.27 -15.89
N PRO B 296 -1.24 7.33 -15.27
CA PRO B 296 -1.15 7.09 -13.82
C PRO B 296 -1.96 8.07 -12.99
N LEU B 297 -2.05 9.34 -13.40
CA LEU B 297 -2.73 10.36 -12.63
C LEU B 297 -4.20 10.43 -13.06
N THR B 298 -5.10 10.24 -12.10
CA THR B 298 -6.53 10.26 -12.37
C THR B 298 -7.25 11.00 -11.26
N ILE B 299 -8.48 11.42 -11.56
CA ILE B 299 -9.34 12.07 -10.58
C ILE B 299 -10.76 11.55 -10.76
N GLY B 300 -11.36 11.07 -9.68
CA GLY B 300 -12.71 10.57 -9.70
C GLY B 300 -12.78 9.07 -9.54
N GLU B 301 -13.91 8.51 -9.98
CA GLU B 301 -14.15 7.06 -9.90
C GLU B 301 -13.57 6.41 -11.15
N CYS B 302 -12.27 6.12 -11.09
CA CYS B 302 -11.56 5.55 -12.22
C CYS B 302 -11.19 4.10 -11.97
N PRO B 303 -11.07 3.29 -13.02
CA PRO B 303 -10.61 1.91 -12.84
C PRO B 303 -9.17 1.86 -12.38
N LYS B 304 -8.72 0.65 -12.07
CA LYS B 304 -7.37 0.45 -11.56
C LYS B 304 -6.36 0.53 -12.70
N TYR B 305 -5.14 0.93 -12.34
CA TYR B 305 -4.06 1.14 -13.31
C TYR B 305 -3.17 -0.09 -13.36
N VAL B 306 -2.92 -0.59 -14.57
CA VAL B 306 -2.06 -1.75 -14.78
C VAL B 306 -1.12 -1.44 -15.95
N LYS B 307 -0.05 -2.24 -16.03
CA LYS B 307 0.95 -2.07 -17.08
C LYS B 307 0.70 -2.94 -18.30
N SER B 308 -0.13 -3.97 -18.17
CA SER B 308 -0.33 -4.91 -19.27
C SER B 308 -0.99 -4.22 -20.47
N ASN B 309 -0.69 -4.74 -21.66
CA ASN B 309 -1.24 -4.21 -22.89
C ASN B 309 -2.45 -4.98 -23.40
N LYS B 310 -2.61 -6.24 -22.99
CA LYS B 310 -3.71 -7.06 -23.45
C LYS B 310 -4.21 -7.93 -22.29
N LEU B 311 -5.54 -8.01 -22.17
CA LEU B 311 -6.16 -8.78 -21.09
C LEU B 311 -7.48 -9.34 -21.64
N VAL B 312 -7.43 -10.56 -22.15
CA VAL B 312 -8.54 -11.15 -22.90
C VAL B 312 -9.01 -12.41 -22.16
N LEU B 313 -10.31 -12.49 -21.94
CA LEU B 313 -10.95 -13.66 -21.35
C LEU B 313 -11.61 -14.49 -22.45
N ALA B 314 -11.61 -15.82 -22.25
CA ALA B 314 -12.17 -16.76 -23.21
C ALA B 314 -13.60 -17.10 -22.82
N THR B 315 -14.52 -16.98 -23.77
CA THR B 315 -15.93 -17.27 -23.56
C THR B 315 -16.48 -18.18 -24.66
N GLY B 316 -15.66 -19.10 -25.14
CA GLY B 316 -16.07 -19.97 -26.20
C GLY B 316 -15.31 -21.27 -26.21
N LEU B 317 -15.49 -22.03 -27.29
CA LEU B 317 -14.84 -23.33 -27.45
C LEU B 317 -13.51 -23.17 -28.19
N ARG B 318 -12.76 -24.26 -28.25
CA ARG B 318 -11.48 -24.27 -28.96
C ARG B 318 -11.72 -24.49 -30.44
N ASN B 319 -11.34 -23.51 -31.25
CA ASN B 319 -11.51 -23.60 -32.69
C ASN B 319 -10.37 -24.39 -33.31
N SER B 320 -10.56 -24.79 -34.57
CA SER B 320 -9.56 -25.55 -35.29
C SER B 320 -9.53 -25.15 -36.77
N ILE B 335 -20.31 -36.97 -40.98
CA ILE B 335 -19.26 -37.98 -40.87
C ILE B 335 -18.08 -37.40 -40.10
N ALA B 336 -18.26 -37.28 -38.78
CA ALA B 336 -17.22 -36.78 -37.89
C ALA B 336 -17.49 -37.34 -36.50
N GLY B 337 -16.80 -36.79 -35.50
CA GLY B 337 -16.98 -37.28 -34.14
C GLY B 337 -16.52 -36.26 -33.14
N PHE B 338 -16.55 -36.67 -31.86
CA PHE B 338 -16.09 -35.78 -30.80
C PHE B 338 -14.64 -35.39 -31.00
N ILE B 339 -13.73 -36.37 -30.96
CA ILE B 339 -12.32 -36.04 -31.15
C ILE B 339 -11.97 -36.07 -32.63
N GLU B 340 -12.42 -35.06 -33.36
CA GLU B 340 -11.92 -34.75 -34.69
C GLU B 340 -11.68 -33.25 -34.79
N GLY B 341 -12.55 -32.48 -34.16
CA GLY B 341 -12.58 -31.04 -34.28
C GLY B 341 -14.01 -30.54 -34.17
N GLY B 342 -14.24 -29.34 -34.71
CA GLY B 342 -15.56 -28.75 -34.69
C GLY B 342 -16.35 -29.03 -35.96
N TRP B 343 -17.59 -28.55 -35.96
CA TRP B 343 -18.48 -28.66 -37.12
C TRP B 343 -18.80 -27.27 -37.61
N GLN B 344 -18.30 -26.93 -38.80
CA GLN B 344 -18.58 -25.61 -39.37
C GLN B 344 -20.05 -25.45 -39.72
N GLY B 345 -20.67 -26.51 -40.24
CA GLY B 345 -22.06 -26.44 -40.65
C GLY B 345 -23.05 -26.46 -39.50
N MET B 346 -22.60 -26.75 -38.28
CA MET B 346 -23.48 -26.80 -37.12
C MET B 346 -23.63 -25.39 -36.53
N VAL B 347 -24.53 -24.63 -37.14
CA VAL B 347 -24.91 -23.32 -36.63
C VAL B 347 -25.99 -23.51 -35.57
N ASP B 348 -26.27 -22.44 -34.81
CA ASP B 348 -27.36 -22.41 -33.83
C ASP B 348 -27.18 -23.51 -32.77
N GLY B 349 -26.13 -23.36 -32.00
CA GLY B 349 -25.90 -24.23 -30.86
C GLY B 349 -24.42 -24.43 -30.61
N TRP B 350 -24.11 -24.85 -29.38
CA TRP B 350 -22.75 -25.17 -28.97
C TRP B 350 -22.49 -26.67 -28.94
N TYR B 351 -23.41 -27.45 -28.38
CA TYR B 351 -23.35 -28.90 -28.39
C TYR B 351 -24.58 -29.44 -29.11
N GLY B 352 -24.43 -30.60 -29.74
CA GLY B 352 -25.55 -31.18 -30.45
C GLY B 352 -25.16 -32.49 -31.11
N TYR B 353 -26.09 -33.00 -31.91
CA TYR B 353 -25.96 -34.31 -32.54
C TYR B 353 -26.03 -34.15 -34.05
N HIS B 354 -25.14 -34.83 -34.76
CA HIS B 354 -25.24 -34.98 -36.21
C HIS B 354 -25.93 -36.30 -36.51
N HIS B 355 -27.00 -36.24 -37.30
CA HIS B 355 -27.85 -37.39 -37.53
C HIS B 355 -27.75 -37.85 -38.98
N SER B 356 -27.85 -39.16 -39.19
CA SER B 356 -27.74 -39.72 -40.53
C SER B 356 -28.49 -41.05 -40.56
N ASN B 357 -29.65 -41.07 -41.20
CA ASN B 357 -30.41 -42.29 -41.46
C ASN B 357 -30.61 -42.44 -42.96
N GLU B 358 -31.40 -43.44 -43.35
CA GLU B 358 -31.65 -43.66 -44.77
C GLU B 358 -32.57 -42.58 -45.36
N GLN B 359 -33.31 -41.85 -44.53
CA GLN B 359 -34.09 -40.73 -45.05
C GLN B 359 -33.19 -39.59 -45.47
N GLY B 360 -32.13 -39.33 -44.71
CA GLY B 360 -31.23 -38.23 -45.03
C GLY B 360 -30.27 -37.98 -43.89
N SER B 361 -29.67 -36.79 -43.90
CA SER B 361 -28.71 -36.39 -42.88
C SER B 361 -28.93 -34.93 -42.53
N GLY B 362 -28.42 -34.54 -41.37
CA GLY B 362 -28.57 -33.16 -40.92
C GLY B 362 -27.93 -32.97 -39.56
N TYR B 363 -28.30 -31.86 -38.91
CA TYR B 363 -27.75 -31.49 -37.62
C TYR B 363 -28.88 -31.17 -36.65
N ALA B 364 -28.59 -31.33 -35.36
CA ALA B 364 -29.53 -31.00 -34.30
C ALA B 364 -28.74 -30.62 -33.06
N ALA B 365 -29.23 -29.63 -32.33
CA ALA B 365 -28.53 -29.08 -31.18
C ALA B 365 -29.27 -29.41 -29.89
N ASP B 366 -28.50 -29.53 -28.80
CA ASP B 366 -29.05 -29.77 -27.48
C ASP B 366 -29.20 -28.42 -26.78
N LYS B 367 -30.45 -28.01 -26.55
CA LYS B 367 -30.71 -26.66 -26.03
C LYS B 367 -30.29 -26.53 -24.57
N GLU B 368 -30.55 -27.56 -23.76
CA GLU B 368 -30.39 -27.43 -22.31
C GLU B 368 -28.91 -27.22 -21.94
N SER B 369 -28.03 -28.09 -22.43
CA SER B 369 -26.62 -27.98 -22.07
C SER B 369 -26.02 -26.67 -22.56
N THR B 370 -26.38 -26.26 -23.78
CA THR B 370 -25.91 -24.98 -24.29
C THR B 370 -26.37 -23.82 -23.42
N GLN B 371 -27.62 -23.85 -22.97
CA GLN B 371 -28.13 -22.77 -22.14
C GLN B 371 -27.44 -22.73 -20.79
N LYS B 372 -27.22 -23.90 -20.15
CA LYS B 372 -26.44 -23.92 -18.91
C LYS B 372 -25.04 -23.37 -19.12
N ALA B 373 -24.37 -23.77 -20.21
CA ALA B 373 -23.01 -23.29 -20.44
C ALA B 373 -22.97 -21.79 -20.65
N ILE B 374 -23.91 -21.26 -21.43
CA ILE B 374 -23.96 -19.82 -21.67
C ILE B 374 -24.21 -19.07 -20.37
N ASP B 375 -25.16 -19.55 -19.57
CA ASP B 375 -25.44 -18.90 -18.29
C ASP B 375 -24.22 -18.93 -17.38
N GLY B 376 -23.52 -20.06 -17.32
CA GLY B 376 -22.35 -20.15 -16.47
C GLY B 376 -21.25 -19.18 -16.89
N VAL B 377 -20.96 -19.13 -18.19
CA VAL B 377 -19.92 -18.23 -18.68
C VAL B 377 -20.30 -16.78 -18.42
N THR B 378 -21.56 -16.43 -18.67
CA THR B 378 -22.02 -15.06 -18.44
C THR B 378 -21.92 -14.70 -16.97
N ASN B 379 -22.30 -15.62 -16.08
CA ASN B 379 -22.20 -15.36 -14.65
C ASN B 379 -20.75 -15.18 -14.23
N LYS B 380 -19.85 -15.99 -14.76
CA LYS B 380 -18.43 -15.85 -14.44
C LYS B 380 -17.91 -14.47 -14.84
N VAL B 381 -18.18 -14.06 -16.08
CA VAL B 381 -17.70 -12.77 -16.55
C VAL B 381 -18.30 -11.63 -15.74
N ASN B 382 -19.61 -11.71 -15.48
CA ASN B 382 -20.28 -10.65 -14.73
C ASN B 382 -19.74 -10.55 -13.31
N SER B 383 -19.49 -11.70 -12.66
CA SER B 383 -18.93 -11.68 -11.31
C SER B 383 -17.55 -11.05 -11.31
N ILE B 384 -16.70 -11.44 -12.28
CA ILE B 384 -15.35 -10.88 -12.34
C ILE B 384 -15.41 -9.37 -12.53
N ILE B 385 -16.32 -8.89 -13.39
CA ILE B 385 -16.41 -7.46 -13.63
C ILE B 385 -16.97 -6.72 -12.41
N ASP B 386 -18.01 -7.27 -11.79
CA ASP B 386 -18.79 -6.53 -10.80
C ASP B 386 -18.30 -6.69 -9.37
N LYS B 387 -17.35 -7.60 -9.11
CA LYS B 387 -16.83 -7.72 -7.75
C LYS B 387 -15.77 -6.67 -7.42
N MET B 388 -15.67 -5.61 -8.21
CA MET B 388 -14.69 -4.55 -7.99
C MET B 388 -15.32 -3.39 -7.24
N ASN B 389 -14.61 -2.88 -6.24
CA ASN B 389 -15.05 -1.76 -5.43
C ASN B 389 -14.29 -0.50 -5.84
N THR B 390 -15.04 0.57 -6.14
CA THR B 390 -14.47 1.82 -6.62
C THR B 390 -14.80 2.94 -5.65
N GLN B 391 -13.82 3.80 -5.39
CA GLN B 391 -13.98 4.94 -4.50
C GLN B 391 -13.40 6.19 -5.14
N PHE B 392 -13.90 7.34 -4.72
CA PHE B 392 -13.41 8.61 -5.24
C PHE B 392 -12.00 8.87 -4.72
N GLU B 393 -11.09 9.23 -5.62
CA GLU B 393 -9.71 9.50 -5.27
C GLU B 393 -9.18 10.65 -6.11
N ALA B 394 -8.19 11.35 -5.56
CA ALA B 394 -7.52 12.44 -6.25
C ALA B 394 -6.01 12.20 -6.18
N VAL B 395 -5.38 12.04 -7.33
CA VAL B 395 -3.97 11.70 -7.43
C VAL B 395 -3.24 12.85 -8.10
N GLY B 396 -2.18 13.35 -7.47
CA GLY B 396 -1.40 14.43 -8.03
C GLY B 396 -0.15 14.66 -7.23
N ARG B 397 0.71 15.53 -7.77
CA ARG B 397 1.97 15.88 -7.13
C ARG B 397 1.81 17.23 -6.43
N GLU B 398 1.99 17.24 -5.11
CA GLU B 398 1.70 18.43 -4.30
C GLU B 398 2.83 18.68 -3.30
N PHE B 399 4.08 18.51 -3.72
CA PHE B 399 5.22 18.70 -2.83
C PHE B 399 6.28 19.56 -3.51
N ASN B 400 6.94 20.39 -2.72
CA ASN B 400 7.91 21.36 -3.23
C ASN B 400 9.30 20.74 -3.30
N ASN B 401 10.31 21.58 -3.51
CA ASN B 401 11.68 21.11 -3.67
C ASN B 401 12.32 20.65 -2.37
N LEU B 402 11.81 21.09 -1.23
CA LEU B 402 12.39 20.76 0.07
C LEU B 402 11.62 19.65 0.78
N GLU B 403 10.83 18.88 0.05
CA GLU B 403 10.04 17.78 0.61
C GLU B 403 10.17 16.54 -0.27
N ARG B 404 11.41 16.21 -0.64
CA ARG B 404 11.65 15.11 -1.58
C ARG B 404 11.37 13.75 -0.96
N ARG B 405 11.58 13.61 0.36
CA ARG B 405 11.39 12.32 1.00
C ARG B 405 9.94 11.87 0.96
N ILE B 406 9.01 12.79 1.21
CA ILE B 406 7.59 12.45 1.15
C ILE B 406 7.17 12.11 -0.27
N GLU B 407 7.75 12.82 -1.25
CA GLU B 407 7.48 12.51 -2.65
C GLU B 407 7.96 11.11 -2.99
N ASN B 408 9.14 10.73 -2.49
CA ASN B 408 9.64 9.38 -2.70
C ASN B 408 8.72 8.34 -2.06
N LEU B 409 8.21 8.65 -0.86
CA LEU B 409 7.27 7.73 -0.20
C LEU B 409 6.00 7.56 -1.03
N ASN B 410 5.48 8.65 -1.59
CA ASN B 410 4.28 8.57 -2.43
C ASN B 410 4.55 7.76 -3.69
N LYS B 411 5.73 7.95 -4.30
CA LYS B 411 6.09 7.16 -5.48
C LYS B 411 6.17 5.68 -5.14
N LYS B 412 6.71 5.36 -3.95
CA LYS B 412 6.74 3.96 -3.52
C LYS B 412 5.34 3.39 -3.37
N MET B 413 4.43 4.18 -2.77
CA MET B 413 3.02 3.79 -2.71
C MET B 413 2.49 3.40 -4.08
N GLU B 414 2.63 4.32 -5.04
CA GLU B 414 2.03 4.11 -6.36
C GLU B 414 2.64 2.91 -7.05
N ASP B 415 3.97 2.76 -6.98
CA ASP B 415 4.63 1.65 -7.64
C ASP B 415 4.22 0.32 -7.03
N GLY B 416 4.16 0.24 -5.69
CA GLY B 416 3.76 -1.00 -5.06
C GLY B 416 2.34 -1.41 -5.43
N PHE B 417 1.42 -0.44 -5.40
CA PHE B 417 0.04 -0.76 -5.76
C PHE B 417 -0.06 -1.21 -7.22
N LEU B 418 0.67 -0.54 -8.10
CA LEU B 418 0.64 -0.92 -9.52
C LEU B 418 1.16 -2.34 -9.71
N ASP B 419 2.27 -2.68 -9.06
CA ASP B 419 2.81 -4.03 -9.20
C ASP B 419 1.85 -5.08 -8.69
N VAL B 420 1.25 -4.84 -7.51
CA VAL B 420 0.31 -5.79 -6.94
C VAL B 420 -0.86 -6.03 -7.89
N TRP B 421 -1.47 -4.94 -8.37
CA TRP B 421 -2.63 -5.08 -9.23
C TRP B 421 -2.28 -5.78 -10.53
N THR B 422 -1.15 -5.42 -11.14
CA THR B 422 -0.77 -6.06 -12.40
C THR B 422 -0.57 -7.56 -12.23
N TYR B 423 0.19 -7.96 -11.21
CA TYR B 423 0.46 -9.38 -11.02
C TYR B 423 -0.83 -10.15 -10.76
N ASN B 424 -1.68 -9.62 -9.86
CA ASN B 424 -2.92 -10.31 -9.54
C ASN B 424 -3.82 -10.44 -10.76
N ALA B 425 -3.96 -9.37 -11.53
CA ALA B 425 -4.83 -9.40 -12.70
C ALA B 425 -4.34 -10.42 -13.72
N GLU B 426 -3.04 -10.43 -14.00
CA GLU B 426 -2.51 -11.35 -15.00
C GLU B 426 -2.70 -12.80 -14.56
N LEU B 427 -2.37 -13.11 -13.30
CA LEU B 427 -2.51 -14.48 -12.83
C LEU B 427 -3.97 -14.93 -12.83
N LEU B 428 -4.87 -14.05 -12.40
CA LEU B 428 -6.29 -14.39 -12.39
C LEU B 428 -6.81 -14.65 -13.80
N VAL B 429 -6.42 -13.80 -14.76
CA VAL B 429 -6.86 -13.99 -16.14
C VAL B 429 -6.38 -15.33 -16.67
N LEU B 430 -5.11 -15.66 -16.43
CA LEU B 430 -4.57 -16.92 -16.93
C LEU B 430 -5.32 -18.11 -16.32
N MET B 431 -5.51 -18.10 -15.00
CA MET B 431 -6.16 -19.22 -14.35
C MET B 431 -7.61 -19.38 -14.81
N GLU B 432 -8.34 -18.28 -14.92
CA GLU B 432 -9.74 -18.36 -15.33
C GLU B 432 -9.86 -18.80 -16.78
N ASN B 433 -8.95 -18.34 -17.65
CA ASN B 433 -8.95 -18.85 -19.02
C ASN B 433 -8.71 -20.35 -19.05
N GLU B 434 -7.77 -20.83 -18.24
CA GLU B 434 -7.52 -22.27 -18.15
C GLU B 434 -8.79 -23.01 -17.77
N ARG B 435 -9.46 -22.57 -16.70
CA ARG B 435 -10.67 -23.25 -16.24
C ARG B 435 -11.76 -23.23 -17.30
N THR B 436 -12.04 -22.05 -17.86
CA THR B 436 -13.15 -21.91 -18.80
C THR B 436 -12.91 -22.67 -20.09
N LEU B 437 -11.64 -22.80 -20.51
CA LEU B 437 -11.36 -23.44 -21.80
C LEU B 437 -11.77 -24.91 -21.77
N ASP B 438 -11.51 -25.61 -20.68
CA ASP B 438 -11.84 -27.03 -20.58
C ASP B 438 -13.09 -27.30 -19.74
N PHE B 439 -13.82 -26.26 -19.34
CA PHE B 439 -15.11 -26.50 -18.69
C PHE B 439 -16.08 -27.24 -19.61
N HIS B 440 -16.10 -26.91 -20.90
CA HIS B 440 -17.10 -27.45 -21.83
C HIS B 440 -16.86 -28.94 -22.14
N ASP B 441 -15.62 -29.41 -22.01
CA ASP B 441 -15.32 -30.80 -22.34
C ASP B 441 -16.10 -31.75 -21.44
N SER B 442 -16.27 -31.39 -20.17
CA SER B 442 -17.04 -32.24 -19.27
C SER B 442 -18.49 -32.34 -19.72
N ASN B 443 -19.08 -31.23 -20.17
CA ASN B 443 -20.46 -31.27 -20.65
C ASN B 443 -20.58 -32.17 -21.88
N VAL B 444 -19.63 -32.05 -22.82
CA VAL B 444 -19.69 -32.88 -24.02
C VAL B 444 -19.53 -34.35 -23.65
N LYS B 445 -18.61 -34.66 -22.75
CA LYS B 445 -18.44 -36.04 -22.29
C LYS B 445 -19.72 -36.56 -21.62
N ASN B 446 -20.38 -35.72 -20.83
CA ASN B 446 -21.61 -36.12 -20.17
C ASN B 446 -22.70 -36.45 -21.19
N LEU B 447 -22.83 -35.62 -22.23
CA LEU B 447 -23.78 -35.95 -23.30
C LEU B 447 -23.42 -37.29 -23.94
N TYR B 448 -22.13 -37.51 -24.21
CA TYR B 448 -21.71 -38.73 -24.87
C TYR B 448 -22.06 -39.97 -24.06
N ASP B 449 -21.67 -40.00 -22.77
CA ASP B 449 -21.93 -41.23 -22.04
C ASP B 449 -23.38 -41.35 -21.62
N LYS B 450 -24.14 -40.25 -21.58
CA LYS B 450 -25.59 -40.38 -21.43
C LYS B 450 -26.20 -41.11 -22.62
N VAL B 451 -25.79 -40.71 -23.83
CA VAL B 451 -26.28 -41.40 -25.03
C VAL B 451 -25.84 -42.86 -25.01
N ARG B 452 -24.59 -43.12 -24.60
CA ARG B 452 -24.10 -44.50 -24.53
C ARG B 452 -24.89 -45.32 -23.51
N LEU B 453 -25.20 -44.72 -22.35
CA LEU B 453 -25.95 -45.43 -21.33
C LEU B 453 -27.33 -45.81 -21.82
N GLN B 454 -28.00 -44.89 -22.53
CA GLN B 454 -29.30 -45.26 -23.08
C GLN B 454 -29.17 -46.29 -24.20
N LEU B 455 -28.09 -46.21 -24.99
CA LEU B 455 -27.94 -47.11 -26.13
C LEU B 455 -27.68 -48.54 -25.69
N ARG B 456 -26.79 -48.73 -24.72
CA ARG B 456 -26.34 -50.06 -24.27
C ARG B 456 -25.70 -50.76 -25.47
N ASP B 457 -26.02 -52.02 -25.75
CA ASP B 457 -25.33 -52.80 -26.76
C ASP B 457 -26.14 -52.98 -28.04
N ASN B 458 -27.18 -52.17 -28.24
CA ASN B 458 -27.96 -52.26 -29.47
C ASN B 458 -27.20 -51.78 -30.70
N ALA B 459 -26.06 -51.13 -30.53
CA ALA B 459 -25.23 -50.68 -31.64
C ALA B 459 -23.77 -50.90 -31.27
N LYS B 460 -22.89 -50.54 -32.21
CA LYS B 460 -21.44 -50.73 -32.04
C LYS B 460 -20.74 -49.39 -32.03
N GLU B 461 -19.81 -49.23 -31.10
CA GLU B 461 -19.01 -48.01 -31.02
C GLU B 461 -17.86 -48.07 -32.01
N LEU B 462 -17.83 -47.15 -32.96
CA LEU B 462 -16.74 -47.08 -33.92
C LEU B 462 -15.46 -46.53 -33.32
N GLY B 463 -15.53 -45.94 -32.12
CA GLY B 463 -14.37 -45.40 -31.45
C GLY B 463 -14.04 -43.97 -31.79
N ASN B 464 -14.66 -43.40 -32.83
CA ASN B 464 -14.44 -42.01 -33.21
C ASN B 464 -15.52 -41.07 -32.69
N GLY B 465 -16.49 -41.57 -31.93
CA GLY B 465 -17.56 -40.76 -31.39
C GLY B 465 -18.94 -41.06 -31.94
N CYS B 466 -19.10 -42.10 -32.75
CA CYS B 466 -20.39 -42.46 -33.32
C CYS B 466 -20.77 -43.87 -32.89
N PHE B 467 -22.04 -44.21 -33.11
CA PHE B 467 -22.58 -45.53 -32.82
C PHE B 467 -23.26 -46.06 -34.06
N GLU B 468 -22.82 -47.23 -34.54
CA GLU B 468 -23.35 -47.82 -35.77
C GLU B 468 -24.54 -48.69 -35.41
N PHE B 469 -25.75 -48.22 -35.74
CA PHE B 469 -26.97 -48.96 -35.43
C PHE B 469 -27.02 -50.27 -36.19
N TYR B 470 -27.33 -51.36 -35.48
CA TYR B 470 -27.59 -52.63 -36.15
C TYR B 470 -28.97 -52.64 -36.79
N HIS B 471 -29.96 -52.05 -36.14
CA HIS B 471 -31.33 -52.04 -36.61
C HIS B 471 -31.65 -50.70 -37.26
N LYS B 472 -32.89 -50.58 -37.75
CA LYS B 472 -33.34 -49.36 -38.40
C LYS B 472 -33.99 -48.44 -37.36
N CYS B 473 -33.57 -47.17 -37.37
CA CYS B 473 -34.10 -46.16 -36.46
C CYS B 473 -34.63 -45.00 -37.29
N ASP B 474 -35.95 -44.87 -37.35
CA ASP B 474 -36.59 -43.82 -38.12
C ASP B 474 -36.52 -42.49 -37.38
N ASN B 475 -37.03 -41.44 -38.02
CA ASN B 475 -36.94 -40.10 -37.45
C ASN B 475 -37.61 -40.02 -36.08
N GLU B 476 -38.73 -40.74 -35.90
CA GLU B 476 -39.36 -40.79 -34.58
C GLU B 476 -38.45 -41.44 -33.57
N CYS B 477 -37.82 -42.57 -33.94
CA CYS B 477 -36.87 -43.22 -33.03
C CYS B 477 -35.68 -42.33 -32.76
N MET B 478 -35.23 -41.58 -33.76
CA MET B 478 -34.06 -40.73 -33.62
C MET B 478 -34.36 -39.56 -32.67
N GLU B 479 -35.53 -38.93 -32.84
CA GLU B 479 -35.95 -37.89 -31.91
C GLU B 479 -36.19 -38.45 -30.52
N SER B 480 -36.65 -39.69 -30.41
CA SER B 480 -36.78 -40.33 -29.11
C SER B 480 -35.42 -40.51 -28.44
N VAL B 481 -34.42 -40.91 -29.22
CA VAL B 481 -33.06 -41.06 -28.68
C VAL B 481 -32.54 -39.72 -28.18
N ARG B 482 -32.74 -38.66 -28.97
CA ARG B 482 -32.29 -37.34 -28.55
C ARG B 482 -33.06 -36.88 -27.31
N ASN B 483 -34.37 -37.15 -27.26
CA ASN B 483 -35.18 -36.71 -26.13
C ASN B 483 -34.82 -37.48 -24.86
N GLY B 484 -34.51 -38.76 -24.98
CA GLY B 484 -34.20 -39.57 -23.81
C GLY B 484 -35.25 -40.62 -23.52
N THR B 485 -35.85 -41.18 -24.58
CA THR B 485 -36.84 -42.25 -24.45
C THR B 485 -36.51 -43.33 -25.49
N TYR B 486 -35.70 -44.30 -25.08
CA TYR B 486 -35.29 -45.40 -25.95
C TYR B 486 -35.80 -46.71 -25.37
N ASP B 487 -36.39 -47.54 -26.23
CA ASP B 487 -36.97 -48.82 -25.83
C ASP B 487 -36.06 -49.94 -26.31
N TYR B 488 -35.27 -50.48 -25.38
CA TYR B 488 -34.38 -51.59 -25.71
C TYR B 488 -35.11 -52.83 -26.21
N PRO B 489 -36.16 -53.33 -25.54
CA PRO B 489 -36.78 -54.59 -25.99
C PRO B 489 -37.39 -54.52 -27.38
N GLN B 490 -37.70 -53.33 -27.89
CA GLN B 490 -38.37 -53.23 -29.19
C GLN B 490 -37.48 -53.69 -30.32
N TYR B 491 -36.20 -53.32 -30.30
CA TYR B 491 -35.28 -53.63 -31.38
C TYR B 491 -34.27 -54.71 -31.01
N SER B 492 -34.36 -55.25 -29.78
CA SER B 492 -33.32 -56.14 -29.28
C SER B 492 -33.24 -57.43 -30.09
N GLU B 493 -34.39 -58.04 -30.41
CA GLU B 493 -34.37 -59.28 -31.17
C GLU B 493 -33.80 -59.07 -32.57
N GLU B 494 -34.18 -57.97 -33.23
CA GLU B 494 -33.65 -57.68 -34.56
C GLU B 494 -32.14 -57.49 -34.50
N ALA B 495 -31.67 -56.74 -33.51
CA ALA B 495 -30.22 -56.55 -33.36
C ALA B 495 -29.52 -57.87 -33.09
N ARG B 496 -30.17 -58.76 -32.33
CA ARG B 496 -29.59 -60.07 -32.04
C ARG B 496 -29.45 -60.90 -33.31
N LEU B 497 -30.48 -60.89 -34.17
CA LEU B 497 -30.36 -61.60 -35.45
C LEU B 497 -29.26 -60.98 -36.31
N LYS B 498 -29.19 -59.65 -36.36
CA LYS B 498 -28.15 -59.00 -37.14
C LYS B 498 -26.76 -59.22 -36.55
N ARG B 499 -26.66 -59.60 -35.28
CA ARG B 499 -25.38 -59.90 -34.66
C ARG B 499 -24.98 -61.33 -35.02
N GLU B 500 -23.89 -61.48 -35.77
CA GLU B 500 -23.43 -62.79 -36.20
C GLU B 500 -21.95 -62.76 -36.58
N ASP C 1 -0.28 -63.71 -21.01
CA ASP C 1 -0.03 -62.42 -21.63
C ASP C 1 -0.98 -61.36 -21.09
N GLN C 2 -0.44 -60.19 -20.78
CA GLN C 2 -1.23 -59.08 -20.26
C GLN C 2 -0.53 -57.77 -20.60
N ILE C 3 -1.32 -56.70 -20.69
CA ILE C 3 -0.81 -55.36 -20.92
C ILE C 3 -1.31 -54.46 -19.80
N CYS C 4 -0.40 -53.69 -19.21
CA CYS C 4 -0.73 -52.82 -18.09
C CYS C 4 -0.24 -51.40 -18.36
N ILE C 5 -0.87 -50.45 -17.68
CA ILE C 5 -0.56 -49.03 -17.82
C ILE C 5 -0.09 -48.52 -16.47
N GLY C 6 1.06 -47.86 -16.44
CA GLY C 6 1.63 -47.36 -15.20
C GLY C 6 2.28 -46.01 -15.37
N TYR C 7 3.03 -45.58 -14.36
CA TYR C 7 3.70 -44.28 -14.40
C TYR C 7 5.05 -44.37 -13.71
N HIS C 8 5.91 -43.41 -14.04
CA HIS C 8 7.30 -43.43 -13.59
C HIS C 8 7.40 -43.21 -12.09
N ALA C 9 8.40 -43.85 -11.48
CA ALA C 9 8.69 -43.68 -10.06
C ALA C 9 10.20 -43.75 -9.86
N ASN C 10 10.66 -43.17 -8.76
CA ASN C 10 12.08 -43.13 -8.46
C ASN C 10 12.25 -43.18 -6.93
N ASN C 11 13.46 -42.85 -6.46
CA ASN C 11 13.78 -42.88 -5.05
C ASN C 11 13.81 -41.50 -4.42
N SER C 12 13.20 -40.51 -5.06
CA SER C 12 13.17 -39.16 -4.51
C SER C 12 12.34 -39.10 -3.24
N THR C 13 12.77 -38.22 -2.31
CA THR C 13 12.09 -38.06 -1.03
C THR C 13 11.60 -36.63 -0.81
N GLU C 14 11.51 -35.84 -1.89
CA GLU C 14 11.02 -34.47 -1.75
C GLU C 14 9.53 -34.46 -1.41
N GLN C 15 9.13 -33.49 -0.60
CA GLN C 15 7.76 -33.38 -0.13
C GLN C 15 7.20 -32.00 -0.44
N VAL C 16 5.92 -31.96 -0.80
CA VAL C 16 5.20 -30.73 -1.10
C VAL C 16 3.89 -30.75 -0.33
N ASP C 17 3.23 -29.60 -0.31
CA ASP C 17 1.95 -29.44 0.37
C ASP C 17 0.89 -28.98 -0.61
N THR C 18 -0.33 -29.46 -0.40
CA THR C 18 -1.49 -29.11 -1.22
C THR C 18 -2.57 -28.50 -0.33
N ILE C 19 -3.67 -28.11 -0.97
CA ILE C 19 -4.80 -27.56 -0.21
C ILE C 19 -5.40 -28.61 0.70
N MET C 20 -5.56 -29.84 0.21
CA MET C 20 -6.22 -30.89 0.97
C MET C 20 -5.25 -31.75 1.77
N GLU C 21 -4.02 -31.97 1.29
CA GLU C 21 -3.09 -32.89 1.92
C GLU C 21 -1.77 -32.20 2.24
N LYS C 22 -1.05 -32.76 3.21
CA LYS C 22 0.21 -32.21 3.71
C LYS C 22 1.26 -33.31 3.80
N ASN C 23 2.51 -32.95 3.50
CA ASN C 23 3.59 -33.92 3.26
C ASN C 23 3.17 -35.00 2.27
N VAL C 24 3.08 -34.59 1.01
CA VAL C 24 2.93 -35.51 -0.12
C VAL C 24 4.27 -35.63 -0.83
N THR C 25 4.73 -36.86 -1.01
CA THR C 25 6.02 -37.11 -1.66
C THR C 25 5.87 -37.07 -3.17
N VAL C 26 6.81 -36.40 -3.83
CA VAL C 26 6.80 -36.25 -5.27
C VAL C 26 8.15 -36.63 -5.85
N THR C 27 8.15 -36.96 -7.15
CA THR C 27 9.39 -37.38 -7.80
C THR C 27 10.31 -36.19 -8.07
N HIS C 28 9.75 -35.06 -8.52
CA HIS C 28 10.53 -33.89 -8.83
C HIS C 28 9.84 -32.65 -8.27
N ALA C 29 10.64 -31.66 -7.89
CA ALA C 29 10.11 -30.43 -7.33
C ALA C 29 11.08 -29.28 -7.64
N GLN C 30 10.56 -28.06 -7.55
CA GLN C 30 11.35 -26.87 -7.80
C GLN C 30 11.02 -25.80 -6.78
N ASP C 31 12.03 -25.05 -6.37
CA ASP C 31 11.88 -23.98 -5.38
C ASP C 31 11.91 -22.63 -6.08
N ILE C 32 11.09 -21.71 -5.60
CA ILE C 32 10.98 -20.38 -6.20
C ILE C 32 11.24 -19.31 -5.15
N LEU C 33 12.01 -19.64 -4.12
CA LEU C 33 12.37 -18.70 -3.07
C LEU C 33 13.88 -18.57 -3.00
N GLU C 34 14.37 -17.34 -2.90
CA GLU C 34 15.79 -17.05 -2.84
C GLU C 34 16.21 -16.86 -1.38
N LYS C 35 17.27 -17.54 -0.97
CA LYS C 35 17.70 -17.51 0.43
C LYS C 35 19.22 -17.40 0.59
N THR C 36 19.95 -16.99 -0.45
CA THR C 36 21.40 -16.94 -0.37
C THR C 36 21.90 -15.59 -0.89
N HIS C 37 23.11 -15.23 -0.45
CA HIS C 37 23.75 -13.99 -0.86
C HIS C 37 25.26 -14.15 -0.72
N ASN C 38 25.99 -13.28 -1.41
CA ASN C 38 27.45 -13.35 -1.41
C ASN C 38 28.07 -12.72 -0.17
N GLY C 39 27.32 -11.93 0.59
CA GLY C 39 27.84 -11.31 1.79
C GLY C 39 28.93 -10.28 1.58
N LYS C 40 28.81 -9.47 0.53
CA LYS C 40 29.79 -8.43 0.25
C LYS C 40 29.11 -7.28 -0.46
N LEU C 41 29.77 -6.13 -0.44
CA LEU C 41 29.30 -4.95 -1.16
C LEU C 41 29.85 -4.96 -2.58
N CYS C 42 28.98 -4.68 -3.55
CA CYS C 42 29.35 -4.72 -4.95
C CYS C 42 28.86 -3.47 -5.66
N ASP C 43 29.43 -3.21 -6.83
CA ASP C 43 29.03 -2.06 -7.63
C ASP C 43 27.60 -2.22 -8.13
N LEU C 44 26.93 -1.09 -8.33
CA LEU C 44 25.55 -1.07 -8.82
C LEU C 44 25.57 -0.60 -10.27
N ASN C 45 25.33 -1.53 -11.19
CA ASN C 45 25.31 -1.25 -12.63
C ASN C 45 26.62 -0.62 -13.10
N GLY C 46 27.73 -1.11 -12.55
CA GLY C 46 29.05 -0.65 -12.97
C GLY C 46 29.52 0.64 -12.34
N VAL C 47 28.81 1.18 -11.36
CA VAL C 47 29.19 2.42 -10.69
C VAL C 47 29.60 2.08 -9.26
N LYS C 48 30.82 2.43 -8.90
CA LYS C 48 31.31 2.14 -7.57
C LYS C 48 30.63 3.02 -6.53
N PRO C 49 30.21 2.47 -5.40
CA PRO C 49 29.59 3.29 -4.35
C PRO C 49 30.64 4.10 -3.61
N LEU C 50 30.16 4.90 -2.65
CA LEU C 50 31.01 5.75 -1.83
C LEU C 50 30.99 5.24 -0.40
N ILE C 51 32.18 4.99 0.15
CA ILE C 51 32.33 4.49 1.51
C ILE C 51 32.98 5.59 2.34
N LEU C 52 32.29 6.02 3.40
CA LEU C 52 32.77 7.08 4.28
C LEU C 52 33.49 6.54 5.51
N LYS C 53 33.59 5.23 5.67
CA LYS C 53 34.24 4.61 6.82
C LYS C 53 33.68 5.12 8.13
N ASP C 54 34.53 5.72 8.95
CA ASP C 54 34.14 6.20 10.28
C ASP C 54 33.67 7.65 10.28
N CYS C 55 33.65 8.32 9.13
CA CYS C 55 33.24 9.70 9.05
C CYS C 55 31.74 9.80 8.79
N SER C 56 31.26 11.03 8.65
CA SER C 56 29.86 11.30 8.34
C SER C 56 29.79 12.29 7.19
N VAL C 57 28.57 12.49 6.67
CA VAL C 57 28.39 13.38 5.53
C VAL C 57 28.77 14.82 5.89
N ALA C 58 28.32 15.28 7.07
CA ALA C 58 28.65 16.64 7.50
C ALA C 58 30.16 16.80 7.70
N GLY C 59 30.79 15.83 8.37
CA GLY C 59 32.22 15.92 8.58
C GLY C 59 33.01 15.84 7.28
N TRP C 60 32.57 14.99 6.36
CA TRP C 60 33.24 14.89 5.06
C TRP C 60 33.11 16.18 4.27
N LEU C 61 31.93 16.80 4.29
CA LEU C 61 31.72 18.02 3.52
C LEU C 61 32.47 19.19 4.12
N LEU C 62 32.36 19.38 5.44
CA LEU C 62 32.95 20.56 6.08
C LEU C 62 34.47 20.47 6.16
N GLY C 63 35.04 19.28 6.04
CA GLY C 63 36.49 19.14 6.09
C GLY C 63 37.02 18.92 7.49
N ASN C 64 36.51 17.91 8.17
CA ASN C 64 37.01 17.58 9.50
C ASN C 64 38.48 17.22 9.43
N PRO C 65 39.31 17.70 10.36
CA PRO C 65 40.75 17.45 10.26
C PRO C 65 41.13 15.98 10.34
N MET C 66 40.25 15.13 10.88
CA MET C 66 40.50 13.70 10.96
C MET C 66 39.80 12.91 9.87
N CYS C 67 39.28 13.59 8.84
CA CYS C 67 38.53 12.92 7.78
C CYS C 67 38.94 13.43 6.40
N ASP C 68 40.22 13.74 6.20
CA ASP C 68 40.71 14.26 4.93
C ASP C 68 41.11 13.16 3.96
N GLU C 69 40.87 11.89 4.29
CA GLU C 69 41.27 10.80 3.41
C GLU C 69 40.53 10.84 2.08
N PHE C 70 39.23 11.13 2.11
CA PHE C 70 38.41 11.09 0.89
C PHE C 70 38.52 12.44 0.18
N ILE C 71 39.26 12.47 -0.93
CA ILE C 71 39.36 13.67 -1.75
C ILE C 71 39.18 13.37 -3.23
N ARG C 72 38.92 12.11 -3.62
CA ARG C 72 38.84 11.77 -5.04
C ARG C 72 37.69 10.77 -5.27
N VAL C 73 36.53 11.31 -5.62
CA VAL C 73 35.37 10.49 -6.00
C VAL C 73 34.67 11.20 -7.16
N PRO C 74 35.02 10.90 -8.41
CA PRO C 74 34.34 11.56 -9.54
C PRO C 74 32.83 11.35 -9.56
N GLU C 75 32.37 10.14 -9.21
CA GLU C 75 30.94 9.84 -9.21
C GLU C 75 30.70 8.60 -8.37
N TRP C 76 29.44 8.39 -8.00
CA TRP C 76 29.05 7.24 -7.19
C TRP C 76 27.57 6.98 -7.41
N SER C 77 27.14 5.80 -6.97
CA SER C 77 25.75 5.38 -7.09
C SER C 77 24.98 5.43 -5.77
N TYR C 78 25.62 5.07 -4.65
CA TYR C 78 24.98 5.15 -3.36
C TYR C 78 26.07 5.30 -2.29
N ILE C 79 25.64 5.72 -1.10
CA ILE C 79 26.54 6.04 -0.01
C ILE C 79 26.39 5.00 1.09
N VAL C 80 27.52 4.46 1.55
CA VAL C 80 27.55 3.50 2.65
C VAL C 80 28.13 4.21 3.87
N GLU C 81 27.36 4.25 4.95
CA GLU C 81 27.75 4.94 6.17
C GLU C 81 27.58 4.00 7.35
N ARG C 82 28.56 4.00 8.25
CA ARG C 82 28.49 3.16 9.44
C ARG C 82 27.41 3.68 10.39
N ALA C 83 26.88 2.77 11.20
CA ALA C 83 25.71 3.09 12.02
C ALA C 83 26.00 4.22 13.01
N ASN C 84 27.18 4.19 13.64
CA ASN C 84 27.56 5.19 14.63
C ASN C 84 28.90 5.78 14.24
N PRO C 85 28.91 6.79 13.36
CA PRO C 85 30.18 7.41 12.97
C PRO C 85 30.88 8.04 14.15
N ALA C 86 32.22 7.95 14.15
CA ALA C 86 33.01 8.50 15.24
C ALA C 86 33.23 9.99 15.07
N ASN C 87 33.86 10.40 13.96
CA ASN C 87 34.18 11.80 13.70
C ASN C 87 33.05 12.40 12.87
N ASP C 88 32.19 13.18 13.51
CA ASP C 88 31.11 13.87 12.82
C ASP C 88 31.27 15.38 12.85
N LEU C 89 31.40 15.98 14.04
CA LEU C 89 31.59 17.42 14.16
C LEU C 89 32.47 17.66 15.38
N CYS C 90 33.73 18.04 15.14
CA CYS C 90 34.65 18.26 16.25
C CYS C 90 34.18 19.41 17.13
N TYR C 91 33.72 20.50 16.53
CA TYR C 91 33.15 21.60 17.30
C TYR C 91 31.65 21.41 17.45
N PRO C 92 31.11 21.49 18.65
CA PRO C 92 29.68 21.23 18.84
C PRO C 92 28.82 22.21 18.04
N GLY C 93 27.71 21.71 17.50
CA GLY C 93 26.84 22.52 16.70
C GLY C 93 25.84 21.67 15.95
N SER C 94 25.34 22.21 14.83
CA SER C 94 24.36 21.51 14.03
C SER C 94 24.42 22.05 12.61
N LEU C 95 23.83 21.28 11.68
CA LEU C 95 23.74 21.64 10.27
C LEU C 95 22.27 21.68 9.88
N ASN C 96 21.86 22.80 9.28
CA ASN C 96 20.46 22.98 8.91
C ASN C 96 20.10 22.12 7.71
N ASP C 97 18.91 21.50 7.77
CA ASP C 97 18.39 20.66 6.69
C ASP C 97 19.38 19.55 6.32
N TYR C 98 19.83 18.83 7.35
CA TYR C 98 20.82 17.77 7.14
C TYR C 98 20.24 16.63 6.32
N GLU C 99 19.02 16.19 6.65
CA GLU C 99 18.43 15.04 5.97
C GLU C 99 18.19 15.33 4.49
N GLU C 100 17.69 16.52 4.17
CA GLU C 100 17.46 16.87 2.77
C GLU C 100 18.78 16.92 2.01
N LEU C 101 19.84 17.46 2.63
CA LEU C 101 21.14 17.50 1.99
C LEU C 101 21.66 16.09 1.72
N LYS C 102 21.51 15.18 2.69
CA LYS C 102 21.95 13.80 2.49
C LYS C 102 21.16 13.13 1.37
N HIS C 103 19.85 13.35 1.34
CA HIS C 103 19.03 12.75 0.28
C HIS C 103 19.42 13.29 -1.08
N MET C 104 19.70 14.58 -1.18
CA MET C 104 20.14 15.14 -2.46
C MET C 104 21.50 14.61 -2.87
N LEU C 105 22.42 14.45 -1.92
CA LEU C 105 23.77 14.01 -2.23
C LEU C 105 23.90 12.50 -2.35
N SER C 106 22.81 11.75 -2.11
CA SER C 106 22.82 10.30 -2.29
C SER C 106 23.49 9.86 -3.60
N ARG C 107 22.95 10.31 -4.74
CA ARG C 107 23.47 9.94 -6.04
C ARG C 107 23.88 11.19 -6.81
N ILE C 108 25.16 11.28 -7.16
CA ILE C 108 25.73 12.44 -7.83
C ILE C 108 26.43 11.96 -9.10
N ASN C 109 26.13 12.61 -10.23
CA ASN C 109 26.76 12.24 -11.49
C ASN C 109 28.18 12.77 -11.63
N HIS C 110 28.47 13.93 -11.07
CA HIS C 110 29.80 14.52 -11.18
C HIS C 110 30.05 15.44 -10.00
N PHE C 111 31.25 15.35 -9.42
CA PHE C 111 31.57 16.05 -8.19
C PHE C 111 33.01 16.54 -8.25
N GLU C 112 33.22 17.83 -8.01
CA GLU C 112 34.55 18.42 -8.06
C GLU C 112 34.61 19.62 -7.12
N LYS C 113 35.71 19.73 -6.39
CA LYS C 113 35.92 20.82 -5.44
C LYS C 113 36.77 21.90 -6.07
N ILE C 114 36.35 23.16 -5.91
CA ILE C 114 37.06 24.31 -6.42
C ILE C 114 37.19 25.36 -5.33
N GLN C 115 38.13 26.28 -5.52
CA GLN C 115 38.36 27.38 -4.60
C GLN C 115 37.75 28.64 -5.17
N ILE C 116 36.88 29.28 -4.37
CA ILE C 116 36.16 30.47 -4.82
C ILE C 116 36.64 31.74 -4.13
N ILE C 117 37.15 31.66 -2.90
CA ILE C 117 37.62 32.84 -2.18
C ILE C 117 38.98 32.56 -1.58
N PRO C 118 40.06 33.10 -2.15
CA PRO C 118 41.39 32.91 -1.56
C PRO C 118 41.50 33.58 -0.21
N LYS C 119 42.38 33.04 0.63
CA LYS C 119 42.60 33.60 1.96
C LYS C 119 43.22 34.98 1.91
N SER C 120 43.80 35.38 0.78
CA SER C 120 44.38 36.71 0.64
C SER C 120 43.31 37.80 0.51
N SER C 121 42.05 37.42 0.36
CA SER C 121 40.97 38.38 0.17
C SER C 121 40.51 39.04 1.47
N TRP C 122 41.26 38.89 2.56
CA TRP C 122 40.93 39.50 3.84
C TRP C 122 42.14 40.25 4.37
N PRO C 123 42.49 41.39 3.76
CA PRO C 123 43.66 42.14 4.24
C PRO C 123 43.47 42.76 5.61
N ASN C 124 42.23 43.10 6.00
CA ASN C 124 41.97 43.82 7.23
C ASN C 124 41.49 42.91 8.36
N HIS C 125 41.57 41.59 8.19
CA HIS C 125 41.14 40.65 9.21
C HIS C 125 42.20 39.58 9.40
N GLU C 126 42.20 38.99 10.59
CA GLU C 126 43.15 37.94 10.94
C GLU C 126 42.56 36.59 10.56
N THR C 127 43.36 35.78 9.84
CA THR C 127 42.90 34.50 9.31
C THR C 127 43.77 33.33 9.78
N SER C 128 44.56 33.53 10.84
CA SER C 128 45.47 32.49 11.29
C SER C 128 45.25 32.07 12.75
N LEU C 129 44.45 32.81 13.52
CA LEU C 129 44.24 32.49 14.93
C LEU C 129 42.93 31.76 15.18
N GLY C 130 42.21 31.38 14.13
CA GLY C 130 40.94 30.69 14.29
C GLY C 130 41.09 29.19 14.47
N VAL C 131 41.65 28.78 15.61
CA VAL C 131 41.85 27.37 15.92
C VAL C 131 41.28 27.09 17.30
N SER C 132 40.95 25.82 17.54
CA SER C 132 40.37 25.39 18.80
C SER C 132 40.94 24.02 19.17
N ALA C 133 40.95 23.74 20.48
CA ALA C 133 41.41 22.45 20.97
C ALA C 133 40.38 21.34 20.74
N ALA C 134 39.13 21.69 20.43
CA ALA C 134 38.12 20.67 20.16
C ALA C 134 38.31 19.99 18.81
N CYS C 135 39.19 20.52 17.96
CA CYS C 135 39.48 19.93 16.65
C CYS C 135 40.99 19.75 16.52
N PRO C 136 41.55 18.79 17.25
CA PRO C 136 43.01 18.62 17.23
C PRO C 136 43.49 18.00 15.94
N TYR C 137 44.73 18.33 15.57
CA TYR C 137 45.38 17.77 14.40
C TYR C 137 46.84 17.54 14.74
N GLN C 138 47.24 16.28 14.85
CA GLN C 138 48.62 15.90 15.21
C GLN C 138 49.03 16.52 16.54
N GLY C 139 48.09 16.57 17.49
CA GLY C 139 48.38 17.11 18.80
C GLY C 139 48.33 18.62 18.91
N ALA C 140 47.86 19.31 17.88
CA ALA C 140 47.80 20.76 17.89
C ALA C 140 46.39 21.22 17.54
N PRO C 141 45.97 22.36 18.07
CA PRO C 141 44.63 22.89 17.72
C PRO C 141 44.51 23.19 16.24
N SER C 142 43.34 22.95 15.69
CA SER C 142 43.08 23.19 14.27
C SER C 142 41.60 23.54 14.11
N PHE C 143 41.11 23.49 12.88
CA PHE C 143 39.74 23.84 12.56
C PHE C 143 39.36 23.14 11.26
N PHE C 144 38.12 23.34 10.84
CA PHE C 144 37.66 22.79 9.56
C PHE C 144 38.49 23.37 8.42
N ARG C 145 38.74 22.55 7.40
CA ARG C 145 39.61 22.93 6.31
C ARG C 145 38.89 23.64 5.18
N ASN C 146 37.57 23.50 5.08
CA ASN C 146 36.81 24.11 4.00
C ASN C 146 36.25 25.49 4.35
N VAL C 147 36.40 25.94 5.59
CA VAL C 147 35.92 27.25 6.02
C VAL C 147 37.02 27.95 6.80
N VAL C 148 36.86 29.26 6.94
CA VAL C 148 37.84 30.10 7.63
C VAL C 148 37.12 30.88 8.72
N TRP C 149 37.72 30.91 9.91
CA TRP C 149 37.15 31.60 11.06
C TRP C 149 37.88 32.94 11.21
N LEU C 150 37.14 34.03 11.00
CA LEU C 150 37.73 35.37 11.03
C LEU C 150 37.58 35.99 12.42
N ILE C 151 38.63 36.65 12.87
CA ILE C 151 38.63 37.38 14.13
C ILE C 151 39.13 38.80 13.88
N LYS C 152 39.09 39.61 14.92
CA LYS C 152 39.48 41.01 14.80
C LYS C 152 40.99 41.12 14.57
N LYS C 153 41.39 42.22 13.92
CA LYS C 153 42.78 42.51 13.65
C LYS C 153 43.08 43.95 14.05
N ASN C 154 44.15 44.15 14.81
CA ASN C 154 44.53 45.47 15.32
C ASN C 154 43.39 46.11 16.10
N ASP C 155 42.67 45.29 16.87
CA ASP C 155 41.55 45.75 17.69
C ASP C 155 40.50 46.47 16.85
N ALA C 156 40.24 45.95 15.65
CA ALA C 156 39.25 46.54 14.76
C ALA C 156 38.64 45.45 13.90
N TYR C 157 37.34 45.58 13.64
CA TYR C 157 36.59 44.62 12.81
C TYR C 157 35.81 45.41 11.76
N PRO C 158 36.43 45.78 10.66
CA PRO C 158 35.71 46.51 9.60
C PRO C 158 34.62 45.65 8.99
N THR C 159 33.57 46.31 8.50
CA THR C 159 32.45 45.61 7.90
C THR C 159 32.88 44.92 6.62
N ILE C 160 32.32 43.74 6.37
CA ILE C 160 32.69 42.89 5.24
C ILE C 160 31.59 42.97 4.20
N LYS C 161 31.97 43.23 2.94
CA LYS C 161 31.02 43.32 1.82
C LYS C 161 31.71 42.75 0.59
N ILE C 162 31.40 41.50 0.25
CA ILE C 162 31.97 40.84 -0.92
C ILE C 162 30.87 40.08 -1.65
N SER C 163 31.13 39.80 -2.93
CA SER C 163 30.17 39.10 -3.78
C SER C 163 30.92 38.18 -4.73
N TYR C 164 30.23 37.12 -5.16
CA TYR C 164 30.80 36.14 -6.08
C TYR C 164 29.82 35.88 -7.22
N ASN C 165 30.30 35.92 -8.45
CA ASN C 165 29.47 35.99 -9.65
C ASN C 165 29.76 34.75 -10.48
N ASN C 166 28.83 33.82 -10.52
CA ASN C 166 29.13 32.43 -10.92
C ASN C 166 29.39 32.35 -12.41
N THR C 167 30.57 31.84 -12.76
CA THR C 167 31.00 31.73 -14.16
C THR C 167 31.06 30.30 -14.66
N ASN C 168 31.07 29.30 -13.79
CA ASN C 168 31.07 27.92 -14.24
C ASN C 168 29.70 27.56 -14.84
N ARG C 169 29.68 26.46 -15.57
CA ARG C 169 28.49 26.03 -16.28
C ARG C 169 27.64 25.05 -15.48
N GLU C 170 28.01 24.77 -14.23
CA GLU C 170 27.25 23.85 -13.39
C GLU C 170 26.90 24.55 -12.08
N ASP C 171 26.01 23.92 -11.32
CA ASP C 171 25.60 24.44 -10.03
C ASP C 171 26.74 24.31 -9.02
N LEU C 172 26.69 25.16 -7.99
CA LEU C 172 27.69 25.19 -6.95
C LEU C 172 27.03 25.01 -5.58
N LEU C 173 27.72 24.31 -4.68
CA LEU C 173 27.27 24.10 -3.31
C LEU C 173 28.17 24.91 -2.39
N ILE C 174 27.56 25.81 -1.62
CA ILE C 174 28.30 26.73 -0.75
C ILE C 174 27.79 26.58 0.67
N LEU C 175 28.71 26.58 1.63
CA LEU C 175 28.38 26.44 3.04
C LEU C 175 29.00 27.58 3.83
N TRP C 176 28.28 28.03 4.86
CA TRP C 176 28.76 29.09 5.74
C TRP C 176 28.17 28.88 7.12
N GLY C 177 28.75 29.54 8.11
CA GLY C 177 28.34 29.34 9.48
C GLY C 177 28.39 30.59 10.32
N ILE C 178 27.80 30.50 11.50
CA ILE C 178 27.78 31.58 12.48
C ILE C 178 28.15 31.00 13.83
N HIS C 179 28.91 31.75 14.62
CA HIS C 179 29.40 31.30 15.91
C HIS C 179 28.67 32.03 17.03
N HIS C 180 28.26 31.28 18.05
CA HIS C 180 27.59 31.83 19.22
C HIS C 180 28.61 31.92 20.36
N SER C 181 28.78 33.11 20.92
CA SER C 181 29.72 33.31 22.01
C SER C 181 29.10 32.87 23.33
N ASN C 182 29.86 33.04 24.42
CA ASN C 182 29.42 32.65 25.75
C ASN C 182 28.98 33.82 26.62
N ASN C 183 29.69 34.94 26.56
CA ASN C 183 29.37 36.10 27.38
C ASN C 183 29.84 37.36 26.67
N ALA C 184 29.52 38.51 27.27
CA ALA C 184 29.87 39.79 26.64
C ALA C 184 31.37 39.98 26.56
N GLU C 185 32.10 39.57 27.60
CA GLU C 185 33.55 39.75 27.60
C GLU C 185 34.20 38.98 26.47
N GLU C 186 33.79 37.74 26.25
CA GLU C 186 34.35 36.95 25.16
C GLU C 186 33.99 37.57 23.81
N GLN C 187 32.76 38.08 23.66
CA GLN C 187 32.36 38.71 22.42
C GLN C 187 33.22 39.94 22.13
N THR C 188 33.48 40.76 23.15
CA THR C 188 34.35 41.92 22.97
C THR C 188 35.77 41.49 22.64
N ASN C 189 36.26 40.45 23.30
CA ASN C 189 37.63 39.99 23.06
C ASN C 189 37.80 39.43 21.66
N LEU C 190 36.74 38.86 21.08
CA LEU C 190 36.85 38.21 19.78
C LEU C 190 36.46 39.10 18.61
N TYR C 191 35.52 40.04 18.79
CA TYR C 191 35.02 40.83 17.66
C TYR C 191 34.94 42.33 17.92
N LYS C 192 35.06 42.78 19.16
CA LYS C 192 35.10 44.21 19.50
C LYS C 192 33.76 44.89 19.26
N ASN C 193 32.79 44.18 18.71
CA ASN C 193 31.47 44.74 18.45
C ASN C 193 30.44 44.06 19.33
N PRO C 194 29.81 44.79 20.27
CA PRO C 194 28.82 44.16 21.15
C PRO C 194 27.63 43.58 20.41
N ILE C 195 27.19 44.21 19.33
CA ILE C 195 26.05 43.76 18.55
C ILE C 195 26.49 43.53 17.12
N THR C 196 26.21 42.35 16.59
CA THR C 196 26.62 41.96 15.25
C THR C 196 25.45 41.34 14.50
N TYR C 197 25.62 41.20 13.19
CA TYR C 197 24.58 40.63 12.33
C TYR C 197 25.24 40.01 11.11
N ILE C 198 24.50 39.13 10.45
CA ILE C 198 24.93 38.48 9.22
C ILE C 198 23.81 38.55 8.21
N SER C 199 24.12 38.97 6.99
CA SER C 199 23.15 39.09 5.91
C SER C 199 23.65 38.32 4.70
N VAL C 200 22.82 37.43 4.19
CA VAL C 200 23.13 36.64 3.00
C VAL C 200 21.98 36.77 2.02
N GLY C 201 22.29 37.09 0.77
CA GLY C 201 21.25 37.28 -0.22
C GLY C 201 21.60 36.77 -1.61
N THR C 202 20.64 36.10 -2.25
CA THR C 202 20.78 35.65 -3.63
C THR C 202 19.50 35.97 -4.39
N SER C 203 19.34 35.41 -5.59
CA SER C 203 18.13 35.63 -6.35
C SER C 203 16.90 35.04 -5.66
N THR C 204 17.09 34.02 -4.82
CA THR C 204 15.99 33.39 -4.11
C THR C 204 16.19 33.28 -2.61
N LEU C 205 17.37 33.58 -2.09
CA LEU C 205 17.67 33.45 -0.67
C LEU C 205 17.71 34.83 -0.02
N ASN C 206 17.07 34.96 1.13
CA ASN C 206 17.06 36.22 1.89
C ASN C 206 17.10 35.84 3.37
N GLN C 207 18.29 35.91 3.96
CA GLN C 207 18.51 35.44 5.32
C GLN C 207 19.18 36.53 6.15
N ARG C 208 18.79 36.60 7.42
CA ARG C 208 19.41 37.51 8.38
C ARG C 208 19.48 36.83 9.73
N LEU C 209 20.67 36.76 10.31
CA LEU C 209 20.90 36.04 11.56
C LEU C 209 21.62 36.94 12.55
N ALA C 210 21.43 36.62 13.83
CA ALA C 210 22.08 37.33 14.93
C ALA C 210 22.58 36.31 15.94
N PRO C 211 23.68 36.61 16.64
CA PRO C 211 24.18 35.69 17.65
C PRO C 211 23.25 35.59 18.85
N LYS C 212 23.31 34.44 19.52
CA LYS C 212 22.50 34.16 20.71
C LYS C 212 23.45 33.89 21.87
N ILE C 213 23.76 34.93 22.64
CA ILE C 213 24.67 34.82 23.76
C ILE C 213 23.91 34.31 24.98
N ALA C 214 24.34 33.17 25.52
CA ALA C 214 23.70 32.58 26.68
C ALA C 214 24.67 31.57 27.30
N THR C 215 24.18 30.86 28.31
CA THR C 215 24.95 29.84 29.01
C THR C 215 24.46 28.46 28.61
N ARG C 216 25.38 27.58 28.24
CA ARG C 216 25.05 26.25 27.78
C ARG C 216 25.97 25.23 28.44
N SER C 217 25.54 23.97 28.41
CA SER C 217 26.34 22.89 28.99
C SER C 217 27.56 22.60 28.12
N GLN C 218 28.58 22.03 28.76
CA GLN C 218 29.83 21.72 28.07
C GLN C 218 29.69 20.48 27.20
N VAL C 219 30.11 20.59 25.95
CA VAL C 219 30.20 19.46 25.03
C VAL C 219 31.61 19.47 24.44
N ASN C 220 32.33 18.37 24.62
CA ASN C 220 33.73 18.27 24.20
C ASN C 220 34.59 19.37 24.82
N GLY C 221 34.25 19.80 26.03
CA GLY C 221 34.98 20.84 26.71
C GLY C 221 34.73 22.24 26.20
N GLN C 222 33.73 22.43 25.34
CA GLN C 222 33.42 23.73 24.77
C GLN C 222 31.97 24.09 25.04
N ARG C 223 31.73 25.35 25.42
CA ARG C 223 30.39 25.84 25.67
C ARG C 223 29.79 26.59 24.50
N GLY C 224 30.60 26.94 23.49
CA GLY C 224 30.07 27.62 22.32
C GLY C 224 29.41 26.67 21.35
N ARG C 225 28.72 27.26 20.38
CA ARG C 225 28.01 26.50 19.36
C ARG C 225 28.24 27.16 18.00
N MET C 226 28.13 26.35 16.95
CA MET C 226 28.27 26.82 15.58
C MET C 226 27.15 26.22 14.74
N ASP C 227 26.46 27.07 13.97
CA ASP C 227 25.38 26.64 13.11
C ASP C 227 25.75 26.91 11.66
N PHE C 228 25.59 25.91 10.81
CA PHE C 228 25.98 25.99 9.41
C PHE C 228 24.75 25.91 8.51
N PHE C 229 24.88 26.50 7.32
CA PHE C 229 23.80 26.52 6.34
C PHE C 229 24.38 26.20 4.96
N TRP C 230 23.51 25.92 4.01
CA TRP C 230 23.92 25.56 2.66
C TRP C 230 22.89 26.05 1.66
N THR C 231 23.31 26.16 0.41
CA THR C 231 22.44 26.60 -0.67
C THR C 231 23.01 26.11 -1.99
N ILE C 232 22.22 26.27 -3.05
CA ILE C 232 22.60 25.89 -4.40
C ILE C 232 22.61 27.14 -5.26
N LEU C 233 23.71 27.37 -5.97
CA LEU C 233 23.89 28.57 -6.79
C LEU C 233 23.67 28.23 -8.26
N LYS C 234 22.89 29.06 -8.94
CA LYS C 234 22.61 28.84 -10.35
C LYS C 234 23.85 29.14 -11.20
N PRO C 235 23.90 28.63 -12.43
CA PRO C 235 25.09 28.85 -13.27
C PRO C 235 25.44 30.31 -13.51
N ASP C 236 24.44 31.18 -13.62
CA ASP C 236 24.67 32.59 -13.91
C ASP C 236 24.17 33.50 -12.78
N ASP C 237 24.11 32.98 -11.57
CA ASP C 237 23.66 33.74 -10.42
C ASP C 237 24.83 34.22 -9.59
N ALA C 238 24.54 35.11 -8.64
CA ALA C 238 25.55 35.68 -7.75
C ALA C 238 25.04 35.66 -6.32
N ILE C 239 25.98 35.64 -5.38
CA ILE C 239 25.66 35.60 -3.95
C ILE C 239 26.41 36.73 -3.26
N HIS C 240 25.73 37.43 -2.36
CA HIS C 240 26.28 38.58 -1.65
C HIS C 240 26.32 38.30 -0.16
N PHE C 241 27.43 38.63 0.47
CA PHE C 241 27.62 38.46 1.90
C PHE C 241 27.83 39.82 2.57
N GLU C 242 27.39 39.92 3.82
CA GLU C 242 27.58 41.13 4.60
C GLU C 242 27.46 40.79 6.07
N SER C 243 28.49 41.14 6.85
CA SER C 243 28.51 40.84 8.27
C SER C 243 29.49 41.77 8.95
N ASN C 244 29.40 41.83 10.28
CA ASN C 244 30.31 42.64 11.09
C ASN C 244 30.76 41.90 12.33
N GLY C 245 30.75 40.57 12.29
CA GLY C 245 31.19 39.76 13.41
C GLY C 245 30.50 38.42 13.42
N ASN C 246 31.14 37.45 14.10
CA ASN C 246 30.59 36.10 14.27
C ASN C 246 30.30 35.44 12.93
N PHE C 247 31.16 35.69 11.95
CA PHE C 247 30.97 35.19 10.59
C PHE C 247 32.06 34.19 10.25
N ILE C 248 31.65 33.04 9.74
CA ILE C 248 32.57 32.01 9.26
C ILE C 248 32.44 31.97 7.75
N ALA C 249 33.46 32.51 7.06
CA ALA C 249 33.40 32.66 5.62
C ALA C 249 33.73 31.34 4.91
N PRO C 250 33.14 31.11 3.74
CA PRO C 250 33.50 29.92 2.96
C PRO C 250 34.78 30.13 2.17
N GLU C 251 35.48 29.03 1.93
CA GLU C 251 36.70 29.05 1.12
C GLU C 251 36.62 28.15 -0.10
N TYR C 252 36.06 26.95 0.04
CA TYR C 252 35.94 26.01 -1.06
C TYR C 252 34.48 25.71 -1.32
N ALA C 253 34.18 25.41 -2.59
CA ALA C 253 32.82 25.07 -3.01
C ALA C 253 32.89 23.84 -3.91
N TYR C 254 31.76 23.15 -4.02
CA TYR C 254 31.67 21.91 -4.76
C TYR C 254 30.81 22.11 -6.01
N LYS C 255 31.27 21.56 -7.12
CA LYS C 255 30.56 21.59 -8.39
C LYS C 255 29.79 20.28 -8.55
N ILE C 256 28.48 20.36 -8.70
CA ILE C 256 27.59 19.21 -8.59
C ILE C 256 26.66 19.16 -9.79
N VAL C 257 26.53 17.97 -10.37
CA VAL C 257 25.54 17.68 -11.41
C VAL C 257 24.76 16.45 -10.98
N LYS C 258 23.45 16.58 -10.83
CA LYS C 258 22.60 15.50 -10.33
C LYS C 258 21.58 15.10 -11.38
N LYS C 259 21.55 13.82 -11.72
CA LYS C 259 20.61 13.27 -12.69
C LYS C 259 20.07 11.93 -12.24
N GLY C 260 19.72 11.83 -10.96
CA GLY C 260 19.21 10.57 -10.43
C GLY C 260 18.91 10.69 -8.96
N ASP C 261 18.44 9.57 -8.39
CA ASP C 261 18.08 9.52 -6.98
C ASP C 261 18.47 8.18 -6.39
N SER C 262 18.81 8.19 -5.11
CA SER C 262 19.16 7.00 -4.36
C SER C 262 18.97 7.29 -2.88
N THR C 263 19.49 6.41 -2.02
CA THR C 263 19.40 6.58 -0.58
C THR C 263 20.72 6.16 0.06
N ILE C 264 20.75 6.19 1.39
CA ILE C 264 21.96 5.90 2.16
C ILE C 264 21.79 4.57 2.87
N MET C 265 22.80 3.71 2.77
CA MET C 265 22.79 2.40 3.39
C MET C 265 23.64 2.41 4.65
N LYS C 266 23.10 1.85 5.73
CA LYS C 266 23.81 1.69 7.00
C LYS C 266 24.28 0.25 7.09
N SER C 267 25.58 0.03 6.88
CA SER C 267 26.13 -1.32 6.90
C SER C 267 27.58 -1.26 7.32
N GLY C 268 28.11 -2.43 7.72
CA GLY C 268 29.49 -2.51 8.18
C GLY C 268 30.34 -3.50 7.42
N VAL C 269 29.77 -4.15 6.40
CA VAL C 269 30.50 -5.11 5.59
C VAL C 269 31.45 -4.37 4.67
N GLU C 270 32.39 -5.09 4.06
CA GLU C 270 33.48 -4.49 3.30
C GLU C 270 33.21 -4.60 1.80
N TYR C 271 33.98 -3.83 1.04
CA TYR C 271 33.89 -3.85 -0.42
C TYR C 271 34.44 -5.16 -0.97
N GLY C 272 33.94 -5.56 -2.14
CA GLY C 272 34.27 -6.86 -2.67
C GLY C 272 34.69 -6.91 -4.13
N HIS C 273 34.69 -5.76 -4.80
CA HIS C 273 35.08 -5.66 -6.21
C HIS C 273 34.23 -6.60 -7.08
N CYS C 274 32.92 -6.31 -7.09
CA CYS C 274 31.97 -7.12 -7.84
C CYS C 274 30.91 -6.22 -8.45
N ASN C 275 30.19 -6.76 -9.43
CA ASN C 275 29.09 -6.07 -10.09
C ASN C 275 27.80 -6.84 -9.83
N THR C 276 26.76 -6.12 -9.41
CA THR C 276 25.48 -6.73 -9.09
C THR C 276 24.36 -5.81 -9.56
N LYS C 277 23.13 -6.32 -9.45
CA LYS C 277 21.94 -5.55 -9.79
C LYS C 277 21.09 -5.19 -8.58
N CYS C 278 21.09 -6.04 -7.55
CA CYS C 278 20.35 -5.78 -6.32
C CYS C 278 21.32 -5.85 -5.15
N GLN C 279 21.16 -4.92 -4.20
CA GLN C 279 22.07 -4.80 -3.07
C GLN C 279 21.30 -4.77 -1.77
N THR C 280 21.82 -5.46 -0.77
CA THR C 280 21.27 -5.51 0.58
C THR C 280 22.38 -5.20 1.57
N PRO C 281 22.04 -4.74 2.77
CA PRO C 281 23.08 -4.45 3.77
C PRO C 281 23.92 -5.65 4.16
N VAL C 282 23.42 -6.87 3.97
CA VAL C 282 24.16 -8.07 4.34
C VAL C 282 24.80 -8.76 3.15
N GLY C 283 24.51 -8.32 1.93
CA GLY C 283 25.11 -8.94 0.76
C GLY C 283 24.39 -8.52 -0.50
N ALA C 284 24.72 -9.20 -1.59
CA ALA C 284 24.12 -8.94 -2.89
C ALA C 284 23.33 -10.16 -3.35
N ILE C 285 22.37 -9.91 -4.24
CA ILE C 285 21.48 -10.95 -4.75
C ILE C 285 21.66 -11.03 -6.25
N ASN C 286 21.81 -12.25 -6.75
CA ASN C 286 21.95 -12.54 -8.19
C ASN C 286 21.00 -13.66 -8.58
N SER C 287 19.73 -13.51 -8.20
CA SER C 287 18.70 -14.51 -8.45
C SER C 287 17.58 -13.92 -9.30
N SER C 288 16.97 -14.76 -10.13
CA SER C 288 15.82 -14.37 -10.93
C SER C 288 14.49 -14.77 -10.31
N MET C 289 14.50 -15.35 -9.10
CA MET C 289 13.27 -15.77 -8.46
C MET C 289 12.43 -14.55 -8.07
N PRO C 290 11.10 -14.68 -8.07
CA PRO C 290 10.24 -13.52 -7.76
C PRO C 290 10.12 -13.20 -6.28
N PHE C 291 10.66 -14.03 -5.39
CA PHE C 291 10.51 -13.81 -3.96
C PHE C 291 11.84 -14.04 -3.25
N HIS C 292 11.99 -13.39 -2.10
CA HIS C 292 13.18 -13.54 -1.28
C HIS C 292 12.83 -13.18 0.15
N ASN C 293 13.71 -13.60 1.07
CA ASN C 293 13.51 -13.32 2.49
C ASN C 293 14.82 -12.92 3.18
N ILE C 294 15.71 -12.23 2.45
CA ILE C 294 17.02 -11.92 3.00
C ILE C 294 16.93 -10.74 3.97
N HIS C 295 16.51 -9.57 3.47
CA HIS C 295 16.51 -8.36 4.28
C HIS C 295 15.47 -7.40 3.74
N PRO C 296 14.77 -6.66 4.60
CA PRO C 296 13.74 -5.73 4.12
C PRO C 296 14.30 -4.59 3.30
N LEU C 297 15.37 -3.95 3.79
CA LEU C 297 15.94 -2.79 3.13
C LEU C 297 16.78 -3.24 1.94
N THR C 298 16.40 -2.79 0.74
CA THR C 298 17.10 -3.14 -0.48
C THR C 298 17.24 -1.90 -1.36
N ILE C 299 18.24 -1.93 -2.24
CA ILE C 299 18.47 -0.89 -3.22
C ILE C 299 18.59 -1.53 -4.59
N GLY C 300 17.86 -1.01 -5.56
CA GLY C 300 17.89 -1.52 -6.91
C GLY C 300 16.74 -2.45 -7.21
N GLU C 301 16.78 -3.01 -8.42
CA GLU C 301 15.75 -3.94 -8.88
C GLU C 301 15.92 -5.26 -8.15
N CYS C 302 15.05 -5.51 -7.18
CA CYS C 302 15.15 -6.65 -6.28
C CYS C 302 13.84 -7.42 -6.26
N PRO C 303 13.89 -8.72 -5.94
CA PRO C 303 12.65 -9.47 -5.72
C PRO C 303 11.87 -8.95 -4.51
N LYS C 304 10.71 -9.53 -4.24
CA LYS C 304 9.84 -9.04 -3.18
C LYS C 304 10.09 -9.81 -1.89
N TYR C 305 9.96 -9.10 -0.78
CA TYR C 305 10.25 -9.64 0.54
C TYR C 305 9.03 -10.36 1.10
N VAL C 306 9.21 -11.60 1.53
CA VAL C 306 8.15 -12.41 2.12
C VAL C 306 8.66 -13.05 3.39
N LYS C 307 7.72 -13.48 4.23
CA LYS C 307 8.04 -14.08 5.53
C LYS C 307 8.22 -15.58 5.44
N SER C 308 7.61 -16.24 4.45
CA SER C 308 7.65 -17.69 4.37
C SER C 308 9.08 -18.19 4.18
N ASN C 309 9.34 -19.40 4.69
CA ASN C 309 10.66 -20.01 4.62
C ASN C 309 10.78 -21.07 3.53
N LYS C 310 9.69 -21.42 2.87
CA LYS C 310 9.72 -22.46 1.85
C LYS C 310 8.54 -22.28 0.90
N LEU C 311 8.82 -22.30 -0.40
CA LEU C 311 7.79 -22.19 -1.44
C LEU C 311 8.18 -23.16 -2.55
N VAL C 312 7.66 -24.38 -2.49
CA VAL C 312 8.04 -25.46 -3.39
C VAL C 312 6.86 -25.79 -4.29
N LEU C 313 7.10 -25.81 -5.59
CA LEU C 313 6.08 -26.18 -6.58
C LEU C 313 6.34 -27.61 -7.03
N ALA C 314 5.28 -28.41 -7.06
CA ALA C 314 5.38 -29.81 -7.47
C ALA C 314 5.37 -29.88 -8.99
N THR C 315 6.41 -30.48 -9.57
CA THR C 315 6.53 -30.64 -11.01
C THR C 315 6.54 -32.09 -11.47
N GLY C 316 6.78 -33.04 -10.58
CA GLY C 316 6.85 -34.44 -10.93
C GLY C 316 5.58 -35.18 -10.58
N LEU C 317 5.71 -36.50 -10.47
CA LEU C 317 4.59 -37.39 -10.19
C LEU C 317 4.53 -37.72 -8.71
N ARG C 318 3.43 -38.38 -8.32
CA ARG C 318 3.24 -38.80 -6.93
C ARG C 318 4.09 -40.03 -6.68
N ASN C 319 5.09 -39.90 -5.80
CA ASN C 319 5.96 -41.02 -5.49
C ASN C 319 5.22 -42.05 -4.64
N SER C 320 5.66 -43.31 -4.75
CA SER C 320 5.04 -44.39 -4.00
C SER C 320 5.94 -44.86 -2.86
N ILE C 335 4.11 -55.85 -12.90
CA ILE C 335 3.02 -56.74 -13.27
C ILE C 335 1.69 -56.19 -12.79
N ALA C 336 1.76 -55.15 -11.95
CA ALA C 336 0.58 -54.49 -11.43
C ALA C 336 0.17 -53.37 -12.38
N GLY C 337 -0.77 -52.53 -11.95
CA GLY C 337 -1.25 -51.43 -12.77
C GLY C 337 -1.11 -50.08 -12.11
N PHE C 338 -1.72 -49.06 -12.73
CA PHE C 338 -1.65 -47.71 -12.20
C PHE C 338 -2.41 -47.55 -10.89
N ILE C 339 -3.39 -48.42 -10.63
CA ILE C 339 -4.18 -48.30 -9.41
C ILE C 339 -3.32 -48.59 -8.18
N GLU C 340 -2.43 -49.58 -8.27
CA GLU C 340 -1.61 -49.95 -7.12
C GLU C 340 -0.52 -48.92 -6.88
N GLY C 341 0.35 -48.72 -7.85
CA GLY C 341 1.43 -47.77 -7.68
C GLY C 341 2.16 -47.52 -8.99
N GLY C 342 3.31 -46.86 -8.87
CA GLY C 342 4.13 -46.52 -10.02
C GLY C 342 5.27 -47.51 -10.18
N TRP C 343 5.57 -47.83 -11.44
CA TRP C 343 6.64 -48.76 -11.74
C TRP C 343 8.00 -48.11 -11.54
N GLN C 344 8.94 -48.88 -11.00
CA GLN C 344 10.33 -48.44 -10.85
C GLN C 344 11.23 -48.92 -11.97
N GLY C 345 10.83 -49.95 -12.70
CA GLY C 345 11.68 -50.49 -13.76
C GLY C 345 11.79 -49.61 -14.98
N MET C 346 10.80 -48.74 -15.21
CA MET C 346 10.84 -47.83 -16.34
C MET C 346 11.61 -46.56 -15.96
N VAL C 347 12.42 -46.08 -16.89
CA VAL C 347 13.27 -44.91 -16.67
C VAL C 347 12.94 -43.79 -17.64
N ASP C 348 12.70 -44.11 -18.91
CA ASP C 348 12.43 -43.11 -19.93
C ASP C 348 10.93 -42.83 -20.00
N GLY C 349 10.56 -41.55 -19.98
CA GLY C 349 9.18 -41.16 -20.05
C GLY C 349 8.48 -41.20 -18.70
N TRP C 350 7.30 -40.60 -18.66
CA TRP C 350 6.48 -40.57 -17.45
C TRP C 350 5.30 -41.53 -17.50
N TYR C 351 4.72 -41.74 -18.67
CA TYR C 351 3.66 -42.71 -18.87
C TYR C 351 4.09 -43.72 -19.92
N GLY C 352 3.64 -44.96 -19.77
CA GLY C 352 4.04 -46.00 -20.69
C GLY C 352 3.31 -47.29 -20.42
N TYR C 353 3.73 -48.33 -21.14
CA TYR C 353 3.12 -49.65 -21.07
C TYR C 353 4.17 -50.68 -20.67
N HIS C 354 3.81 -51.58 -19.77
CA HIS C 354 4.63 -52.75 -19.46
C HIS C 354 4.06 -53.94 -20.22
N HIS C 355 4.81 -54.42 -21.20
CA HIS C 355 4.36 -55.54 -22.01
C HIS C 355 4.85 -56.86 -21.41
N SER C 356 4.14 -57.93 -21.72
CA SER C 356 4.50 -59.26 -21.23
C SER C 356 3.79 -60.32 -22.05
N ASN C 357 4.55 -61.25 -22.60
CA ASN C 357 4.00 -62.39 -23.31
C ASN C 357 5.05 -63.50 -23.32
N GLU C 358 4.77 -64.58 -24.05
CA GLU C 358 5.72 -65.69 -24.14
C GLU C 358 6.97 -65.31 -24.92
N GLN C 359 6.91 -64.29 -25.77
CA GLN C 359 8.07 -63.87 -26.54
C GLN C 359 9.08 -63.10 -25.69
N GLY C 360 8.60 -62.33 -24.73
CA GLY C 360 9.50 -61.57 -23.88
C GLY C 360 8.72 -60.67 -22.94
N SER C 361 9.47 -59.84 -22.22
CA SER C 361 8.88 -58.88 -21.29
C SER C 361 9.74 -57.62 -21.28
N GLY C 362 9.11 -56.50 -20.92
CA GLY C 362 9.81 -55.24 -20.88
C GLY C 362 8.84 -54.10 -20.68
N TYR C 363 9.38 -52.88 -20.79
CA TYR C 363 8.63 -51.65 -20.62
C TYR C 363 8.72 -50.81 -21.89
N ALA C 364 7.60 -50.22 -22.29
CA ALA C 364 7.54 -49.33 -23.44
C ALA C 364 6.86 -48.04 -23.02
N ALA C 365 7.46 -46.91 -23.39
CA ALA C 365 6.98 -45.59 -23.01
C ALA C 365 6.21 -44.94 -24.15
N ASP C 366 5.36 -43.98 -23.80
CA ASP C 366 4.57 -43.21 -24.76
C ASP C 366 5.04 -41.76 -24.70
N LYS C 367 5.83 -41.37 -25.71
CA LYS C 367 6.36 -40.00 -25.75
C LYS C 367 5.30 -38.97 -26.08
N GLU C 368 4.21 -39.38 -26.74
CA GLU C 368 3.22 -38.43 -27.22
C GLU C 368 2.60 -37.63 -26.08
N SER C 369 2.22 -38.31 -25.00
CA SER C 369 1.65 -37.62 -23.84
C SER C 369 2.70 -37.11 -22.88
N THR C 370 3.85 -37.79 -22.80
CA THR C 370 4.92 -37.34 -21.93
C THR C 370 5.43 -35.96 -22.35
N GLN C 371 5.61 -35.75 -23.66
CA GLN C 371 6.06 -34.46 -24.15
C GLN C 371 5.05 -33.36 -23.80
N LYS C 372 3.76 -33.65 -23.98
CA LYS C 372 2.73 -32.66 -23.66
C LYS C 372 2.74 -32.32 -22.17
N ALA C 373 2.86 -33.33 -21.31
CA ALA C 373 2.89 -33.08 -19.87
C ALA C 373 4.11 -32.25 -19.48
N ILE C 374 5.28 -32.59 -20.02
CA ILE C 374 6.49 -31.85 -19.70
C ILE C 374 6.36 -30.40 -20.17
N ASP C 375 5.85 -30.20 -21.39
CA ASP C 375 5.67 -28.84 -21.90
C ASP C 375 4.70 -28.05 -21.03
N GLY C 376 3.60 -28.67 -20.61
CA GLY C 376 2.64 -27.98 -19.78
C GLY C 376 3.22 -27.56 -18.44
N VAL C 377 3.94 -28.47 -17.78
CA VAL C 377 4.52 -28.15 -16.47
C VAL C 377 5.57 -27.05 -16.61
N THR C 378 6.43 -27.17 -17.62
CA THR C 378 7.46 -26.16 -17.84
C THR C 378 6.84 -24.80 -18.15
N ASN C 379 5.78 -24.78 -18.96
CA ASN C 379 5.12 -23.53 -19.29
C ASN C 379 4.48 -22.91 -18.06
N LYS C 380 3.86 -23.73 -17.20
CA LYS C 380 3.28 -23.20 -15.97
C LYS C 380 4.34 -22.55 -15.09
N VAL C 381 5.45 -23.26 -14.89
CA VAL C 381 6.52 -22.72 -14.03
C VAL C 381 7.08 -21.43 -14.63
N ASN C 382 7.34 -21.43 -15.93
CA ASN C 382 7.89 -20.25 -16.58
C ASN C 382 6.93 -19.06 -16.49
N SER C 383 5.64 -19.31 -16.69
CA SER C 383 4.65 -18.23 -16.58
C SER C 383 4.63 -17.66 -15.17
N ILE C 384 4.61 -18.53 -14.16
CA ILE C 384 4.58 -18.05 -12.78
C ILE C 384 5.81 -17.22 -12.47
N ILE C 385 6.98 -17.66 -12.95
CA ILE C 385 8.21 -16.92 -12.65
C ILE C 385 8.25 -15.59 -13.41
N ASP C 386 7.86 -15.58 -14.67
CA ASP C 386 8.10 -14.45 -15.56
C ASP C 386 6.94 -13.46 -15.64
N LYS C 387 5.80 -13.75 -15.02
CA LYS C 387 4.69 -12.81 -15.04
C LYS C 387 4.82 -11.70 -14.01
N MET C 388 6.01 -11.48 -13.47
CA MET C 388 6.22 -10.50 -12.41
C MET C 388 7.01 -9.30 -12.93
N ASN C 389 6.55 -8.11 -12.58
CA ASN C 389 7.16 -6.87 -13.02
C ASN C 389 7.93 -6.24 -11.87
N THR C 390 9.17 -5.82 -12.13
CA THR C 390 10.04 -5.21 -11.13
C THR C 390 10.56 -3.88 -11.65
N GLN C 391 10.81 -2.96 -10.72
CA GLN C 391 11.30 -1.63 -11.05
C GLN C 391 12.29 -1.17 -9.99
N PHE C 392 13.12 -0.20 -10.36
CA PHE C 392 14.13 0.31 -9.45
C PHE C 392 13.48 0.98 -8.24
N GLU C 393 13.96 0.62 -7.05
CA GLU C 393 13.45 1.18 -5.81
C GLU C 393 14.60 1.36 -4.83
N ALA C 394 14.43 2.29 -3.89
CA ALA C 394 15.40 2.54 -2.83
C ALA C 394 14.65 2.61 -1.50
N VAL C 395 15.12 1.85 -0.52
CA VAL C 395 14.48 1.75 0.79
C VAL C 395 15.47 2.13 1.86
N GLY C 396 15.06 3.00 2.77
CA GLY C 396 15.91 3.42 3.87
C GLY C 396 15.14 4.24 4.87
N ARG C 397 15.82 4.57 5.97
CA ARG C 397 15.24 5.37 7.04
C ARG C 397 15.85 6.76 6.98
N GLU C 398 15.02 7.76 6.72
CA GLU C 398 15.47 9.13 6.49
C GLU C 398 14.62 10.13 7.28
N PHE C 399 14.40 9.85 8.56
CA PHE C 399 13.61 10.73 9.41
C PHE C 399 14.27 10.88 10.76
N ASN C 400 14.18 12.09 11.31
CA ASN C 400 14.87 12.45 12.54
C ASN C 400 13.97 12.19 13.76
N ASN C 401 14.39 12.70 14.91
CA ASN C 401 13.67 12.45 16.15
C ASN C 401 12.26 13.04 16.13
N LEU C 402 12.11 14.24 15.59
CA LEU C 402 10.83 14.97 15.63
C LEU C 402 9.96 14.69 14.41
N GLU C 403 10.11 13.53 13.79
CA GLU C 403 9.30 13.15 12.62
C GLU C 403 8.85 11.70 12.74
N ARG C 404 8.36 11.33 13.92
CA ARG C 404 8.01 9.92 14.17
C ARG C 404 6.73 9.51 13.44
N ARG C 405 5.82 10.45 13.20
CA ARG C 405 4.53 10.09 12.59
C ARG C 405 4.71 9.55 11.18
N ILE C 406 5.56 10.22 10.38
CA ILE C 406 5.80 9.75 9.01
C ILE C 406 6.52 8.40 9.02
N GLU C 407 7.42 8.20 9.98
CA GLU C 407 8.09 6.92 10.12
C GLU C 407 7.10 5.81 10.43
N ASN C 408 6.15 6.08 11.33
CA ASN C 408 5.11 5.10 11.64
C ASN C 408 4.23 4.81 10.43
N LEU C 409 3.92 5.85 9.64
CA LEU C 409 3.16 5.64 8.42
C LEU C 409 3.91 4.73 7.44
N ASN C 410 5.22 4.95 7.29
CA ASN C 410 6.01 4.10 6.41
C ASN C 410 6.08 2.67 6.93
N LYS C 411 6.14 2.51 8.26
CA LYS C 411 6.12 1.17 8.84
C LYS C 411 4.80 0.45 8.52
N LYS C 412 3.68 1.17 8.64
CA LYS C 412 2.39 0.59 8.23
C LYS C 412 2.42 0.16 6.77
N MET C 413 2.92 1.05 5.91
CA MET C 413 3.15 0.73 4.50
C MET C 413 3.81 -0.64 4.32
N GLU C 414 5.03 -0.76 4.87
CA GLU C 414 5.83 -1.94 4.61
C GLU C 414 5.18 -3.19 5.18
N ASP C 415 4.61 -3.09 6.39
CA ASP C 415 3.98 -4.25 6.99
C ASP C 415 2.80 -4.75 6.15
N GLY C 416 1.96 -3.82 5.68
CA GLY C 416 0.82 -4.21 4.87
C GLY C 416 1.23 -4.88 3.57
N PHE C 417 2.24 -4.29 2.88
CA PHE C 417 2.69 -4.89 1.64
C PHE C 417 3.26 -6.29 1.87
N LEU C 418 4.03 -6.45 2.96
CA LEU C 418 4.61 -7.76 3.26
C LEU C 418 3.52 -8.80 3.50
N ASP C 419 2.50 -8.45 4.28
CA ASP C 419 1.42 -9.40 4.54
C ASP C 419 0.70 -9.79 3.26
N VAL C 420 0.39 -8.80 2.41
CA VAL C 420 -0.31 -9.08 1.17
C VAL C 420 0.49 -10.06 0.31
N TRP C 421 1.78 -9.77 0.13
CA TRP C 421 2.60 -10.63 -0.73
C TRP C 421 2.72 -12.04 -0.16
N THR C 422 2.92 -12.15 1.15
CA THR C 422 3.05 -13.47 1.77
C THR C 422 1.80 -14.31 1.54
N TYR C 423 0.63 -13.74 1.83
CA TYR C 423 -0.61 -14.48 1.64
C TYR C 423 -0.80 -14.91 0.18
N ASN C 424 -0.58 -13.97 -0.75
CA ASN C 424 -0.82 -14.28 -2.15
C ASN C 424 0.09 -15.43 -2.61
N ALA C 425 1.37 -15.35 -2.27
CA ALA C 425 2.31 -16.39 -2.71
C ALA C 425 1.95 -17.74 -2.13
N GLU C 426 1.67 -17.79 -0.82
CA GLU C 426 1.39 -19.07 -0.19
C GLU C 426 0.14 -19.72 -0.78
N LEU C 427 -0.94 -18.93 -0.93
CA LEU C 427 -2.17 -19.50 -1.46
C LEU C 427 -1.99 -19.96 -2.90
N LEU C 428 -1.27 -19.18 -3.71
CA LEU C 428 -1.06 -19.57 -5.11
C LEU C 428 -0.32 -20.90 -5.20
N VAL C 429 0.74 -21.06 -4.41
CA VAL C 429 1.49 -22.31 -4.43
C VAL C 429 0.59 -23.47 -4.00
N LEU C 430 -0.17 -23.28 -2.92
CA LEU C 430 -1.01 -24.35 -2.40
C LEU C 430 -2.03 -24.82 -3.44
N MET C 431 -2.64 -23.88 -4.16
CA MET C 431 -3.62 -24.29 -5.18
C MET C 431 -2.94 -24.96 -6.38
N GLU C 432 -1.81 -24.41 -6.84
CA GLU C 432 -1.19 -24.94 -8.05
C GLU C 432 -0.68 -26.36 -7.85
N ASN C 433 -0.19 -26.71 -6.66
CA ASN C 433 0.29 -28.07 -6.44
C ASN C 433 -0.83 -29.09 -6.67
N GLU C 434 -1.99 -28.86 -6.05
CA GLU C 434 -3.12 -29.76 -6.21
C GLU C 434 -3.59 -29.80 -7.66
N ARG C 435 -3.59 -28.64 -8.33
CA ARG C 435 -4.02 -28.63 -9.73
C ARG C 435 -3.11 -29.51 -10.58
N THR C 436 -1.79 -29.42 -10.37
CA THR C 436 -0.86 -30.24 -11.14
C THR C 436 -1.07 -31.72 -10.87
N LEU C 437 -1.27 -32.09 -9.60
CA LEU C 437 -1.49 -33.50 -9.28
C LEU C 437 -2.75 -34.04 -9.97
N ASP C 438 -3.83 -33.26 -9.93
CA ASP C 438 -5.07 -33.69 -10.56
C ASP C 438 -4.90 -33.80 -12.08
N PHE C 439 -4.10 -32.89 -12.66
CA PHE C 439 -3.83 -32.95 -14.09
C PHE C 439 -3.10 -34.24 -14.46
N HIS C 440 -2.12 -34.65 -13.64
CA HIS C 440 -1.42 -35.90 -13.91
C HIS C 440 -2.38 -37.10 -13.85
N ASP C 441 -3.25 -37.12 -12.85
CA ASP C 441 -4.21 -38.23 -12.76
C ASP C 441 -5.15 -38.22 -13.97
N SER C 442 -5.59 -37.04 -14.40
CA SER C 442 -6.44 -36.96 -15.58
C SER C 442 -5.73 -37.50 -16.81
N ASN C 443 -4.44 -37.17 -16.98
CA ASN C 443 -3.70 -37.68 -18.13
C ASN C 443 -3.61 -39.20 -18.11
N VAL C 444 -3.29 -39.79 -16.96
CA VAL C 444 -3.11 -41.24 -16.94
C VAL C 444 -4.44 -41.95 -17.19
N LYS C 445 -5.54 -41.42 -16.65
CA LYS C 445 -6.84 -42.06 -16.93
C LYS C 445 -7.25 -41.85 -18.38
N ASN C 446 -6.88 -40.71 -18.99
CA ASN C 446 -7.14 -40.53 -20.41
C ASN C 446 -6.41 -41.59 -21.22
N LEU C 447 -5.15 -41.87 -20.88
CA LEU C 447 -4.43 -42.94 -21.57
C LEU C 447 -5.11 -44.28 -21.37
N TYR C 448 -5.55 -44.57 -20.14
CA TYR C 448 -6.17 -45.87 -19.86
C TYR C 448 -7.45 -46.05 -20.66
N ASP C 449 -8.23 -44.99 -20.84
CA ASP C 449 -9.42 -45.12 -21.67
C ASP C 449 -9.09 -45.05 -23.16
N LYS C 450 -7.92 -44.50 -23.53
CA LYS C 450 -7.50 -44.53 -24.92
C LYS C 450 -7.18 -45.95 -25.36
N VAL C 451 -6.45 -46.70 -24.55
CA VAL C 451 -6.19 -48.09 -24.90
C VAL C 451 -7.50 -48.90 -24.87
N ARG C 452 -8.44 -48.51 -24.01
CA ARG C 452 -9.76 -49.12 -23.98
C ARG C 452 -10.55 -48.71 -25.23
N LEU C 453 -11.72 -49.34 -25.39
CA LEU C 453 -12.70 -49.06 -26.44
C LEU C 453 -12.16 -49.31 -27.84
N GLN C 454 -10.93 -49.79 -27.93
CA GLN C 454 -10.32 -50.18 -29.20
C GLN C 454 -10.14 -51.67 -29.34
N LEU C 455 -9.73 -52.34 -28.26
CA LEU C 455 -9.57 -53.80 -28.27
C LEU C 455 -10.91 -54.52 -28.19
N ARG C 456 -11.90 -53.92 -27.52
CA ARG C 456 -13.25 -54.46 -27.41
C ARG C 456 -13.28 -55.70 -26.52
N ASP C 457 -13.89 -56.78 -27.01
CA ASP C 457 -14.14 -57.96 -26.19
C ASP C 457 -13.09 -59.04 -26.39
N ASN C 458 -12.05 -58.79 -27.19
CA ASN C 458 -11.02 -59.78 -27.41
C ASN C 458 -10.26 -60.12 -26.13
N ALA C 459 -10.37 -59.29 -25.09
CA ALA C 459 -9.73 -59.53 -23.82
C ALA C 459 -10.71 -59.15 -22.71
N LYS C 460 -10.25 -59.30 -21.47
CA LYS C 460 -11.04 -58.92 -20.30
C LYS C 460 -10.18 -58.09 -19.36
N GLU C 461 -10.83 -57.12 -18.71
CA GLU C 461 -10.14 -56.24 -17.78
C GLU C 461 -10.21 -56.84 -16.37
N LEU C 462 -9.05 -57.15 -15.81
CA LEU C 462 -8.99 -57.74 -14.47
C LEU C 462 -9.34 -56.76 -13.37
N GLY C 463 -9.47 -55.47 -13.68
CA GLY C 463 -9.75 -54.47 -12.69
C GLY C 463 -8.55 -53.89 -11.99
N ASN C 464 -7.35 -54.40 -12.28
CA ASN C 464 -6.10 -53.90 -11.71
C ASN C 464 -5.33 -53.03 -12.70
N GLY C 465 -5.97 -52.59 -13.78
CA GLY C 465 -5.31 -51.82 -14.80
C GLY C 465 -4.69 -52.63 -15.91
N CYS C 466 -4.94 -53.93 -15.96
CA CYS C 466 -4.38 -54.81 -16.97
C CYS C 466 -5.50 -55.53 -17.71
N PHE C 467 -5.17 -55.98 -18.93
CA PHE C 467 -6.10 -56.73 -19.77
C PHE C 467 -5.46 -58.05 -20.15
N GLU C 468 -6.19 -59.14 -19.99
CA GLU C 468 -5.72 -60.48 -20.34
C GLU C 468 -6.32 -60.88 -21.67
N PHE C 469 -5.48 -60.97 -22.70
CA PHE C 469 -5.97 -61.31 -24.04
C PHE C 469 -6.41 -62.75 -24.10
N TYR C 470 -7.62 -62.97 -24.63
CA TYR C 470 -8.10 -64.33 -24.86
C TYR C 470 -7.27 -65.02 -25.95
N HIS C 471 -6.96 -64.30 -27.02
CA HIS C 471 -6.20 -64.83 -28.13
C HIS C 471 -4.70 -64.57 -27.91
N LYS C 472 -3.90 -64.79 -28.93
CA LYS C 472 -2.46 -64.55 -28.89
C LYS C 472 -2.14 -63.32 -29.73
N CYS C 473 -1.54 -62.31 -29.11
CA CYS C 473 -1.16 -61.07 -29.78
C CYS C 473 0.35 -61.03 -29.89
N ASP C 474 0.86 -61.00 -31.12
CA ASP C 474 2.29 -61.06 -31.38
C ASP C 474 2.95 -59.73 -31.00
N ASN C 475 4.28 -59.73 -31.00
CA ASN C 475 5.02 -58.50 -30.73
C ASN C 475 4.68 -57.41 -31.73
N GLU C 476 4.53 -57.77 -33.01
CA GLU C 476 4.04 -56.82 -34.00
C GLU C 476 2.61 -56.40 -33.68
N CYS C 477 1.77 -57.33 -33.25
CA CYS C 477 0.41 -57.01 -32.87
C CYS C 477 0.38 -56.04 -31.69
N MET C 478 1.23 -56.27 -30.68
CA MET C 478 1.28 -55.40 -29.53
C MET C 478 1.85 -54.02 -29.89
N GLU C 479 2.84 -53.99 -30.78
CA GLU C 479 3.36 -52.71 -31.26
C GLU C 479 2.30 -51.94 -32.03
N SER C 480 1.48 -52.64 -32.81
CA SER C 480 0.38 -51.98 -33.50
C SER C 480 -0.66 -51.47 -32.52
N VAL C 481 -0.92 -52.22 -31.45
CA VAL C 481 -1.82 -51.74 -30.40
C VAL C 481 -1.28 -50.45 -29.80
N ARG C 482 0.02 -50.40 -29.53
CA ARG C 482 0.63 -49.17 -29.03
C ARG C 482 0.50 -48.04 -30.04
N ASN C 483 0.67 -48.35 -31.33
CA ASN C 483 0.55 -47.35 -32.38
C ASN C 483 -0.88 -46.83 -32.52
N GLY C 484 -1.87 -47.57 -32.06
CA GLY C 484 -3.26 -47.17 -32.17
C GLY C 484 -4.02 -47.81 -33.31
N THR C 485 -3.44 -48.76 -34.02
CA THR C 485 -4.10 -49.47 -35.11
C THR C 485 -4.14 -50.95 -34.77
N TYR C 486 -5.34 -51.47 -34.56
CA TYR C 486 -5.53 -52.86 -34.17
C TYR C 486 -6.64 -53.48 -35.01
N ASP C 487 -6.45 -54.74 -35.40
CA ASP C 487 -7.42 -55.47 -36.20
C ASP C 487 -8.19 -56.40 -35.28
N TYR C 488 -9.46 -56.06 -35.03
CA TYR C 488 -10.32 -56.84 -34.14
C TYR C 488 -10.85 -58.11 -34.81
N PRO C 489 -11.39 -58.05 -36.03
CA PRO C 489 -11.87 -59.29 -36.67
C PRO C 489 -10.77 -60.31 -36.92
N GLN C 490 -9.49 -59.90 -36.91
CA GLN C 490 -8.41 -60.84 -37.18
C GLN C 490 -8.38 -61.95 -36.13
N TYR C 491 -8.55 -61.60 -34.86
CA TYR C 491 -8.54 -62.56 -33.77
C TYR C 491 -9.92 -62.75 -33.14
N SER C 492 -10.98 -62.27 -33.79
CA SER C 492 -12.31 -62.35 -33.21
C SER C 492 -12.75 -63.81 -33.04
N GLU C 493 -12.53 -64.63 -34.06
CA GLU C 493 -12.91 -66.04 -33.97
C GLU C 493 -12.06 -66.77 -32.93
N GLU C 494 -10.77 -66.47 -32.86
CA GLU C 494 -9.92 -67.10 -31.86
C GLU C 494 -10.38 -66.74 -30.45
N ALA C 495 -10.75 -65.48 -30.22
CA ALA C 495 -11.28 -65.09 -28.93
C ALA C 495 -12.61 -65.77 -28.65
N ARG C 496 -13.47 -65.88 -29.66
CA ARG C 496 -14.79 -66.48 -29.47
C ARG C 496 -14.69 -67.94 -29.07
N LEU C 497 -13.88 -68.71 -29.80
CA LEU C 497 -13.68 -70.11 -29.42
C LEU C 497 -12.86 -70.22 -28.13
N LYS C 498 -12.06 -69.22 -27.80
CA LYS C 498 -11.34 -69.23 -26.53
C LYS C 498 -12.29 -69.10 -25.35
N ARG C 499 -13.32 -68.25 -25.49
CA ARG C 499 -14.28 -68.03 -24.42
C ARG C 499 -15.02 -69.33 -24.09
N GLU C 500 -14.84 -69.80 -22.86
CA GLU C 500 -15.45 -71.04 -22.40
C GLU C 500 -15.10 -72.22 -23.30
#